data_4AWM
# 
_entry.id   4AWM 
# 
_audit_conform.dict_name       mmcif_pdbx.dic 
_audit_conform.dict_version    5.383 
_audit_conform.dict_location   http://mmcif.pdb.org/dictionaries/ascii/mmcif_pdbx.dic 
# 
loop_
_database_2.database_id 
_database_2.database_code 
_database_2.pdbx_database_accession 
_database_2.pdbx_DOI 
PDB   4AWM         pdb_00004awm 10.2210/pdb4awm/pdb 
PDBE  EBI-52757    ?            ?                   
WWPDB D_1290052757 ?            ?                   
# 
loop_
_pdbx_database_related.db_name 
_pdbx_database_related.db_id 
_pdbx_database_related.content_type 
_pdbx_database_related.details 
PDB 4AVG unspecified 'INFLUENZA STRAIN PH1N1 2009 POLYMERASE SUBUNIT PA ENDONUCLEASE IN COMPLEX WITH DIKETO COMPOUND 2' 
PDB 4AVL unspecified 'INFLUENZA STRAIN PH1N1 2009 POLYMERASE SUBUNIT PA ENDONUCLEASE IN COMPLEX WITH DTMP' 
PDB 4AVQ unspecified 'INFLUENZA STRAIN PH1N1 2009 POLYMERASE SUBUNIT PA ENDONUCLEASE' 
PDB 4AWF unspecified 
'INFLUENZA STRAIN PH1N1 2009 POLYMERASE SUBUNIT PA ENDONUCLEASE IN COMPLEX WITH 2 4-DIOXO-4- PHENYLBUTANOIC ACID DPBA' 
PDB 4AWG unspecified 'INFLUENZA STRAIN PH1N1 2009 POLYMERASE SUBUNIT PA ENDONUCLEASE IN COMPLEX WITH DIKETO COMPOUND 3' 
PDB 4AWH unspecified 'INFLUENZA STRAIN PH1N1 2009 POLYMERASE SUBUNIT PA ENDONUCLEASE IN COMPLEX WITH RUMP' 
PDB 4AWK unspecified 'INFLUENZA STRAIN PH1N1 2009 POLYMERASE SUBUNIT PA ENDONUCLEASE IN COMPLEX WITH DIKETO COMPOUND 1' 
# 
_pdbx_database_status.status_code                     REL 
_pdbx_database_status.entry_id                        4AWM 
_pdbx_database_status.deposit_site                    PDBE 
_pdbx_database_status.process_site                    PDBE 
_pdbx_database_status.SG_entry                        . 
_pdbx_database_status.recvd_initial_deposition_date   2012-06-04 
_pdbx_database_status.pdb_format_compatible           Y 
_pdbx_database_status.status_code_sf                  REL 
_pdbx_database_status.status_code_mr                  ? 
_pdbx_database_status.status_code_cs                  ? 
_pdbx_database_status.methods_development_category    ? 
_pdbx_database_status.status_code_nmr_data            ? 
# 
loop_
_audit_author.name 
_audit_author.pdbx_ordinal 
'Kowalinski, E.'    1 
'Zubieta, C.'       2 
'Wolkerstorfer, A.' 3 
'Szolar, O.H.'      4 
'Ruigrok, R.W.'     5 
'Cusack, S.'        6 
# 
_citation.id                        primary 
_citation.title                     
'Structural Analysis of Specific Metal Chelating Inhibitor Binding to the Endonuclease Domain of Influenza Ph1N1 (2009) Polymerase.' 
_citation.journal_abbrev            'Plos Pathog.' 
_citation.journal_volume            8 
_citation.page_first                2831 
_citation.page_last                 ? 
_citation.year                      2012 
_citation.journal_id_ASTM           ? 
_citation.country                   US 
_citation.journal_id_ISSN           1553-7366 
_citation.journal_id_CSD            ? 
_citation.book_publisher            ? 
_citation.pdbx_database_id_PubMed   22876177 
_citation.pdbx_database_id_DOI      10.1371/JOURNAL.PPAT.1002831 
# 
loop_
_citation_author.citation_id 
_citation_author.name 
_citation_author.ordinal 
_citation_author.identifier_ORCID 
primary 'Kowalinski, E.'    1 ? 
primary 'Zubieta, C.'       2 ? 
primary 'Wolkerstorfer, A.' 3 ? 
primary 'Szolar, O.H.'      4 ? 
primary 'Ruigrok, R.W.'     5 ? 
primary 'Cusack, S.'        6 ? 
# 
_cell.entry_id           4AWM 
_cell.length_a           99.940 
_cell.length_b           99.940 
_cell.length_c           82.730 
_cell.angle_alpha        90.00 
_cell.angle_beta         90.00 
_cell.angle_gamma        120.00 
_cell.Z_PDB              12 
_cell.pdbx_unique_axis   ? 
# 
_symmetry.entry_id                         4AWM 
_symmetry.space_group_name_H-M             'P 64 2 2' 
_symmetry.pdbx_full_space_group_name_H-M   ? 
_symmetry.cell_setting                     ? 
_symmetry.Int_Tables_number                181 
# 
loop_
_entity.id 
_entity.type 
_entity.src_method 
_entity.pdbx_description 
_entity.formula_weight 
_entity.pdbx_number_of_molecules 
_entity.pdbx_ec 
_entity.pdbx_mutation 
_entity.pdbx_fragment 
_entity.details 
1 polymer     man 'POLYMERASE PA'                                                                                         
22468.666 1  ? ? 'ENDONUCLEASE, RESIDUES 1-198' ? 
2 non-polymer syn 'MANGANESE (II) ION'                                                                                    54.938 2 
? ? ?                              ? 
3 non-polymer syn '(2R,3R)-5,7-dihydroxy-2-(3,4,5-trihydroxyphenyl)-3,4-dihydro-2H-chromen-3-yl 3,4,5-trihydroxybenzoate' 458.372 
2  ? ? ?                              ? 
4 water       nat water                                                                                                   18.015 
30 ? ? ?                              ? 
# 
_entity_poly.entity_id                      1 
_entity_poly.type                           'polypeptide(L)' 
_entity_poly.nstd_linkage                   no 
_entity_poly.nstd_monomer                   no 
_entity_poly.pdbx_seq_one_letter_code       
;MGSGMAMEDFVRQCFNPMIVELAEKAMKEYGEDPKIETNKFAAICTHLEVCFMYSDFGSGDPNALLKHRFEIIEGRDRIM
AWTVVNSICNTTGVEKPKFLPDLYDYKENRFIEIGVTRREVHIYYLEKANKIKSEKTHIHIFSFTGEEMATKADYTLDEE
SRARIKTRLFTIRQEMASRSLWDSFRQSERGE
;
_entity_poly.pdbx_seq_one_letter_code_can   
;MGSGMAMEDFVRQCFNPMIVELAEKAMKEYGEDPKIETNKFAAICTHLEVCFMYSDFGSGDPNALLKHRFEIIEGRDRIM
AWTVVNSICNTTGVEKPKFLPDLYDYKENRFIEIGVTRREVHIYYLEKANKIKSEKTHIHIFSFTGEEMATKADYTLDEE
SRARIKTRLFTIRQEMASRSLWDSFRQSERGE
;
_entity_poly.pdbx_strand_id                 A 
_entity_poly.pdbx_target_identifier         ? 
# 
loop_
_entity_poly_seq.entity_id 
_entity_poly_seq.num 
_entity_poly_seq.mon_id 
_entity_poly_seq.hetero 
1 1   MET n 
1 2   GLY n 
1 3   SER n 
1 4   GLY n 
1 5   MET n 
1 6   ALA n 
1 7   MET n 
1 8   GLU n 
1 9   ASP n 
1 10  PHE n 
1 11  VAL n 
1 12  ARG n 
1 13  GLN n 
1 14  CYS n 
1 15  PHE n 
1 16  ASN n 
1 17  PRO n 
1 18  MET n 
1 19  ILE n 
1 20  VAL n 
1 21  GLU n 
1 22  LEU n 
1 23  ALA n 
1 24  GLU n 
1 25  LYS n 
1 26  ALA n 
1 27  MET n 
1 28  LYS n 
1 29  GLU n 
1 30  TYR n 
1 31  GLY n 
1 32  GLU n 
1 33  ASP n 
1 34  PRO n 
1 35  LYS n 
1 36  ILE n 
1 37  GLU n 
1 38  THR n 
1 39  ASN n 
1 40  LYS n 
1 41  PHE n 
1 42  ALA n 
1 43  ALA n 
1 44  ILE n 
1 45  CYS n 
1 46  THR n 
1 47  HIS n 
1 48  LEU n 
1 49  GLU n 
1 50  VAL n 
1 51  CYS n 
1 52  PHE n 
1 53  MET n 
1 54  TYR n 
1 55  SER n 
1 56  ASP n 
1 57  PHE n 
1 58  GLY n 
1 59  SER n 
1 60  GLY n 
1 61  ASP n 
1 62  PRO n 
1 63  ASN n 
1 64  ALA n 
1 65  LEU n 
1 66  LEU n 
1 67  LYS n 
1 68  HIS n 
1 69  ARG n 
1 70  PHE n 
1 71  GLU n 
1 72  ILE n 
1 73  ILE n 
1 74  GLU n 
1 75  GLY n 
1 76  ARG n 
1 77  ASP n 
1 78  ARG n 
1 79  ILE n 
1 80  MET n 
1 81  ALA n 
1 82  TRP n 
1 83  THR n 
1 84  VAL n 
1 85  VAL n 
1 86  ASN n 
1 87  SER n 
1 88  ILE n 
1 89  CYS n 
1 90  ASN n 
1 91  THR n 
1 92  THR n 
1 93  GLY n 
1 94  VAL n 
1 95  GLU n 
1 96  LYS n 
1 97  PRO n 
1 98  LYS n 
1 99  PHE n 
1 100 LEU n 
1 101 PRO n 
1 102 ASP n 
1 103 LEU n 
1 104 TYR n 
1 105 ASP n 
1 106 TYR n 
1 107 LYS n 
1 108 GLU n 
1 109 ASN n 
1 110 ARG n 
1 111 PHE n 
1 112 ILE n 
1 113 GLU n 
1 114 ILE n 
1 115 GLY n 
1 116 VAL n 
1 117 THR n 
1 118 ARG n 
1 119 ARG n 
1 120 GLU n 
1 121 VAL n 
1 122 HIS n 
1 123 ILE n 
1 124 TYR n 
1 125 TYR n 
1 126 LEU n 
1 127 GLU n 
1 128 LYS n 
1 129 ALA n 
1 130 ASN n 
1 131 LYS n 
1 132 ILE n 
1 133 LYS n 
1 134 SER n 
1 135 GLU n 
1 136 LYS n 
1 137 THR n 
1 138 HIS n 
1 139 ILE n 
1 140 HIS n 
1 141 ILE n 
1 142 PHE n 
1 143 SER n 
1 144 PHE n 
1 145 THR n 
1 146 GLY n 
1 147 GLU n 
1 148 GLU n 
1 149 MET n 
1 150 ALA n 
1 151 THR n 
1 152 LYS n 
1 153 ALA n 
1 154 ASP n 
1 155 TYR n 
1 156 THR n 
1 157 LEU n 
1 158 ASP n 
1 159 GLU n 
1 160 GLU n 
1 161 SER n 
1 162 ARG n 
1 163 ALA n 
1 164 ARG n 
1 165 ILE n 
1 166 LYS n 
1 167 THR n 
1 168 ARG n 
1 169 LEU n 
1 170 PHE n 
1 171 THR n 
1 172 ILE n 
1 173 ARG n 
1 174 GLN n 
1 175 GLU n 
1 176 MET n 
1 177 ALA n 
1 178 SER n 
1 179 ARG n 
1 180 SER n 
1 181 LEU n 
1 182 TRP n 
1 183 ASP n 
1 184 SER n 
1 185 PHE n 
1 186 ARG n 
1 187 GLN n 
1 188 SER n 
1 189 GLU n 
1 190 ARG n 
1 191 GLY n 
1 192 GLU n 
# 
_entity_src_gen.entity_id                          1 
_entity_src_gen.pdbx_src_id                        1 
_entity_src_gen.pdbx_alt_source_flag               sample 
_entity_src_gen.pdbx_seq_type                      ? 
_entity_src_gen.pdbx_beg_seq_num                   ? 
_entity_src_gen.pdbx_end_seq_num                   ? 
_entity_src_gen.gene_src_common_name               ? 
_entity_src_gen.gene_src_genus                     ? 
_entity_src_gen.pdbx_gene_src_gene                 ? 
_entity_src_gen.gene_src_species                   ? 
_entity_src_gen.gene_src_strain                    '(A/CALIFORNIA/04/2009(H1N1)' 
_entity_src_gen.gene_src_tissue                    ? 
_entity_src_gen.gene_src_tissue_fraction           ? 
_entity_src_gen.gene_src_details                   ? 
_entity_src_gen.pdbx_gene_src_fragment             ? 
_entity_src_gen.pdbx_gene_src_scientific_name      'INFLUENZA A VIRUS' 
_entity_src_gen.pdbx_gene_src_ncbi_taxonomy_id     641501 
_entity_src_gen.pdbx_gene_src_variant              ? 
_entity_src_gen.pdbx_gene_src_cell_line            ? 
_entity_src_gen.pdbx_gene_src_atcc                 ? 
_entity_src_gen.pdbx_gene_src_organ                ? 
_entity_src_gen.pdbx_gene_src_organelle            ? 
_entity_src_gen.pdbx_gene_src_cell                 ? 
_entity_src_gen.pdbx_gene_src_cellular_location    ? 
_entity_src_gen.host_org_common_name               ? 
_entity_src_gen.pdbx_host_org_scientific_name      'ESCHERICHIA COLI' 
_entity_src_gen.pdbx_host_org_ncbi_taxonomy_id     469008 
_entity_src_gen.host_org_genus                     ? 
_entity_src_gen.pdbx_host_org_gene                 ? 
_entity_src_gen.pdbx_host_org_organ                ? 
_entity_src_gen.host_org_species                   ? 
_entity_src_gen.pdbx_host_org_tissue               ? 
_entity_src_gen.pdbx_host_org_tissue_fraction      ? 
_entity_src_gen.pdbx_host_org_strain               'BL21(DE3)' 
_entity_src_gen.pdbx_host_org_variant              ? 
_entity_src_gen.pdbx_host_org_cell_line            ? 
_entity_src_gen.pdbx_host_org_atcc                 ? 
_entity_src_gen.pdbx_host_org_culture_collection   ? 
_entity_src_gen.pdbx_host_org_cell                 ? 
_entity_src_gen.pdbx_host_org_organelle            ? 
_entity_src_gen.pdbx_host_org_cellular_location    ? 
_entity_src_gen.pdbx_host_org_vector_type          ? 
_entity_src_gen.pdbx_host_org_vector               ? 
_entity_src_gen.host_org_details                   ? 
_entity_src_gen.expression_system_id               ? 
_entity_src_gen.plasmid_name                       ? 
_entity_src_gen.plasmid_details                    ? 
_entity_src_gen.pdbx_description                   'SYNTHETIC GENE' 
# 
_struct_ref.id                         1 
_struct_ref.db_name                    UNP 
_struct_ref.db_code                    C3W5S0_I09A0 
_struct_ref.entity_id                  1 
_struct_ref.pdbx_seq_one_letter_code   ? 
_struct_ref.pdbx_align_begin           ? 
_struct_ref.pdbx_db_accession          C3W5S0 
_struct_ref.pdbx_db_isoform            ? 
# 
_struct_ref_seq.align_id                      1 
_struct_ref_seq.ref_id                        1 
_struct_ref_seq.pdbx_PDB_id_code              4AWM 
_struct_ref_seq.pdbx_strand_id                A 
_struct_ref_seq.seq_align_beg                 7 
_struct_ref_seq.pdbx_seq_align_beg_ins_code   ? 
_struct_ref_seq.seq_align_end                 192 
_struct_ref_seq.pdbx_seq_align_end_ins_code   ? 
_struct_ref_seq.pdbx_db_accession             C3W5S0 
_struct_ref_seq.db_align_beg                  1 
_struct_ref_seq.pdbx_db_align_beg_ins_code    ? 
_struct_ref_seq.db_align_end                  198 
_struct_ref_seq.pdbx_db_align_end_ins_code    ? 
_struct_ref_seq.pdbx_auth_seq_align_beg       1 
_struct_ref_seq.pdbx_auth_seq_align_end       198 
# 
loop_
_struct_ref_seq_dif.align_id 
_struct_ref_seq_dif.pdbx_pdb_id_code 
_struct_ref_seq_dif.mon_id 
_struct_ref_seq_dif.pdbx_pdb_strand_id 
_struct_ref_seq_dif.seq_num 
_struct_ref_seq_dif.pdbx_pdb_ins_code 
_struct_ref_seq_dif.pdbx_seq_db_name 
_struct_ref_seq_dif.pdbx_seq_db_accession_code 
_struct_ref_seq_dif.db_mon_id 
_struct_ref_seq_dif.pdbx_seq_db_seq_num 
_struct_ref_seq_dif.details 
_struct_ref_seq_dif.pdbx_auth_seq_num 
_struct_ref_seq_dif.pdbx_ordinal 
1 4AWM MET A 1  ? UNP C3W5S0 ?   ?  'expression tag' -5 1  
1 4AWM GLY A 2  ? UNP C3W5S0 ?   ?  'expression tag' -4 2  
1 4AWM SER A 3  ? UNP C3W5S0 ?   ?  'expression tag' -3 3  
1 4AWM GLY A 4  ? UNP C3W5S0 ?   ?  'expression tag' -2 4  
1 4AWM MET A 5  ? UNP C3W5S0 ?   ?  'expression tag' -1 5  
1 4AWM ALA A 6  ? UNP C3W5S0 ?   ?  'expression tag' 0  6  
1 4AWM GLY A 58 ? UNP C3W5S0 HIS 52 'SEE REMARK 999' 52 7  
1 4AWM ?   A ?  ? UNP C3W5S0 PHE 53 deletion         ?  8  
1 4AWM ?   A ?  ? UNP C3W5S0 ILE 54 deletion         ?  9  
1 4AWM ?   A ?  ? UNP C3W5S0 ASP 55 deletion         ?  10 
1 4AWM ?   A ?  ? UNP C3W5S0 GLU 56 deletion         ?  11 
1 4AWM ?   A ?  ? UNP C3W5S0 ARG 57 deletion         ?  12 
1 4AWM ?   A ?  ? UNP C3W5S0 GLY 58 deletion         ?  13 
1 4AWM ?   A ?  ? UNP C3W5S0 GLU 59 deletion         ?  14 
1 4AWM ?   A ?  ? UNP C3W5S0 SER 60 deletion         ?  15 
1 4AWM ?   A ?  ? UNP C3W5S0 ILE 61 deletion         ?  16 
1 4AWM ?   A ?  ? UNP C3W5S0 ILE 62 deletion         ?  17 
1 4AWM ?   A ?  ? UNP C3W5S0 VAL 63 deletion         ?  18 
1 4AWM ?   A ?  ? UNP C3W5S0 GLU 64 deletion         ?  19 
1 4AWM ?   A ?  ? UNP C3W5S0 SER 65 deletion         ?  20 
1 4AWM ?   A ?  ? UNP C3W5S0 GLY 66 deletion         ?  21 
1 4AWM ?   A ?  ? UNP C3W5S0 ASP 67 deletion         ?  22 
1 4AWM ?   A ?  ? UNP C3W5S0 PRO 68 deletion         ?  23 
1 4AWM ?   A ?  ? UNP C3W5S0 ASN 69 deletion         ?  24 
1 4AWM ?   A ?  ? UNP C3W5S0 ALA 70 deletion         ?  25 
1 4AWM ?   A ?  ? UNP C3W5S0 LEU 71 deletion         ?  26 
1 4AWM ?   A ?  ? UNP C3W5S0 LEU 72 deletion         ?  27 
1 4AWM ?   A ?  ? UNP C3W5S0 LYS 73 deletion         ?  28 
# 
loop_
_chem_comp.id 
_chem_comp.type 
_chem_comp.mon_nstd_flag 
_chem_comp.name 
_chem_comp.pdbx_synonyms 
_chem_comp.formula 
_chem_comp.formula_weight 
ALA 'L-peptide linking' y ALANINE                                                                                                 
?                                      'C3 H7 N O2'     89.093  
ARG 'L-peptide linking' y ARGININE                                                                                                
?                                      'C6 H15 N4 O2 1' 175.209 
ASN 'L-peptide linking' y ASPARAGINE                                                                                              
?                                      'C4 H8 N2 O3'    132.118 
ASP 'L-peptide linking' y 'ASPARTIC ACID'                                                                                         
?                                      'C4 H7 N O4'     133.103 
CYS 'L-peptide linking' y CYSTEINE                                                                                                
?                                      'C3 H7 N O2 S'   121.158 
GLN 'L-peptide linking' y GLUTAMINE                                                                                               
?                                      'C5 H10 N2 O3'   146.144 
GLU 'L-peptide linking' y 'GLUTAMIC ACID'                                                                                         
?                                      'C5 H9 N O4'     147.129 
GLY 'peptide linking'   y GLYCINE                                                                                                 
?                                      'C2 H5 N O2'     75.067  
HIS 'L-peptide linking' y HISTIDINE                                                                                               
?                                      'C6 H10 N3 O2 1' 156.162 
HOH non-polymer         . WATER                                                                                                   
?                                      'H2 O'           18.015  
ILE 'L-peptide linking' y ISOLEUCINE                                                                                              
?                                      'C6 H13 N O2'    131.173 
KDH non-polymer         . '(2R,3R)-5,7-dihydroxy-2-(3,4,5-trihydroxyphenyl)-3,4-dihydro-2H-chromen-3-yl 3,4,5-trihydroxybenzoate' 
'(-)-Epigallocatechin-3-gallate; EGCG' 'C22 H18 O11'    458.372 
LEU 'L-peptide linking' y LEUCINE                                                                                                 
?                                      'C6 H13 N O2'    131.173 
LYS 'L-peptide linking' y LYSINE                                                                                                  
?                                      'C6 H15 N2 O2 1' 147.195 
MET 'L-peptide linking' y METHIONINE                                                                                              
?                                      'C5 H11 N O2 S'  149.211 
MN  non-polymer         . 'MANGANESE (II) ION'                                                                                    
?                                      'Mn 2'           54.938  
PHE 'L-peptide linking' y PHENYLALANINE                                                                                           
?                                      'C9 H11 N O2'    165.189 
PRO 'L-peptide linking' y PROLINE                                                                                                 
?                                      'C5 H9 N O2'     115.130 
SER 'L-peptide linking' y SERINE                                                                                                  
?                                      'C3 H7 N O3'     105.093 
THR 'L-peptide linking' y THREONINE                                                                                               
?                                      'C4 H9 N O3'     119.119 
TRP 'L-peptide linking' y TRYPTOPHAN                                                                                              
?                                      'C11 H12 N2 O2'  204.225 
TYR 'L-peptide linking' y TYROSINE                                                                                                
?                                      'C9 H11 N O3'    181.189 
VAL 'L-peptide linking' y VALINE                                                                                                  
?                                      'C5 H11 N O2'    117.146 
# 
_exptl.entry_id          4AWM 
_exptl.method            'X-RAY DIFFRACTION' 
_exptl.crystals_number   1 
# 
_exptl_crystal.id                    1 
_exptl_crystal.density_meas          ? 
_exptl_crystal.density_Matthews      2.66 
_exptl_crystal.density_percent_sol   53.8 
_exptl_crystal.description           NONE 
# 
_exptl_crystal_grow.crystal_id      1 
_exptl_crystal_grow.method          ? 
_exptl_crystal_grow.temp            ? 
_exptl_crystal_grow.temp_details    ? 
_exptl_crystal_grow.pH              7 
_exptl_crystal_grow.pdbx_pH_range   ? 
_exptl_crystal_grow.pdbx_details    '10% PEG 3350, 0.1 M NACL, 0.1 M HEPES PH 7' 
# 
_diffrn.id                     1 
_diffrn.ambient_temp           100 
_diffrn.ambient_temp_details   ? 
_diffrn.crystal_id             1 
# 
_diffrn_detector.diffrn_id              1 
_diffrn_detector.detector               CCD 
_diffrn_detector.type                   'MARMOSAIC 225 mm CCD' 
_diffrn_detector.pdbx_collection_date   2010-04-12 
_diffrn_detector.details                ? 
# 
_diffrn_radiation.diffrn_id                        1 
_diffrn_radiation.wavelength_id                    1 
_diffrn_radiation.pdbx_monochromatic_or_laue_m_l   M 
_diffrn_radiation.monochromator                    ? 
_diffrn_radiation.pdbx_diffrn_protocol             'SINGLE WAVELENGTH' 
_diffrn_radiation.pdbx_scattering_type             x-ray 
# 
_diffrn_radiation_wavelength.id           1 
_diffrn_radiation_wavelength.wavelength   0.8726 
_diffrn_radiation_wavelength.wt           1.0 
# 
_diffrn_source.diffrn_id                   1 
_diffrn_source.source                      SYNCHROTRON 
_diffrn_source.type                        'ESRF BEAMLINE ID23-2' 
_diffrn_source.pdbx_synchrotron_site       ESRF 
_diffrn_source.pdbx_synchrotron_beamline   ID23-2 
_diffrn_source.pdbx_wavelength             0.8726 
_diffrn_source.pdbx_wavelength_list        ? 
# 
_reflns.pdbx_diffrn_id               1 
_reflns.pdbx_ordinal                 1 
_reflns.entry_id                     4AWM 
_reflns.observed_criterion_sigma_I   0.0 
_reflns.observed_criterion_sigma_F   ? 
_reflns.d_resolution_low             50.00 
_reflns.d_resolution_high            2.60 
_reflns.number_obs                   7797 
_reflns.number_all                   ? 
_reflns.percent_possible_obs         98.3 
_reflns.pdbx_Rmerge_I_obs            0.15 
_reflns.pdbx_Rsym_value              ? 
_reflns.pdbx_netI_over_sigmaI        12.10 
_reflns.B_iso_Wilson_estimate        ? 
_reflns.pdbx_redundancy              10.5 
# 
_reflns_shell.pdbx_diffrn_id         1 
_reflns_shell.pdbx_ordinal           1 
_reflns_shell.d_res_high             2.60 
_reflns_shell.d_res_low              2.70 
_reflns_shell.percent_possible_all   96.7 
_reflns_shell.Rmerge_I_obs           0.84 
_reflns_shell.pdbx_Rsym_value        ? 
_reflns_shell.meanI_over_sigI_obs    3.14 
_reflns_shell.pdbx_redundancy        10.8 
# 
_refine.pdbx_refine_id                           'X-RAY DIFFRACTION' 
_refine.entry_id                                 4AWM 
_refine.pdbx_diffrn_id                           1 
_refine.pdbx_TLS_residual_ADP_flag               ? 
_refine.ls_number_reflns_obs                     7434 
_refine.ls_number_reflns_all                     ? 
_refine.pdbx_ls_sigma_I                          ? 
_refine.pdbx_ls_sigma_F                          ? 
_refine.pdbx_data_cutoff_high_absF               ? 
_refine.pdbx_data_cutoff_low_absF                ? 
_refine.pdbx_data_cutoff_high_rms_absF           ? 
_refine.ls_d_res_low                             42.78 
_refine.ls_d_res_high                            2.60 
_refine.ls_percent_reflns_obs                    98.48 
_refine.ls_R_factor_obs                          0.22555 
_refine.ls_R_factor_all                          ? 
_refine.ls_R_factor_R_work                       0.22310 
_refine.ls_R_factor_R_free                       0.27840 
_refine.ls_R_factor_R_free_error                 ? 
_refine.ls_R_factor_R_free_error_details         ? 
_refine.ls_percent_reflns_R_free                 4.7 
_refine.ls_number_reflns_R_free                  363 
_refine.ls_number_parameters                     ? 
_refine.ls_number_restraints                     ? 
_refine.occupancy_min                            ? 
_refine.occupancy_max                            ? 
_refine.correlation_coeff_Fo_to_Fc               0.927 
_refine.correlation_coeff_Fo_to_Fc_free          0.901 
_refine.B_iso_mean                               38.275 
_refine.aniso_B[1][1]                            9.63 
_refine.aniso_B[2][2]                            9.63 
_refine.aniso_B[3][3]                            -19.25 
_refine.aniso_B[1][2]                            0.00 
_refine.aniso_B[1][3]                            0.00 
_refine.aniso_B[2][3]                            0.00 
_refine.solvent_model_details                    MASK 
_refine.solvent_model_param_ksol                 ? 
_refine.solvent_model_param_bsol                 ? 
_refine.pdbx_solvent_vdw_probe_radii             1.20 
_refine.pdbx_solvent_ion_probe_radii             0.80 
_refine.pdbx_solvent_shrinkage_radii             0.80 
_refine.pdbx_ls_cross_valid_method               THROUGHOUT 
_refine.details                                  
'HYDROGENS HAVE BEEN ADDED IN THE RIDING POSITIONS. U VALUES REFINED INDIVIDUALLY.' 
_refine.pdbx_starting_model                      'PDB ENTRY 2W69' 
_refine.pdbx_method_to_determine_struct          'MOLECULAR REPLACEMENT' 
_refine.pdbx_isotropic_thermal_model             ? 
_refine.pdbx_stereochemistry_target_values       'MAXIMUM LIKELIHOOD' 
_refine.pdbx_stereochem_target_val_spec_case     ? 
_refine.pdbx_R_Free_selection_details            RANDOM 
_refine.pdbx_overall_ESU_R                       0.149 
_refine.pdbx_overall_ESU_R_Free                  0.072 
_refine.overall_SU_ML                            0.225 
_refine.pdbx_overall_phase_error                 ? 
_refine.overall_SU_B                             11.630 
_refine.overall_SU_R_Cruickshank_DPI             ? 
_refine.pdbx_overall_SU_R_free_Cruickshank_DPI   ? 
_refine.pdbx_overall_SU_R_Blow_DPI               ? 
_refine.pdbx_overall_SU_R_free_Blow_DPI          ? 
# 
_refine_hist.pdbx_refine_id                   'X-RAY DIFFRACTION' 
_refine_hist.cycle_id                         LAST 
_refine_hist.pdbx_number_atoms_protein        1481 
_refine_hist.pdbx_number_atoms_nucleic_acid   0 
_refine_hist.pdbx_number_atoms_ligand         68 
_refine_hist.number_atoms_solvent             30 
_refine_hist.number_atoms_total               1579 
_refine_hist.d_res_high                       2.60 
_refine_hist.d_res_low                        42.78 
# 
loop_
_refine_ls_restr.type 
_refine_ls_restr.dev_ideal 
_refine_ls_restr.dev_ideal_target 
_refine_ls_restr.weight 
_refine_ls_restr.number 
_refine_ls_restr.pdbx_refine_id 
_refine_ls_restr.pdbx_restraint_function 
r_bond_refined_d             0.008  0.020  ? 1582 'X-RAY DIFFRACTION' ? 
r_bond_other_d               0.001  0.020  ? 1094 'X-RAY DIFFRACTION' ? 
r_angle_refined_deg          1.181  1.998  ? 2133 'X-RAY DIFFRACTION' ? 
r_angle_other_deg            0.794  3.000  ? 2633 'X-RAY DIFFRACTION' ? 
r_dihedral_angle_1_deg       4.975  5.000  ? 175  'X-RAY DIFFRACTION' ? 
r_dihedral_angle_2_deg       35.265 23.165 ? 79   'X-RAY DIFFRACTION' ? 
r_dihedral_angle_3_deg       16.294 15.000 ? 286  'X-RAY DIFFRACTION' ? 
r_dihedral_angle_4_deg       19.544 15.000 ? 14   'X-RAY DIFFRACTION' ? 
r_chiral_restr               0.059  0.200  ? 221  'X-RAY DIFFRACTION' ? 
r_gen_planes_refined         0.004  0.020  ? 1713 'X-RAY DIFFRACTION' ? 
r_gen_planes_other           0.001  0.020  ? 349  'X-RAY DIFFRACTION' ? 
r_nbd_refined                ?      ?      ? ?    'X-RAY DIFFRACTION' ? 
r_nbd_other                  ?      ?      ? ?    'X-RAY DIFFRACTION' ? 
r_nbtor_refined              ?      ?      ? ?    'X-RAY DIFFRACTION' ? 
r_nbtor_other                ?      ?      ? ?    'X-RAY DIFFRACTION' ? 
r_xyhbond_nbd_refined        ?      ?      ? ?    'X-RAY DIFFRACTION' ? 
r_xyhbond_nbd_other          ?      ?      ? ?    'X-RAY DIFFRACTION' ? 
r_metal_ion_refined          ?      ?      ? ?    'X-RAY DIFFRACTION' ? 
r_metal_ion_other            ?      ?      ? ?    'X-RAY DIFFRACTION' ? 
r_symmetry_vdw_refined       ?      ?      ? ?    'X-RAY DIFFRACTION' ? 
r_symmetry_vdw_other         ?      ?      ? ?    'X-RAY DIFFRACTION' ? 
r_symmetry_hbond_refined     ?      ?      ? ?    'X-RAY DIFFRACTION' ? 
r_symmetry_hbond_other       ?      ?      ? ?    'X-RAY DIFFRACTION' ? 
r_symmetry_metal_ion_refined ?      ?      ? ?    'X-RAY DIFFRACTION' ? 
r_symmetry_metal_ion_other   ?      ?      ? ?    'X-RAY DIFFRACTION' ? 
r_mcbond_it                  ?      ?      ? ?    'X-RAY DIFFRACTION' ? 
r_mcbond_other               ?      ?      ? ?    'X-RAY DIFFRACTION' ? 
r_mcangle_it                 ?      ?      ? ?    'X-RAY DIFFRACTION' ? 
r_mcangle_other              ?      ?      ? ?    'X-RAY DIFFRACTION' ? 
r_scbond_it                  ?      ?      ? ?    'X-RAY DIFFRACTION' ? 
r_scbond_other               ?      ?      ? ?    'X-RAY DIFFRACTION' ? 
r_scangle_it                 ?      ?      ? ?    'X-RAY DIFFRACTION' ? 
r_scangle_other              ?      ?      ? ?    'X-RAY DIFFRACTION' ? 
r_long_range_B_refined       ?      ?      ? ?    'X-RAY DIFFRACTION' ? 
r_long_range_B_other         ?      ?      ? ?    'X-RAY DIFFRACTION' ? 
r_rigid_bond_restr           ?      ?      ? ?    'X-RAY DIFFRACTION' ? 
r_sphericity_free            ?      ?      ? ?    'X-RAY DIFFRACTION' ? 
r_sphericity_bonded          ?      ?      ? ?    'X-RAY DIFFRACTION' ? 
# 
_refine_ls_shell.pdbx_refine_id                   'X-RAY DIFFRACTION' 
_refine_ls_shell.pdbx_total_number_of_bins_used   20 
_refine_ls_shell.d_res_high                       2.602 
_refine_ls_shell.d_res_low                        2.669 
_refine_ls_shell.number_reflns_R_work             523 
_refine_ls_shell.R_factor_R_work                  0.354 
_refine_ls_shell.percent_reflns_obs               97.35 
_refine_ls_shell.R_factor_R_free                  0.574 
_refine_ls_shell.R_factor_R_free_error            ? 
_refine_ls_shell.percent_reflns_R_free            ? 
_refine_ls_shell.number_reflns_R_free             27 
_refine_ls_shell.number_reflns_all                ? 
_refine_ls_shell.R_factor_all                     ? 
# 
_struct.entry_id                  4AWM 
_struct.title                     
'Influenza strain pH1N1 2009 polymerase subunit PA endonuclease in complex with (-)-epigallocatechin gallate from green tea' 
_struct.pdbx_model_details        ? 
_struct.pdbx_CASP_flag            ? 
_struct.pdbx_model_type_details   ? 
# 
_struct_keywords.entry_id        4AWM 
_struct_keywords.pdbx_keywords   HYDROLASE/INHIBITOR 
_struct_keywords.text            'HYDROLASE-INHIBITOR COMPLEX, HYDROLASE, MANGANESE-DEPENDENT, PD...D-E...K SUPERFAMILY' 
# 
loop_
_struct_asym.id 
_struct_asym.pdbx_blank_PDB_chainid_flag 
_struct_asym.pdbx_modified 
_struct_asym.entity_id 
_struct_asym.details 
A N N 1 ? 
B N N 2 ? 
C N N 2 ? 
D N N 3 ? 
E N N 3 ? 
F N N 4 ? 
# 
_struct_biol.id   1 
# 
loop_
_struct_conf.conf_type_id 
_struct_conf.id 
_struct_conf.pdbx_PDB_helix_id 
_struct_conf.beg_label_comp_id 
_struct_conf.beg_label_asym_id 
_struct_conf.beg_label_seq_id 
_struct_conf.pdbx_beg_PDB_ins_code 
_struct_conf.end_label_comp_id 
_struct_conf.end_label_asym_id 
_struct_conf.end_label_seq_id 
_struct_conf.pdbx_end_PDB_ins_code 
_struct_conf.beg_auth_comp_id 
_struct_conf.beg_auth_asym_id 
_struct_conf.beg_auth_seq_id 
_struct_conf.end_auth_comp_id 
_struct_conf.end_auth_asym_id 
_struct_conf.end_auth_seq_id 
_struct_conf.pdbx_PDB_helix_class 
_struct_conf.details 
_struct_conf.pdbx_PDB_helix_length 
HELX_P HELX_P1 1 ALA A 6   ? PHE A 15  ? ALA A 0   PHE A 9   1 ? 10 
HELX_P HELX_P2 2 ASN A 16  ? TYR A 30  ? ASN A 10  TYR A 24  1 ? 15 
HELX_P HELX_P3 3 GLU A 37  ? PHE A 57  ? GLU A 31  PHE A 51  1 ? 21 
HELX_P HELX_P4 4 ASP A 77  ? GLY A 93  ? ASP A 83  GLY A 99  1 ? 17 
HELX_P HELX_P5 5 GLU A 120 ? ILE A 132 ? GLU A 126 ILE A 138 1 ? 13 
HELX_P HELX_P6 6 LYS A 152 ? ASP A 154 ? LYS A 158 ASP A 160 5 ? 3  
HELX_P HELX_P7 7 ASP A 158 ? SER A 178 ? ASP A 164 SER A 184 1 ? 21 
HELX_P HELX_P8 8 LEU A 181 ? GLU A 189 ? LEU A 187 GLU A 195 1 ? 9  
# 
_struct_conf_type.id          HELX_P 
_struct_conf_type.criteria    ? 
_struct_conf_type.reference   ? 
# 
loop_
_struct_conn.id 
_struct_conn.conn_type_id 
_struct_conn.pdbx_leaving_atom_flag 
_struct_conn.pdbx_PDB_id 
_struct_conn.ptnr1_label_asym_id 
_struct_conn.ptnr1_label_comp_id 
_struct_conn.ptnr1_label_seq_id 
_struct_conn.ptnr1_label_atom_id 
_struct_conn.pdbx_ptnr1_label_alt_id 
_struct_conn.pdbx_ptnr1_PDB_ins_code 
_struct_conn.pdbx_ptnr1_standard_comp_id 
_struct_conn.ptnr1_symmetry 
_struct_conn.ptnr2_label_asym_id 
_struct_conn.ptnr2_label_comp_id 
_struct_conn.ptnr2_label_seq_id 
_struct_conn.ptnr2_label_atom_id 
_struct_conn.pdbx_ptnr2_label_alt_id 
_struct_conn.pdbx_ptnr2_PDB_ins_code 
_struct_conn.ptnr1_auth_asym_id 
_struct_conn.ptnr1_auth_comp_id 
_struct_conn.ptnr1_auth_seq_id 
_struct_conn.ptnr2_auth_asym_id 
_struct_conn.ptnr2_auth_comp_id 
_struct_conn.ptnr2_auth_seq_id 
_struct_conn.ptnr2_symmetry 
_struct_conn.pdbx_ptnr3_label_atom_id 
_struct_conn.pdbx_ptnr3_label_seq_id 
_struct_conn.pdbx_ptnr3_label_comp_id 
_struct_conn.pdbx_ptnr3_label_asym_id 
_struct_conn.pdbx_ptnr3_label_alt_id 
_struct_conn.pdbx_ptnr3_PDB_ins_code 
_struct_conn.details 
_struct_conn.pdbx_dist_value 
_struct_conn.pdbx_value_order 
_struct_conn.pdbx_role 
metalc1  metalc ? ? A HIS 47  NE2 ? ? ? 1_555 B MN  . MN ? ? A HIS 41  A MN  901  1_555 ? ? ? ? ? ? ? 1.987 ? ? 
metalc2  metalc ? ? A GLU 74  OE2 ? ? ? 1_555 C MN  . MN ? ? A GLU 80  A MN  902  1_555 ? ? ? ? ? ? ? 2.116 ? ? 
metalc3  metalc ? ? A ASP 102 OD2 ? ? ? 1_555 B MN  . MN ? ? A ASP 108 A MN  901  1_555 ? ? ? ? ? ? ? 2.352 ? ? 
metalc4  metalc ? ? A ASP 102 OD1 ? ? ? 1_555 C MN  . MN ? ? A ASP 108 A MN  902  1_555 ? ? ? ? ? ? ? 2.046 ? ? 
metalc5  metalc ? ? A GLU 113 OE2 ? ? ? 1_555 B MN  . MN ? ? A GLU 119 A MN  901  1_555 ? ? ? ? ? ? ? 2.201 ? ? 
metalc6  metalc ? ? A ILE 114 O   ? ? ? 1_555 B MN  . MN ? ? A ILE 120 A MN  901  1_555 ? ? ? ? ? ? ? 2.233 ? ? 
metalc7  metalc ? ? B MN  .   MN  ? ? ? 1_555 D KDH . O1 ? ? A MN  901 A KDH 911  1_555 ? ? ? ? ? ? ? 2.217 ? ? 
metalc8  metalc ? ? B MN  .   MN  ? ? ? 1_555 D KDH . O7 ? ? A MN  901 A KDH 911  1_555 ? ? ? ? ? ? ? 2.139 ? ? 
metalc9  metalc ? ? C MN  .   MN  ? ? ? 1_555 D KDH . O1 ? ? A MN  902 A KDH 911  1_555 ? ? ? ? ? ? ? 1.927 ? ? 
metalc10 metalc ? ? C MN  .   MN  ? ? ? 1_555 F HOH . O  ? ? A MN  902 A HOH 2013 1_555 ? ? ? ? ? ? ? 2.190 ? ? 
metalc11 metalc ? ? C MN  .   MN  ? ? ? 1_555 F HOH . O  ? ? A MN  902 A HOH 2014 1_555 ? ? ? ? ? ? ? 2.275 ? ? 
metalc12 metalc ? ? C MN  .   MN  ? ? ? 1_555 F HOH . O  ? ? A MN  902 A HOH 2018 1_555 ? ? ? ? ? ? ? 2.134 ? ? 
# 
_struct_conn_type.id          metalc 
_struct_conn_type.criteria    ? 
_struct_conn_type.reference   ? 
# 
_struct_sheet.id               AA 
_struct_sheet.type             ? 
_struct_sheet.number_strands   5 
_struct_sheet.details          ? 
# 
loop_
_struct_sheet_order.sheet_id 
_struct_sheet_order.range_id_1 
_struct_sheet_order.range_id_2 
_struct_sheet_order.offset 
_struct_sheet_order.sense 
AA 1 2 ? anti-parallel 
AA 2 3 ? anti-parallel 
AA 3 4 ? parallel      
AA 4 5 ? anti-parallel 
# 
loop_
_struct_sheet_range.sheet_id 
_struct_sheet_range.id 
_struct_sheet_range.beg_label_comp_id 
_struct_sheet_range.beg_label_asym_id 
_struct_sheet_range.beg_label_seq_id 
_struct_sheet_range.pdbx_beg_PDB_ins_code 
_struct_sheet_range.end_label_comp_id 
_struct_sheet_range.end_label_asym_id 
_struct_sheet_range.end_label_seq_id 
_struct_sheet_range.pdbx_end_PDB_ins_code 
_struct_sheet_range.beg_auth_comp_id 
_struct_sheet_range.beg_auth_asym_id 
_struct_sheet_range.beg_auth_seq_id 
_struct_sheet_range.end_auth_comp_id 
_struct_sheet_range.end_auth_asym_id 
_struct_sheet_range.end_auth_seq_id 
AA 1 PHE A 70  ? ILE A 72  ? PHE A 76  ILE A 78  
AA 2 LEU A 103 ? ASP A 105 ? LEU A 109 ASP A 111 
AA 3 ARG A 110 ? THR A 117 ? ARG A 116 THR A 123 
AA 4 HIS A 138 ? SER A 143 ? HIS A 144 SER A 149 
AA 5 GLU A 148 ? ALA A 150 ? GLU A 154 ALA A 156 
# 
loop_
_pdbx_struct_sheet_hbond.sheet_id 
_pdbx_struct_sheet_hbond.range_id_1 
_pdbx_struct_sheet_hbond.range_id_2 
_pdbx_struct_sheet_hbond.range_1_label_atom_id 
_pdbx_struct_sheet_hbond.range_1_label_comp_id 
_pdbx_struct_sheet_hbond.range_1_label_asym_id 
_pdbx_struct_sheet_hbond.range_1_label_seq_id 
_pdbx_struct_sheet_hbond.range_1_PDB_ins_code 
_pdbx_struct_sheet_hbond.range_1_auth_atom_id 
_pdbx_struct_sheet_hbond.range_1_auth_comp_id 
_pdbx_struct_sheet_hbond.range_1_auth_asym_id 
_pdbx_struct_sheet_hbond.range_1_auth_seq_id 
_pdbx_struct_sheet_hbond.range_2_label_atom_id 
_pdbx_struct_sheet_hbond.range_2_label_comp_id 
_pdbx_struct_sheet_hbond.range_2_label_asym_id 
_pdbx_struct_sheet_hbond.range_2_label_seq_id 
_pdbx_struct_sheet_hbond.range_2_PDB_ins_code 
_pdbx_struct_sheet_hbond.range_2_auth_atom_id 
_pdbx_struct_sheet_hbond.range_2_auth_comp_id 
_pdbx_struct_sheet_hbond.range_2_auth_asym_id 
_pdbx_struct_sheet_hbond.range_2_auth_seq_id 
AA 1 2 N GLU A 71  ? N GLU A 77  O TYR A 104 ? O TYR A 110 
AA 2 3 N ASP A 105 ? N ASP A 111 O ARG A 110 ? O ARG A 116 
AA 3 4 N GLU A 113 ? N GLU A 119 O HIS A 138 ? O HIS A 144 
AA 4 5 N ILE A 141 ? N ILE A 147 O MET A 149 ? O MET A 155 
# 
loop_
_struct_site.id 
_struct_site.pdbx_evidence_code 
_struct_site.pdbx_auth_asym_id 
_struct_site.pdbx_auth_comp_id 
_struct_site.pdbx_auth_seq_id 
_struct_site.pdbx_auth_ins_code 
_struct_site.pdbx_num_residues 
_struct_site.details 
AC1 Software A MN  901 ? 6  'BINDING SITE FOR RESIDUE MN A 901'  
AC2 Software A MN  902 ? 7  'BINDING SITE FOR RESIDUE MN A 902'  
AC3 Software A KDH 911 ? 18 'BINDING SITE FOR RESIDUE KDH A 911' 
AC4 Software A KDH 921 ? 15 'BINDING SITE FOR RESIDUE KDH A 921' 
# 
loop_
_struct_site_gen.id 
_struct_site_gen.site_id 
_struct_site_gen.pdbx_num_res 
_struct_site_gen.label_comp_id 
_struct_site_gen.label_asym_id 
_struct_site_gen.label_seq_id 
_struct_site_gen.pdbx_auth_ins_code 
_struct_site_gen.auth_comp_id 
_struct_site_gen.auth_asym_id 
_struct_site_gen.auth_seq_id 
_struct_site_gen.label_atom_id 
_struct_site_gen.label_alt_id 
_struct_site_gen.symmetry 
_struct_site_gen.details 
1  AC1 6  HIS A 47  ? HIS A 41   . ? 1_555  ? 
2  AC1 6  ASP A 102 ? ASP A 108  . ? 1_555  ? 
3  AC1 6  GLU A 113 ? GLU A 119  . ? 1_555  ? 
4  AC1 6  ILE A 114 ? ILE A 120  . ? 1_555  ? 
5  AC1 6  MN  C .   ? MN  A 902  . ? 1_555  ? 
6  AC1 6  KDH D .   ? KDH A 911  . ? 1_555  ? 
7  AC2 7  GLU A 74  ? GLU A 80   . ? 1_555  ? 
8  AC2 7  ASP A 102 ? ASP A 108  . ? 1_555  ? 
9  AC2 7  MN  B .   ? MN  A 901  . ? 1_555  ? 
10 AC2 7  KDH D .   ? KDH A 911  . ? 1_555  ? 
11 AC2 7  HOH F .   ? HOH A 2013 . ? 1_555  ? 
12 AC2 7  HOH F .   ? HOH A 2014 . ? 1_555  ? 
13 AC2 7  HOH F .   ? HOH A 2018 . ? 1_555  ? 
14 AC3 18 TYR A 30  ? TYR A 24   . ? 1_555  ? 
15 AC3 18 GLU A 32  ? GLU A 26   . ? 1_555  ? 
16 AC3 18 LYS A 40  ? LYS A 34   . ? 1_555  ? 
17 AC3 18 ALA A 43  ? ALA A 37   . ? 1_555  ? 
18 AC3 18 ILE A 44  ? ILE A 38   . ? 1_555  ? 
19 AC3 18 HIS A 47  ? HIS A 41   . ? 1_555  ? 
20 AC3 18 GLU A 74  ? GLU A 80   . ? 1_555  ? 
21 AC3 18 ASP A 102 ? ASP A 108  . ? 1_555  ? 
22 AC3 18 GLU A 113 ? GLU A 119  . ? 1_555  ? 
23 AC3 18 ILE A 114 ? ILE A 120  . ? 1_555  ? 
24 AC3 18 VAL A 116 ? VAL A 122  . ? 1_555  ? 
25 AC3 18 ARG A 118 ? ARG A 124  . ? 1_555  ? 
26 AC3 18 TYR A 124 ? TYR A 130  . ? 1_555  ? 
27 AC3 18 LYS A 128 ? LYS A 134  . ? 1_555  ? 
28 AC3 18 MN  B .   ? MN  A 901  . ? 1_555  ? 
29 AC3 18 MN  C .   ? MN  A 902  . ? 1_555  ? 
30 AC3 18 HOH F .   ? HOH A 2013 . ? 1_555  ? 
31 AC3 18 HOH F .   ? HOH A 2018 . ? 1_555  ? 
32 AC4 15 GLU A 21  ? GLU A 15   . ? 4_545  ? 
33 AC4 15 GLU A 21  ? GLU A 15   . ? 9_555  ? 
34 AC4 15 LYS A 25  ? LYS A 19   . ? 4_545  ? 
35 AC4 15 LYS A 25  ? LYS A 19   . ? 9_555  ? 
36 AC4 15 LYS A 28  ? LYS A 22   . ? 4_545  ? 
37 AC4 15 LYS A 28  ? LYS A 22   . ? 9_555  ? 
38 AC4 15 GLU A 29  ? GLU A 23   . ? 9_555  ? 
39 AC4 15 GLU A 29  ? GLU A 23   . ? 4_545  ? 
40 AC4 15 ASP A 77  ? ASP A 83   . ? 9_555  ? 
41 AC4 15 ASP A 77  ? ASP A 83   . ? 1_555  ? 
42 AC4 15 ASP A 77  ? ASP A 83   . ? 12_545 ? 
43 AC4 15 ARG A 78  ? ARG A 84   . ? 1_555  ? 
44 AC4 15 ARG A 78  ? ARG A 84   . ? 12_545 ? 
45 AC4 15 ILE A 79  ? ILE A 85   . ? 1_555  ? 
46 AC4 15 ILE A 79  ? ILE A 85   . ? 12_545 ? 
# 
_atom_sites.entry_id                    4AWM 
_atom_sites.fract_transf_matrix[1][1]   0.00237073 
_atom_sites.fract_transf_matrix[1][2]   0.00900050 
_atom_sites.fract_transf_matrix[1][3]   0.00684576 
_atom_sites.fract_transf_matrix[2][1]   -0.00411281 
_atom_sites.fract_transf_matrix[2][2]   0.01047884 
_atom_sites.fract_transf_matrix[2][3]   -0.00260263 
_atom_sites.fract_transf_matrix[3][1]   -0.00994990 
_atom_sites.fract_transf_matrix[3][2]   -0.00229875 
_atom_sites.fract_transf_matrix[3][3]   0.00646800 
_atom_sites.fract_transf_vector[1]      -0.084718 
_atom_sites.fract_transf_vector[2]      -0.404799 
_atom_sites.fract_transf_vector[3]      0.143167 
# 
loop_
_atom_type.symbol 
C  
MN 
N  
O  
S  
# 
loop_
_atom_site.group_PDB 
_atom_site.id 
_atom_site.type_symbol 
_atom_site.label_atom_id 
_atom_site.label_alt_id 
_atom_site.label_comp_id 
_atom_site.label_asym_id 
_atom_site.label_entity_id 
_atom_site.label_seq_id 
_atom_site.pdbx_PDB_ins_code 
_atom_site.Cartn_x 
_atom_site.Cartn_y 
_atom_site.Cartn_z 
_atom_site.occupancy 
_atom_site.B_iso_or_equiv 
_atom_site.pdbx_formal_charge 
_atom_site.auth_seq_id 
_atom_site.auth_comp_id 
_atom_site.auth_asym_id 
_atom_site.auth_atom_id 
_atom_site.pdbx_PDB_model_num 
ATOM   1    N  N   . ALA A 1 6   ? -7.818  -22.374 -4.645  1.00 37.91 ? 0    ALA A N   1 
ATOM   2    C  CA  . ALA A 1 6   ? -8.442  -21.529 -3.595  1.00 36.89 ? 0    ALA A CA  1 
ATOM   3    C  C   . ALA A 1 6   ? -7.538  -20.345 -3.372  1.00 39.17 ? 0    ALA A C   1 
ATOM   4    O  O   . ALA A 1 6   ? -6.331  -20.508 -3.183  1.00 39.67 ? 0    ALA A O   1 
ATOM   5    C  CB  . ALA A 1 6   ? -8.627  -22.303 -2.304  1.00 34.14 ? 0    ALA A CB  1 
ATOM   6    N  N   . MET A 1 7   ? -8.126  -19.151 -3.412  1.00 40.48 ? 1    MET A N   1 
ATOM   7    C  CA  . MET A 1 7   ? -7.394  -17.903 -3.228  1.00 38.13 ? 1    MET A CA  1 
ATOM   8    C  C   . MET A 1 7   ? -6.794  -17.800 -1.829  1.00 38.86 ? 1    MET A C   1 
ATOM   9    O  O   . MET A 1 7   ? -5.767  -17.146 -1.642  1.00 40.15 ? 1    MET A O   1 
ATOM   10   C  CB  . MET A 1 7   ? -8.317  -16.715 -3.494  1.00 39.44 ? 1    MET A CB  1 
ATOM   11   C  CG  . MET A 1 7   ? -7.703  -15.360 -3.201  1.00 40.27 ? 1    MET A CG  1 
ATOM   12   S  SD  . MET A 1 7   ? -6.339  -14.987 -4.306  1.00 40.64 ? 1    MET A SD  1 
ATOM   13   C  CE  . MET A 1 7   ? -7.186  -13.903 -5.462  1.00 40.17 ? 1    MET A CE  1 
ATOM   14   N  N   . GLU A 1 8   ? -7.409  -18.441 -0.844  1.00 38.83 ? 2    GLU A N   1 
ATOM   15   C  CA  . GLU A 1 8   ? -6.844  -18.406 0.497   1.00 41.49 ? 2    GLU A CA  1 
ATOM   16   C  C   . GLU A 1 8   ? -5.476  -19.060 0.503   1.00 42.43 ? 2    GLU A C   1 
ATOM   17   O  O   . GLU A 1 8   ? -4.544  -18.530 1.080   1.00 46.11 ? 2    GLU A O   1 
ATOM   18   C  CB  . GLU A 1 8   ? -7.758  -19.080 1.523   1.00 44.03 ? 2    GLU A CB  1 
ATOM   19   C  CG  . GLU A 1 8   ? -7.417  -18.740 2.978   1.00 43.82 ? 2    GLU A CG  1 
ATOM   20   C  CD  . GLU A 1 8   ? -8.041  -19.700 3.979   1.00 45.31 ? 2    GLU A CD  1 
ATOM   21   O  OE1 . GLU A 1 8   ? -9.240  -20.034 3.851   1.00 46.26 ? 2    GLU A OE1 1 
ATOM   22   O  OE2 . GLU A 1 8   ? -7.324  -20.142 4.897   1.00 49.83 ? 2    GLU A OE2 1 
ATOM   23   N  N   . ASP A 1 9   ? -5.345  -20.201 -0.162  1.00 46.00 ? 3    ASP A N   1 
ATOM   24   C  CA  . ASP A 1 9   ? -4.086  -20.966 -0.144  1.00 46.03 ? 3    ASP A CA  1 
ATOM   25   C  C   . ASP A 1 9   ? -2.975  -20.221 -0.874  1.00 41.80 ? 3    ASP A C   1 
ATOM   26   O  O   . ASP A 1 9   ? -1.814  -20.210 -0.448  1.00 40.91 ? 3    ASP A O   1 
ATOM   27   C  CB  . ASP A 1 9   ? -4.302  -22.346 -0.765  1.00 48.82 ? 3    ASP A CB  1 
ATOM   28   C  CG  . ASP A 1 9   ? -5.430  -23.107 -0.094  1.00 53.13 ? 3    ASP A CG  1 
ATOM   29   O  OD1 . ASP A 1 9   ? -5.194  -23.689 0.990   1.00 58.22 ? 3    ASP A OD1 1 
ATOM   30   O  OD2 . ASP A 1 9   ? -6.556  -23.098 -0.640  1.00 54.88 ? 3    ASP A OD2 1 
ATOM   31   N  N   . PHE A 1 10  ? -3.346  -19.586 -1.972  1.00 39.10 ? 4    PHE A N   1 
ATOM   32   C  CA  . PHE A 1 10  ? -2.416  -18.743 -2.706  1.00 39.43 ? 4    PHE A CA  1 
ATOM   33   C  C   . PHE A 1 10  ? -1.800  -17.674 -1.808  1.00 38.41 ? 4    PHE A C   1 
ATOM   34   O  O   . PHE A 1 10  ? -0.575  -17.603 -1.679  1.00 37.29 ? 4    PHE A O   1 
ATOM   35   C  CB  . PHE A 1 10  ? -3.121  -18.060 -3.863  1.00 38.25 ? 4    PHE A CB  1 
ATOM   36   C  CG  . PHE A 1 10  ? -2.242  -17.125 -4.613  1.00 40.93 ? 4    PHE A CG  1 
ATOM   37   C  CD1 . PHE A 1 10  ? -1.307  -17.615 -5.514  1.00 42.93 ? 4    PHE A CD1 1 
ATOM   38   C  CD2 . PHE A 1 10  ? -2.329  -15.750 -4.415  1.00 41.97 ? 4    PHE A CD2 1 
ATOM   39   C  CE1 . PHE A 1 10  ? -0.483  -16.754 -6.218  1.00 42.38 ? 4    PHE A CE1 1 
ATOM   40   C  CE2 . PHE A 1 10  ? -1.514  -14.883 -5.116  1.00 40.69 ? 4    PHE A CE2 1 
ATOM   41   C  CZ  . PHE A 1 10  ? -0.592  -15.388 -6.023  1.00 43.06 ? 4    PHE A CZ  1 
ATOM   42   N  N   . VAL A 1 11  ? -2.654  -16.856 -1.189  1.00 36.44 ? 5    VAL A N   1 
ATOM   43   C  CA  . VAL A 1 11  ? -2.191  -15.780 -0.323  1.00 36.58 ? 5    VAL A CA  1 
ATOM   44   C  C   . VAL A 1 11  ? -1.123  -16.267 0.666   1.00 36.67 ? 5    VAL A C   1 
ATOM   45   O  O   . VAL A 1 11  ? -0.066  -15.647 0.782   1.00 35.15 ? 5    VAL A O   1 
ATOM   46   C  CB  . VAL A 1 11  ? -3.347  -15.106 0.442   1.00 37.73 ? 5    VAL A CB  1 
ATOM   47   C  CG1 . VAL A 1 11  ? -2.781  -14.156 1.502   1.00 36.91 ? 5    VAL A CG1 1 
ATOM   48   C  CG2 . VAL A 1 11  ? -4.290  -14.362 -0.515  1.00 34.92 ? 5    VAL A CG2 1 
ATOM   49   N  N   . ARG A 1 12  ? -1.371  -17.403 1.315   1.00 36.03 ? 6    ARG A N   1 
ATOM   50   C  CA  . ARG A 1 12  ? -0.445  -17.924 2.314   1.00 38.44 ? 6    ARG A CA  1 
ATOM   51   C  C   . ARG A 1 12  ? 0.828   -18.491 1.698   1.00 39.94 ? 6    ARG A C   1 
ATOM   52   O  O   . ARG A 1 12  ? 1.807   -18.706 2.398   1.00 42.97 ? 6    ARG A O   1 
ATOM   53   C  CB  . ARG A 1 12  ? -1.092  -18.997 3.214   1.00 39.85 ? 6    ARG A CB  1 
ATOM   54   C  CG  . ARG A 1 12  ? -2.574  -18.801 3.494   1.00 41.30 ? 6    ARG A CG  1 
ATOM   55   C  CD  . ARG A 1 12  ? -3.066  -19.633 4.669   1.00 43.16 ? 6    ARG A CD  1 
ATOM   56   N  NE  . ARG A 1 12  ? -3.135  -18.825 5.884   1.00 46.66 ? 6    ARG A NE  1 
ATOM   57   C  CZ  . ARG A 1 12  ? -4.194  -18.128 6.284   1.00 45.36 ? 6    ARG A CZ  1 
ATOM   58   N  NH1 . ARG A 1 12  ? -5.319  -18.136 5.588   1.00 48.14 ? 6    ARG A NH1 1 
ATOM   59   N  NH2 . ARG A 1 12  ? -4.125  -17.415 7.396   1.00 45.75 ? 6    ARG A NH2 1 
ATOM   60   N  N   . GLN A 1 13  ? 0.826   -18.775 0.406   1.00 41.73 ? 7    GLN A N   1 
ATOM   61   C  CA  . GLN A 1 13  ? 2.050   -19.238 -0.253  1.00 40.68 ? 7    GLN A CA  1 
ATOM   62   C  C   . GLN A 1 13  ? 2.789   -18.046 -0.841  1.00 37.48 ? 7    GLN A C   1 
ATOM   63   O  O   . GLN A 1 13  ? 3.998   -18.004 -0.836  1.00 38.87 ? 7    GLN A O   1 
ATOM   64   C  CB  . GLN A 1 13  ? 1.719   -20.274 -1.344  1.00 44.32 ? 7    GLN A CB  1 
ATOM   65   C  CG  . GLN A 1 13  ? 1.154   -21.598 -0.813  1.00 45.09 ? 7    GLN A CG  1 
ATOM   66   C  CD  . GLN A 1 13  ? 0.249   -22.332 -1.816  1.00 47.01 ? 7    GLN A CD  1 
ATOM   67   O  OE1 . GLN A 1 13  ? 0.323   -22.103 -3.025  1.00 50.05 ? 7    GLN A OE1 1 
ATOM   68   N  NE2 . GLN A 1 13  ? -0.621  -23.208 -1.309  1.00 44.57 ? 7    GLN A NE2 1 
ATOM   69   N  N   . CYS A 1 14  ? 2.053   -17.062 -1.340  1.00 35.87 ? 8    CYS A N   1 
ATOM   70   C  CA  . CYS A 1 14  ? 2.654   -15.954 -2.082  1.00 35.63 ? 8    CYS A CA  1 
ATOM   71   C  C   . CYS A 1 14  ? 3.279   -14.852 -1.196  1.00 34.27 ? 8    CYS A C   1 
ATOM   72   O  O   . CYS A 1 14  ? 4.212   -14.158 -1.599  1.00 31.06 ? 8    CYS A O   1 
ATOM   73   C  CB  . CYS A 1 14  ? 1.590   -15.354 -2.992  1.00 35.75 ? 8    CYS A CB  1 
ATOM   74   S  SG  . CYS A 1 14  ? 2.027   -13.756 -3.679  1.00 40.72 ? 8    CYS A SG  1 
ATOM   75   N  N   . PHE A 1 15  ? 2.748   -14.692 0.009   1.00 33.71 ? 9    PHE A N   1 
ATOM   76   C  CA  . PHE A 1 15  ? 3.121   -13.586 0.878   1.00 32.45 ? 9    PHE A CA  1 
ATOM   77   C  C   . PHE A 1 15  ? 3.737   -14.120 2.151   1.00 32.20 ? 9    PHE A C   1 
ATOM   78   O  O   . PHE A 1 15  ? 3.359   -15.185 2.632   1.00 33.08 ? 9    PHE A O   1 
ATOM   79   C  CB  . PHE A 1 15  ? 1.892   -12.729 1.200   1.00 30.97 ? 9    PHE A CB  1 
ATOM   80   C  CG  . PHE A 1 15  ? 1.310   -12.023 0.002   1.00 29.98 ? 9    PHE A CG  1 
ATOM   81   C  CD1 . PHE A 1 15  ? 1.878   -10.835 -0.466  1.00 31.19 ? 9    PHE A CD1 1 
ATOM   82   C  CD2 . PHE A 1 15  ? 0.198   -12.531 -0.652  1.00 28.76 ? 9    PHE A CD2 1 
ATOM   83   C  CE1 . PHE A 1 15  ? 1.340   -10.163 -1.566  1.00 31.02 ? 9    PHE A CE1 1 
ATOM   84   C  CE2 . PHE A 1 15  ? -0.343  -11.874 -1.747  1.00 29.55 ? 9    PHE A CE2 1 
ATOM   85   C  CZ  . PHE A 1 15  ? 0.225   -10.689 -2.208  1.00 30.16 ? 9    PHE A CZ  1 
ATOM   86   N  N   . ASN A 1 16  ? 4.684   -13.372 2.703   1.00 32.33 ? 10   ASN A N   1 
ATOM   87   C  CA  . ASN A 1 16  ? 5.364   -13.814 3.894   1.00 32.45 ? 10   ASN A CA  1 
ATOM   88   C  C   . ASN A 1 16  ? 4.383   -13.820 5.093   1.00 31.53 ? 10   ASN A C   1 
ATOM   89   O  O   . ASN A 1 16  ? 3.401   -13.058 5.118   1.00 32.29 ? 10   ASN A O   1 
ATOM   90   C  CB  . ASN A 1 16  ? 6.634   -12.976 4.137   1.00 34.72 ? 10   ASN A CB  1 
ATOM   91   C  CG  . ASN A 1 16  ? 6.371   -11.705 4.918   1.00 37.04 ? 10   ASN A CG  1 
ATOM   92   O  OD1 . ASN A 1 16  ? 5.824   -11.744 6.025   1.00 40.87 ? 10   ASN A OD1 1 
ATOM   93   N  ND2 . ASN A 1 16  ? 6.785   -10.572 4.366   1.00 36.62 ? 10   ASN A ND2 1 
ATOM   94   N  N   . PRO A 1 17  ? 4.626   -14.697 6.075   1.00 28.14 ? 11   PRO A N   1 
ATOM   95   C  CA  . PRO A 1 17  ? 3.682   -14.837 7.183   1.00 29.01 ? 11   PRO A CA  1 
ATOM   96   C  C   . PRO A 1 17  ? 3.371   -13.551 7.980   1.00 30.46 ? 11   PRO A C   1 
ATOM   97   O  O   . PRO A 1 17  ? 2.240   -13.407 8.454   1.00 29.33 ? 11   PRO A O   1 
ATOM   98   C  CB  . PRO A 1 17  ? 4.344   -15.889 8.089   1.00 27.65 ? 11   PRO A CB  1 
ATOM   99   C  CG  . PRO A 1 17  ? 5.305   -16.602 7.224   1.00 27.04 ? 11   PRO A CG  1 
ATOM   100  C  CD  . PRO A 1 17  ? 5.733   -15.660 6.155   1.00 27.17 ? 11   PRO A CD  1 
ATOM   101  N  N   . MET A 1 18  ? 4.338   -12.643 8.137   1.00 31.66 ? 12   MET A N   1 
ATOM   102  C  CA  . MET A 1 18  ? 4.075   -11.378 8.840   1.00 33.48 ? 12   MET A CA  1 
ATOM   103  C  C   . MET A 1 18  ? 2.965   -10.619 8.110   1.00 30.54 ? 12   MET A C   1 
ATOM   104  O  O   . MET A 1 18  ? 1.960   -10.247 8.717   1.00 27.81 ? 12   MET A O   1 
ATOM   105  C  CB  . MET A 1 18  ? 5.359   -10.513 8.998   1.00 39.66 ? 12   MET A CB  1 
ATOM   106  C  CG  . MET A 1 18  ? 5.092   -9.026  9.310   1.00 48.12 ? 12   MET A CG  1 
ATOM   107  S  SD  . MET A 1 18  ? 6.479   -7.910  9.739   1.00 61.76 ? 12   MET A SD  1 
ATOM   108  C  CE  . MET A 1 18  ? 6.846   -7.152  8.151   1.00 54.29 ? 12   MET A CE  1 
ATOM   109  N  N   . ILE A 1 19  ? 3.154   -10.423 6.805   1.00 29.39 ? 13   ILE A N   1 
ATOM   110  C  CA  . ILE A 1 19  ? 2.201   -9.710  5.949   1.00 29.86 ? 13   ILE A CA  1 
ATOM   111  C  C   . ILE A 1 19  ? 0.816   -10.338 6.041   1.00 29.95 ? 13   ILE A C   1 
ATOM   112  O  O   . ILE A 1 19  ? -0.195  -9.638  6.222   1.00 28.64 ? 13   ILE A O   1 
ATOM   113  C  CB  . ILE A 1 19  ? 2.649   -9.732  4.462   1.00 31.27 ? 13   ILE A CB  1 
ATOM   114  C  CG1 . ILE A 1 19  ? 3.934   -8.906  4.278   1.00 31.56 ? 13   ILE A CG1 1 
ATOM   115  C  CG2 . ILE A 1 19  ? 1.533   -9.265  3.533   1.00 29.45 ? 13   ILE A CG2 1 
ATOM   116  C  CD1 . ILE A 1 19  ? 3.921   -8.007  3.055   1.00 32.51 ? 13   ILE A CD1 1 
ATOM   117  N  N   . VAL A 1 20  ? 0.779   -11.663 5.921   1.00 29.26 ? 14   VAL A N   1 
ATOM   118  C  CA  . VAL A 1 20  ? -0.484  -12.393 6.012   1.00 29.77 ? 14   VAL A CA  1 
ATOM   119  C  C   . VAL A 1 20  ? -1.169  -12.123 7.344   1.00 30.44 ? 14   VAL A C   1 
ATOM   120  O  O   . VAL A 1 20  ? -2.376  -11.939 7.392   1.00 33.22 ? 14   VAL A O   1 
ATOM   121  C  CB  . VAL A 1 20  ? -0.288  -13.920 5.814   1.00 28.30 ? 14   VAL A CB  1 
ATOM   122  C  CG1 . VAL A 1 20  ? -1.443  -14.694 6.402   1.00 26.72 ? 14   VAL A CG1 1 
ATOM   123  C  CG2 . VAL A 1 20  ? -0.153  -14.251 4.338   1.00 27.11 ? 14   VAL A CG2 1 
ATOM   124  N  N   . GLU A 1 21  ? -0.397  -12.094 8.424   1.00 31.11 ? 15   GLU A N   1 
ATOM   125  C  CA  . GLU A 1 21  ? -0.961  -11.922 9.761   1.00 31.17 ? 15   GLU A CA  1 
ATOM   126  C  C   . GLU A 1 21  ? -1.528  -10.511 9.914   1.00 29.88 ? 15   GLU A C   1 
ATOM   127  O  O   . GLU A 1 21  ? -2.636  -10.335 10.404  1.00 29.97 ? 15   GLU A O   1 
ATOM   128  C  CB  . GLU A 1 21  ? 0.108   -12.222 10.819  1.00 33.37 ? 15   GLU A CB  1 
ATOM   129  C  CG  . GLU A 1 21  ? -0.349  -12.085 12.257  1.00 35.02 ? 15   GLU A CG  1 
ATOM   130  C  CD  . GLU A 1 21  ? -1.370  -13.124 12.660  1.00 37.05 ? 15   GLU A CD  1 
ATOM   131  O  OE1 . GLU A 1 21  ? -1.288  -14.278 12.187  1.00 39.32 ? 15   GLU A OE1 1 
ATOM   132  O  OE2 . GLU A 1 21  ? -2.250  -12.790 13.477  1.00 37.76 ? 15   GLU A OE2 1 
ATOM   133  N  N   . LEU A 1 22  ? -0.786  -9.510  9.461   1.00 27.69 ? 16   LEU A N   1 
ATOM   134  C  CA  . LEU A 1 22  ? -1.275  -8.150  9.502   1.00 27.51 ? 16   LEU A CA  1 
ATOM   135  C  C   . LEU A 1 22  ? -2.565  -7.990  8.675   1.00 29.09 ? 16   LEU A C   1 
ATOM   136  O  O   . LEU A 1 22  ? -3.494  -7.260  9.079   1.00 31.24 ? 16   LEU A O   1 
ATOM   137  C  CB  . LEU A 1 22  ? -0.191  -7.168  9.025   1.00 26.95 ? 16   LEU A CB  1 
ATOM   138  C  CG  . LEU A 1 22  ? 1.006   -6.932  9.965   1.00 26.37 ? 16   LEU A CG  1 
ATOM   139  C  CD1 . LEU A 1 22  ? 2.052   -6.045  9.306   1.00 26.26 ? 16   LEU A CD1 1 
ATOM   140  C  CD2 . LEU A 1 22  ? 0.556   -6.325  11.277  1.00 24.64 ? 16   LEU A CD2 1 
ATOM   141  N  N   . ALA A 1 23  ? -2.626  -8.656  7.524   1.00 28.30 ? 17   ALA A N   1 
ATOM   142  C  CA  . ALA A 1 23  ? -3.844  -8.661  6.708   1.00 28.06 ? 17   ALA A CA  1 
ATOM   143  C  C   . ALA A 1 23  ? -5.042  -9.229  7.471   1.00 28.32 ? 17   ALA A C   1 
ATOM   144  O  O   . ALA A 1 23  ? -6.135  -8.653  7.436   1.00 27.75 ? 17   ALA A O   1 
ATOM   145  C  CB  . ALA A 1 23  ? -3.621  -9.440  5.424   1.00 27.30 ? 17   ALA A CB  1 
ATOM   146  N  N   . GLU A 1 24  ? -4.846  -10.346 8.169   1.00 29.13 ? 18   GLU A N   1 
ATOM   147  C  CA  . GLU A 1 24  ? -5.928  -10.931 8.967   1.00 32.04 ? 18   GLU A CA  1 
ATOM   148  C  C   . GLU A 1 24  ? -6.430  -9.966  10.044  1.00 31.97 ? 18   GLU A C   1 
ATOM   149  O  O   . GLU A 1 24  ? -7.613  -9.642  10.081  1.00 32.80 ? 18   GLU A O   1 
ATOM   150  C  CB  . GLU A 1 24  ? -5.490  -12.244 9.613   1.00 34.63 ? 18   GLU A CB  1 
ATOM   151  C  CG  . GLU A 1 24  ? -5.402  -13.397 8.629   1.00 37.78 ? 18   GLU A CG  1 
ATOM   152  C  CD  . GLU A 1 24  ? -4.607  -14.573 9.165   1.00 39.47 ? 18   GLU A CD  1 
ATOM   153  O  OE1 . GLU A 1 24  ? -3.381  -14.446 9.368   1.00 46.41 ? 18   GLU A OE1 1 
ATOM   154  O  OE2 . GLU A 1 24  ? -5.199  -15.638 9.373   1.00 40.96 ? 18   GLU A OE2 1 
ATOM   155  N  N   . LYS A 1 25  ? -5.525  -9.516  10.911  1.00 31.75 ? 19   LYS A N   1 
ATOM   156  C  CA  . LYS A 1 25  ? -5.857  -8.544  11.944  1.00 31.48 ? 19   LYS A CA  1 
ATOM   157  C  C   . LYS A 1 25  ? -6.665  -7.381  11.349  1.00 29.28 ? 19   LYS A C   1 
ATOM   158  O  O   . LYS A 1 25  ? -7.708  -7.016  11.866  1.00 29.14 ? 19   LYS A O   1 
ATOM   159  C  CB  . LYS A 1 25  ? -4.567  -8.060  12.627  1.00 33.59 ? 19   LYS A CB  1 
ATOM   160  C  CG  . LYS A 1 25  ? -4.687  -6.839  13.546  1.00 36.79 ? 19   LYS A CG  1 
ATOM   161  C  CD  . LYS A 1 25  ? -3.345  -6.576  14.259  1.00 40.88 ? 19   LYS A CD  1 
ATOM   162  C  CE  . LYS A 1 25  ? -3.089  -5.091  14.561  1.00 42.95 ? 19   LYS A CE  1 
ATOM   163  N  NZ  . LYS A 1 25  ? -1.730  -4.607  14.135  1.00 42.60 ? 19   LYS A NZ  1 
ATOM   164  N  N   . ALA A 1 26  ? -6.190  -6.820  10.248  1.00 28.13 ? 20   ALA A N   1 
ATOM   165  C  CA  . ALA A 1 26  ? -6.863  -5.702  9.597   1.00 27.66 ? 20   ALA A CA  1 
ATOM   166  C  C   . ALA A 1 26  ? -8.282  -6.075  9.169   1.00 28.95 ? 20   ALA A C   1 
ATOM   167  O  O   . ALA A 1 26  ? -9.232  -5.351  9.432   1.00 28.64 ? 20   ALA A O   1 
ATOM   168  C  CB  . ALA A 1 26  ? -6.053  -5.236  8.403   1.00 26.10 ? 20   ALA A CB  1 
ATOM   169  N  N   . MET A 1 27  ? -8.435  -7.228  8.528   1.00 31.10 ? 21   MET A N   1 
ATOM   170  C  CA  . MET A 1 27  ? -9.759  -7.650  8.074   1.00 31.09 ? 21   MET A CA  1 
ATOM   171  C  C   . MET A 1 27  ? -10.684 -7.865  9.250   1.00 30.41 ? 21   MET A C   1 
ATOM   172  O  O   . MET A 1 27  ? -11.841 -7.435  9.219   1.00 30.56 ? 21   MET A O   1 
ATOM   173  C  CB  . MET A 1 27  ? -9.678  -8.924  7.238   1.00 31.45 ? 21   MET A CB  1 
ATOM   174  C  CG  . MET A 1 27  ? -9.119  -8.703  5.840   1.00 31.99 ? 21   MET A CG  1 
ATOM   175  S  SD  . MET A 1 27  ? -9.240  -10.203 4.838   1.00 32.75 ? 21   MET A SD  1 
ATOM   176  C  CE  . MET A 1 27  ? -11.014 -10.284 4.560   1.00 29.80 ? 21   MET A CE  1 
ATOM   177  N  N   . LYS A 1 28  ? -10.186 -8.540  10.279  1.00 29.02 ? 22   LYS A N   1 
ATOM   178  C  CA  . LYS A 1 28  ? -11.004 -8.795  11.453  1.00 30.59 ? 22   LYS A CA  1 
ATOM   179  C  C   . LYS A 1 28  ? -11.385 -7.509  12.205  1.00 31.28 ? 22   LYS A C   1 
ATOM   180  O  O   . LYS A 1 28  ? -12.476 -7.416  12.765  1.00 31.47 ? 22   LYS A O   1 
ATOM   181  C  CB  . LYS A 1 28  ? -10.305 -9.767  12.398  1.00 31.65 ? 22   LYS A CB  1 
ATOM   182  C  CG  . LYS A 1 28  ? -10.200 -11.180 11.853  1.00 31.80 ? 22   LYS A CG  1 
ATOM   183  C  CD  . LYS A 1 28  ? -9.755  -12.138 12.937  1.00 32.64 ? 22   LYS A CD  1 
ATOM   184  C  CE  . LYS A 1 28  ? -9.170  -13.400 12.340  1.00 33.76 ? 22   LYS A CE  1 
ATOM   185  N  NZ  . LYS A 1 28  ? -8.897  -14.404 13.402  1.00 35.44 ? 22   LYS A NZ  1 
ATOM   186  N  N   . GLU A 1 29  ? -10.503 -6.513  12.203  1.00 31.54 ? 23   GLU A N   1 
ATOM   187  C  CA  . GLU A 1 29  ? -10.830 -5.231  12.806  1.00 32.35 ? 23   GLU A CA  1 
ATOM   188  C  C   . GLU A 1 29  ? -12.068 -4.641  12.184  1.00 32.34 ? 23   GLU A C   1 
ATOM   189  O  O   . GLU A 1 29  ? -12.832 -3.960  12.860  1.00 31.17 ? 23   GLU A O   1 
ATOM   190  C  CB  . GLU A 1 29  ? -9.688  -4.240  12.663  1.00 34.28 ? 23   GLU A CB  1 
ATOM   191  C  CG  . GLU A 1 29  ? -8.643  -4.361  13.738  1.00 35.97 ? 23   GLU A CG  1 
ATOM   192  C  CD  . GLU A 1 29  ? -7.556  -3.306  13.628  1.00 39.18 ? 23   GLU A CD  1 
ATOM   193  O  OE1 . GLU A 1 29  ? -7.862  -2.082  13.585  1.00 40.52 ? 23   GLU A OE1 1 
ATOM   194  O  OE2 . GLU A 1 29  ? -6.377  -3.716  13.617  1.00 46.25 ? 23   GLU A OE2 1 
ATOM   195  N  N   . TYR A 1 30  ? -12.268 -4.908  10.899  1.00 34.59 ? 24   TYR A N   1 
ATOM   196  C  CA  . TYR A 1 30  ? -13.410 -4.365  10.164  1.00 35.96 ? 24   TYR A CA  1 
ATOM   197  C  C   . TYR A 1 30  ? -14.554 -5.357  10.062  1.00 35.48 ? 24   TYR A C   1 
ATOM   198  O  O   . TYR A 1 30  ? -15.525 -5.098  9.370   1.00 35.95 ? 24   TYR A O   1 
ATOM   199  C  CB  . TYR A 1 30  ? -12.973 -3.924  8.768   1.00 39.59 ? 24   TYR A CB  1 
ATOM   200  C  CG  . TYR A 1 30  ? -12.434 -2.519  8.698   1.00 42.44 ? 24   TYR A CG  1 
ATOM   201  C  CD1 . TYR A 1 30  ? -13.303 -1.432  8.685   1.00 46.05 ? 24   TYR A CD1 1 
ATOM   202  C  CD2 . TYR A 1 30  ? -11.063 -2.271  8.629   1.00 44.66 ? 24   TYR A CD2 1 
ATOM   203  C  CE1 . TYR A 1 30  ? -12.832 -0.133  8.610   1.00 48.53 ? 24   TYR A CE1 1 
ATOM   204  C  CE2 . TYR A 1 30  ? -10.578 -0.971  8.551   1.00 48.64 ? 24   TYR A CE2 1 
ATOM   205  C  CZ  . TYR A 1 30  ? -11.474 0.095   8.542   1.00 49.37 ? 24   TYR A CZ  1 
ATOM   206  O  OH  . TYR A 1 30  ? -11.033 1.389   8.465   1.00 54.00 ? 24   TYR A OH  1 
ATOM   207  N  N   . GLY A 1 31  ? -14.442 -6.492  10.746  1.00 36.15 ? 25   GLY A N   1 
ATOM   208  C  CA  . GLY A 1 31  ? -15.536 -7.460  10.809  1.00 36.55 ? 25   GLY A CA  1 
ATOM   209  C  C   . GLY A 1 31  ? -15.625 -8.445  9.654   1.00 37.74 ? 25   GLY A C   1 
ATOM   210  O  O   . GLY A 1 31  ? -16.597 -9.186  9.552   1.00 38.61 ? 25   GLY A O   1 
ATOM   211  N  N   . GLU A 1 32  ? -14.595 -8.489  8.815   1.00 38.04 ? 26   GLU A N   1 
ATOM   212  C  CA  . GLU A 1 32  ? -14.555 -9.380  7.658   1.00 38.38 ? 26   GLU A CA  1 
ATOM   213  C  C   . GLU A 1 32  ? -13.740 -10.639 7.936   1.00 37.61 ? 26   GLU A C   1 
ATOM   214  O  O   . GLU A 1 32  ? -12.735 -10.600 8.624   1.00 38.48 ? 26   GLU A O   1 
ATOM   215  C  CB  . GLU A 1 32  ? -13.973 -8.644  6.452   1.00 38.76 ? 26   GLU A CB  1 
ATOM   216  C  CG  . GLU A 1 32  ? -14.813 -7.444  6.024   1.00 39.33 ? 26   GLU A CG  1 
ATOM   217  C  CD  . GLU A 1 32  ? -14.013 -6.341  5.359   1.00 40.91 ? 26   GLU A CD  1 
ATOM   218  O  OE1 . GLU A 1 32  ? -12.771 -6.272  5.537   1.00 41.39 ? 26   GLU A OE1 1 
ATOM   219  O  OE2 . GLU A 1 32  ? -14.638 -5.526  4.649   1.00 44.69 ? 26   GLU A OE2 1 
ATOM   220  N  N   . ASP A 1 33  ? -14.193 -11.752 7.372   1.00 38.15 ? 27   ASP A N   1 
ATOM   221  C  CA  . ASP A 1 33  ? -13.585 -13.057 7.581   1.00 38.37 ? 27   ASP A CA  1 
ATOM   222  C  C   . ASP A 1 33  ? -12.614 -13.323 6.451   1.00 38.22 ? 27   ASP A C   1 
ATOM   223  O  O   . ASP A 1 33  ? -13.014 -13.400 5.283   1.00 37.81 ? 27   ASP A O   1 
ATOM   224  C  CB  . ASP A 1 33  ? -14.675 -14.133 7.595   1.00 39.11 ? 27   ASP A CB  1 
ATOM   225  C  CG  . ASP A 1 33  ? -14.191 -15.450 8.124   1.00 39.53 ? 27   ASP A CG  1 
ATOM   226  O  OD1 . ASP A 1 33  ? -12.972 -15.723 8.074   1.00 40.31 ? 27   ASP A OD1 1 
ATOM   227  O  OD2 . ASP A 1 33  ? -15.054 -16.222 8.585   1.00 43.10 ? 27   ASP A OD2 1 
ATOM   228  N  N   . PRO A 1 34  ? -11.325 -13.455 6.778   1.00 38.94 ? 28   PRO A N   1 
ATOM   229  C  CA  . PRO A 1 34  ? -10.378 -13.651 5.676   1.00 39.79 ? 28   PRO A CA  1 
ATOM   230  C  C   . PRO A 1 34  ? -10.652 -14.919 4.818   1.00 41.04 ? 28   PRO A C   1 
ATOM   231  O  O   . PRO A 1 34  ? -10.299 -14.941 3.632   1.00 41.49 ? 28   PRO A O   1 
ATOM   232  C  CB  . PRO A 1 34  ? -9.000  -13.698 6.371   1.00 38.49 ? 28   PRO A CB  1 
ATOM   233  C  CG  . PRO A 1 34  ? -9.238  -13.600 7.838   1.00 38.12 ? 28   PRO A CG  1 
ATOM   234  C  CD  . PRO A 1 34  ? -10.668 -13.230 8.079   1.00 38.06 ? 28   PRO A CD  1 
ATOM   235  N  N   . LYS A 1 35  ? -11.287 -15.930 5.418   1.00 40.72 ? 29   LYS A N   1 
ATOM   236  C  CA  . LYS A 1 35  ? -11.670 -17.180 4.748   1.00 41.44 ? 29   LYS A CA  1 
ATOM   237  C  C   . LYS A 1 35  ? -12.875 -17.074 3.819   1.00 39.11 ? 29   LYS A C   1 
ATOM   238  O  O   . LYS A 1 35  ? -13.122 -17.989 3.055   1.00 41.78 ? 29   LYS A O   1 
ATOM   239  C  CB  . LYS A 1 35  ? -12.000 -18.265 5.786   1.00 45.01 ? 29   LYS A CB  1 
ATOM   240  C  CG  . LYS A 1 35  ? -10.848 -18.608 6.712   1.00 49.44 ? 29   LYS A CG  1 
ATOM   241  C  CD  . LYS A 1 35  ? -11.289 -19.549 7.821   1.00 54.12 ? 29   LYS A CD  1 
ATOM   242  C  CE  . LYS A 1 35  ? -10.392 -19.430 9.050   1.00 57.73 ? 29   LYS A CE  1 
ATOM   243  N  NZ  . LYS A 1 35  ? -10.553 -20.561 10.013  1.00 61.24 ? 29   LYS A NZ  1 
ATOM   244  N  N   . ILE A 1 36  ? -13.646 -15.997 3.900   1.00 38.47 ? 30   ILE A N   1 
ATOM   245  C  CA  . ILE A 1 36  ? -14.785 -15.793 3.002   1.00 36.90 ? 30   ILE A CA  1 
ATOM   246  C  C   . ILE A 1 36  ? -14.466 -14.728 1.964   1.00 37.24 ? 30   ILE A C   1 
ATOM   247  O  O   . ILE A 1 36  ? -14.770 -14.892 0.789   1.00 40.28 ? 30   ILE A O   1 
ATOM   248  C  CB  . ILE A 1 36  ? -16.049 -15.346 3.761   1.00 36.87 ? 30   ILE A CB  1 
ATOM   249  C  CG1 . ILE A 1 36  ? -16.424 -16.356 4.859   1.00 35.93 ? 30   ILE A CG1 1 
ATOM   250  C  CG2 . ILE A 1 36  ? -17.217 -15.140 2.795   1.00 35.16 ? 30   ILE A CG2 1 
ATOM   251  C  CD1 . ILE A 1 36  ? -17.497 -15.826 5.806   1.00 36.03 ? 30   ILE A CD1 1 
ATOM   252  N  N   . GLU A 1 37  ? -13.876 -13.622 2.398   1.00 37.81 ? 31   GLU A N   1 
ATOM   253  C  CA  . GLU A 1 37  ? -13.543 -12.531 1.493   1.00 37.04 ? 31   GLU A CA  1 
ATOM   254  C  C   . GLU A 1 37  ? -12.088 -12.629 1.074   1.00 36.59 ? 31   GLU A C   1 
ATOM   255  O  O   . GLU A 1 37  ? -11.270 -11.737 1.347   1.00 33.76 ? 31   GLU A O   1 
ATOM   256  C  CB  . GLU A 1 37  ? -13.804 -11.205 2.163   1.00 39.25 ? 31   GLU A CB  1 
ATOM   257  C  CG  . GLU A 1 37  ? -15.214 -11.062 2.688   1.00 42.41 ? 31   GLU A CG  1 
ATOM   258  C  CD  . GLU A 1 37  ? -15.820 -9.762  2.239   1.00 47.73 ? 31   GLU A CD  1 
ATOM   259  O  OE1 . GLU A 1 37  ? -16.228 -9.716  1.052   1.00 57.18 ? 31   GLU A OE1 1 
ATOM   260  O  OE2 . GLU A 1 37  ? -15.858 -8.793  3.039   1.00 47.10 ? 31   GLU A OE2 1 
ATOM   261  N  N   . THR A 1 38  ? -11.794 -13.715 0.363   1.00 35.86 ? 32   THR A N   1 
ATOM   262  C  CA  . THR A 1 38  ? -10.436 -14.063 -0.019  1.00 33.68 ? 32   THR A CA  1 
ATOM   263  C  C   . THR A 1 38  ? -9.845  -13.128 -1.071  1.00 32.35 ? 32   THR A C   1 
ATOM   264  O  O   . THR A 1 38  ? -8.628  -12.950 -1.126  1.00 30.24 ? 32   THR A O   1 
ATOM   265  C  CB  . THR A 1 38  ? -10.390 -15.508 -0.533  1.00 33.67 ? 32   THR A CB  1 
ATOM   266  O  OG1 . THR A 1 38  ? -11.255 -15.632 -1.662  1.00 33.78 ? 32   THR A OG1 1 
ATOM   267  C  CG2 . THR A 1 38  ? -10.853 -16.464 0.554   1.00 32.28 ? 32   THR A CG2 1 
ATOM   268  N  N   . ASN A 1 39  ? -10.676 -12.535 -1.918  1.00 32.70 ? 33   ASN A N   1 
ATOM   269  C  CA  . ASN A 1 39  ? -10.126 -11.579 -2.872  1.00 35.49 ? 33   ASN A CA  1 
ATOM   270  C  C   . ASN A 1 39  ? -9.608  -10.352 -2.140  1.00 35.32 ? 33   ASN A C   1 
ATOM   271  O  O   . ASN A 1 39  ? -8.473  -9.923  -2.371  1.00 38.59 ? 33   ASN A O   1 
ATOM   272  C  CB  . ASN A 1 39  ? -11.132 -11.187 -3.960  1.00 37.95 ? 33   ASN A CB  1 
ATOM   273  C  CG  . ASN A 1 39  ? -11.274 -12.255 -5.037  1.00 39.82 ? 33   ASN A CG  1 
ATOM   274  O  OD1 . ASN A 1 39  ? -10.332 -12.994 -5.320  1.00 43.85 ? 33   ASN A OD1 1 
ATOM   275  N  ND2 . ASN A 1 39  ? -12.453 -12.338 -5.641  1.00 39.39 ? 33   ASN A ND2 1 
ATOM   276  N  N   . LYS A 1 40  ? -10.433 -9.810  -1.243  1.00 34.42 ? 34   LYS A N   1 
ATOM   277  C  CA  . LYS A 1 40  ? -10.042 -8.684  -0.393  1.00 31.40 ? 34   LYS A CA  1 
ATOM   278  C  C   . LYS A 1 40  ? -8.823  -9.041  0.478   1.00 29.46 ? 34   LYS A C   1 
ATOM   279  O  O   . LYS A 1 40  ? -7.898  -8.240  0.611   1.00 28.54 ? 34   LYS A O   1 
ATOM   280  C  CB  . LYS A 1 40  ? -11.224 -8.239  0.461   1.00 31.18 ? 34   LYS A CB  1 
ATOM   281  C  CG  . LYS A 1 40  ? -10.872 -7.159  1.469   1.00 32.96 ? 34   LYS A CG  1 
ATOM   282  C  CD  . LYS A 1 40  ? -12.103 -6.458  2.043   1.00 33.07 ? 34   LYS A CD  1 
ATOM   283  C  CE  . LYS A 1 40  ? -12.284 -5.039  1.514   1.00 33.20 ? 34   LYS A CE  1 
ATOM   284  N  NZ  . LYS A 1 40  ? -13.115 -4.203  2.435   1.00 34.19 ? 34   LYS A NZ  1 
ATOM   285  N  N   . PHE A 1 41  ? -8.805  -10.254 1.028   1.00 27.41 ? 35   PHE A N   1 
ATOM   286  C  CA  . PHE A 1 41  ? -7.645  -10.746 1.790   1.00 27.72 ? 35   PHE A CA  1 
ATOM   287  C  C   . PHE A 1 41  ? -6.355  -10.482 1.035   1.00 27.95 ? 35   PHE A C   1 
ATOM   288  O  O   . PHE A 1 41  ? -5.434  -9.854  1.580   1.00 29.17 ? 35   PHE A O   1 
ATOM   289  C  CB  . PHE A 1 41  ? -7.810  -12.246 2.119   1.00 27.56 ? 35   PHE A CB  1 
ATOM   290  C  CG  . PHE A 1 41  ? -6.762  -12.826 3.056   1.00 27.46 ? 35   PHE A CG  1 
ATOM   291  C  CD1 . PHE A 1 41  ? -5.966  -12.029 3.882   1.00 28.89 ? 35   PHE A CD1 1 
ATOM   292  C  CD2 . PHE A 1 41  ? -6.598  -14.210 3.128   1.00 28.43 ? 35   PHE A CD2 1 
ATOM   293  C  CE1 . PHE A 1 41  ? -5.022  -12.604 4.752   1.00 29.52 ? 35   PHE A CE1 1 
ATOM   294  C  CE2 . PHE A 1 41  ? -5.659  -14.791 3.983   1.00 29.56 ? 35   PHE A CE2 1 
ATOM   295  C  CZ  . PHE A 1 41  ? -4.861  -13.988 4.794   1.00 29.67 ? 35   PHE A CZ  1 
ATOM   296  N  N   . ALA A 1 42  ? -6.318  -10.943 -0.221  1.00 28.05 ? 36   ALA A N   1 
ATOM   297  C  CA  . ALA A 1 42  ? -5.152  -10.829 -1.101  1.00 27.18 ? 36   ALA A CA  1 
ATOM   298  C  C   . ALA A 1 42  ? -4.874  -9.395  -1.527  1.00 27.65 ? 36   ALA A C   1 
ATOM   299  O  O   . ALA A 1 42  ? -3.716  -9.022  -1.712  1.00 28.84 ? 36   ALA A O   1 
ATOM   300  C  CB  . ALA A 1 42  ? -5.349  -11.696 -2.339  1.00 27.90 ? 36   ALA A CB  1 
ATOM   301  N  N   . ALA A 1 43  ? -5.922  -8.592  -1.729  1.00 27.38 ? 37   ALA A N   1 
ATOM   302  C  CA  . ALA A 1 43  ? -5.721  -7.155  -2.005  1.00 26.40 ? 37   ALA A CA  1 
ATOM   303  C  C   . ALA A 1 43  ? -4.957  -6.504  -0.838  1.00 25.62 ? 37   ALA A C   1 
ATOM   304  O  O   . ALA A 1 43  ? -3.988  -5.799  -1.045  1.00 25.57 ? 37   ALA A O   1 
ATOM   305  C  CB  . ALA A 1 43  ? -7.049  -6.437  -2.226  1.00 23.98 ? 37   ALA A CB  1 
ATOM   306  N  N   . ILE A 1 44  ? -5.388  -6.776  0.386   1.00 24.91 ? 38   ILE A N   1 
ATOM   307  C  CA  . ILE A 1 44  ? -4.766  -6.184  1.557   1.00 24.92 ? 38   ILE A CA  1 
ATOM   308  C  C   . ILE A 1 44  ? -3.291  -6.584  1.643   1.00 25.31 ? 38   ILE A C   1 
ATOM   309  O  O   . ILE A 1 44  ? -2.421  -5.729  1.781   1.00 23.99 ? 38   ILE A O   1 
ATOM   310  C  CB  . ILE A 1 44  ? -5.554  -6.560  2.838   1.00 24.91 ? 38   ILE A CB  1 
ATOM   311  C  CG1 . ILE A 1 44  ? -6.916  -5.828  2.840   1.00 23.37 ? 38   ILE A CG1 1 
ATOM   312  C  CG2 . ILE A 1 44  ? -4.749  -6.209  4.089   1.00 24.96 ? 38   ILE A CG2 1 
ATOM   313  C  CD1 . ILE A 1 44  ? -7.987  -6.487  3.678   1.00 22.82 ? 38   ILE A CD1 1 
ATOM   314  N  N   . CYS A 1 45  ? -3.002  -7.878  1.517   1.00 26.38 ? 39   CYS A N   1 
ATOM   315  C  CA  . CYS A 1 45  ? -1.610  -8.346  1.497   1.00 26.53 ? 39   CYS A CA  1 
ATOM   316  C  C   . CYS A 1 45  ? -0.749  -7.592  0.486   1.00 27.43 ? 39   CYS A C   1 
ATOM   317  O  O   . CYS A 1 45  ? 0.438   -7.303  0.746   1.00 28.67 ? 39   CYS A O   1 
ATOM   318  C  CB  . CYS A 1 45  ? -1.553  -9.833  1.165   1.00 27.15 ? 39   CYS A CB  1 
ATOM   319  S  SG  . CYS A 1 45  ? -2.114  -10.908 2.506   1.00 27.62 ? 39   CYS A SG  1 
ATOM   320  N  N   . THR A 1 46  ? -1.338  -7.289  -0.673  1.00 26.46 ? 40   THR A N   1 
ATOM   321  C  CA  . THR A 1 46  ? -0.608  -6.640  -1.753  1.00 26.11 ? 40   THR A CA  1 
ATOM   322  C  C   . THR A 1 46  ? -0.305  -5.196  -1.388  1.00 26.40 ? 40   THR A C   1 
ATOM   323  O  O   . THR A 1 46  ? 0.821   -4.731  -1.612  1.00 27.68 ? 40   THR A O   1 
ATOM   324  C  CB  . THR A 1 46  ? -1.380  -6.694  -3.102  1.00 26.41 ? 40   THR A CB  1 
ATOM   325  O  OG1 . THR A 1 46  ? -1.413  -8.040  -3.603  1.00 26.31 ? 40   THR A OG1 1 
ATOM   326  C  CG2 . THR A 1 46  ? -0.725  -5.811  -4.137  1.00 26.16 ? 40   THR A CG2 1 
ATOM   327  N  N   . HIS A 1 47  ? -1.301  -4.488  -0.848  1.00 25.77 ? 41   HIS A N   1 
ATOM   328  C  CA  . HIS A 1 47  ? -1.130  -3.089  -0.443  1.00 26.84 ? 41   HIS A CA  1 
ATOM   329  C  C   . HIS A 1 47  ? -0.095  -3.040  0.655   1.00 27.10 ? 41   HIS A C   1 
ATOM   330  O  O   . HIS A 1 47  ? 0.807   -2.199  0.643   1.00 25.82 ? 41   HIS A O   1 
ATOM   331  C  CB  . HIS A 1 47  ? -2.465  -2.475  -0.006  1.00 27.72 ? 41   HIS A CB  1 
ATOM   332  C  CG  . HIS A 1 47  ? -2.347  -1.094  0.636   1.00 29.91 ? 41   HIS A CG  1 
ATOM   333  N  ND1 . HIS A 1 47  ? -1.854  -0.908  1.882   1.00 31.42 ? 41   HIS A ND1 1 
ATOM   334  C  CD2 . HIS A 1 47  ? -2.737  0.169   0.181   1.00 29.22 ? 41   HIS A CD2 1 
ATOM   335  C  CE1 . HIS A 1 47  ? -1.888  0.410   2.180   1.00 30.60 ? 41   HIS A CE1 1 
ATOM   336  N  NE2 . HIS A 1 47  ? -2.436  1.060   1.147   1.00 28.82 ? 41   HIS A NE2 1 
ATOM   337  N  N   . LEU A 1 48  ? -0.188  -3.970  1.594   1.00 27.39 ? 42   LEU A N   1 
ATOM   338  C  CA  . LEU A 1 48  ? 0.816   -4.072  2.638   1.00 28.92 ? 42   LEU A CA  1 
ATOM   339  C  C   . LEU A 1 48  ? 2.212   -4.242  2.060   1.00 29.79 ? 42   LEU A C   1 
ATOM   340  O  O   . LEU A 1 48  ? 3.102   -3.445  2.380   1.00 31.16 ? 42   LEU A O   1 
ATOM   341  C  CB  . LEU A 1 48  ? 0.511   -5.223  3.607   1.00 29.20 ? 42   LEU A CB  1 
ATOM   342  C  CG  . LEU A 1 48  ? -0.548  -4.966  4.679   1.00 28.95 ? 42   LEU A CG  1 
ATOM   343  C  CD1 . LEU A 1 48  ? -0.799  -6.260  5.429   1.00 30.62 ? 42   LEU A CD1 1 
ATOM   344  C  CD2 . LEU A 1 48  ? -0.169  -3.839  5.639   1.00 28.23 ? 42   LEU A CD2 1 
ATOM   345  N  N   . GLU A 1 49  ? 2.418   -5.267  1.226   1.00 30.65 ? 43   GLU A N   1 
ATOM   346  C  CA  . GLU A 1 49  ? 3.777   -5.549  0.709   1.00 31.44 ? 43   GLU A CA  1 
ATOM   347  C  C   . GLU A 1 49  ? 4.356   -4.388  -0.087  1.00 29.83 ? 43   GLU A C   1 
ATOM   348  O  O   . GLU A 1 49  ? 5.546   -4.092  0.028   1.00 30.32 ? 43   GLU A O   1 
ATOM   349  C  CB  . GLU A 1 49  ? 3.823   -6.804  -0.166  1.00 33.68 ? 43   GLU A CB  1 
ATOM   350  C  CG  . GLU A 1 49  ? 5.228   -7.132  -0.666  1.00 35.05 ? 43   GLU A CG  1 
ATOM   351  C  CD  . GLU A 1 49  ? 5.375   -8.536  -1.212  1.00 38.27 ? 43   GLU A CD  1 
ATOM   352  O  OE1 . GLU A 1 49  ? 4.341   -9.193  -1.444  1.00 41.72 ? 43   GLU A OE1 1 
ATOM   353  O  OE2 . GLU A 1 49  ? 6.527   -8.988  -1.426  1.00 41.80 ? 43   GLU A OE2 1 
ATOM   354  N  N   . VAL A 1 50  ? 3.535   -3.734  -0.899  1.00 28.06 ? 44   VAL A N   1 
ATOM   355  C  CA  . VAL A 1 50  ? 4.018   -2.579  -1.646  1.00 28.52 ? 44   VAL A CA  1 
ATOM   356  C  C   . VAL A 1 50  ? 4.469   -1.464  -0.714  1.00 27.68 ? 44   VAL A C   1 
ATOM   357  O  O   . VAL A 1 50  ? 5.519   -0.907  -0.921  1.00 30.07 ? 44   VAL A O   1 
ATOM   358  C  CB  . VAL A 1 50  ? 2.986   -2.070  -2.670  1.00 29.27 ? 44   VAL A CB  1 
ATOM   359  C  CG1 . VAL A 1 50  ? 3.369   -0.692  -3.200  1.00 28.18 ? 44   VAL A CG1 1 
ATOM   360  C  CG2 . VAL A 1 50  ? 2.882   -3.066  -3.815  1.00 29.74 ? 44   VAL A CG2 1 
ATOM   361  N  N   . CYS A 1 51  ? 3.691   -1.158  0.321   1.00 28.74 ? 45   CYS A N   1 
ATOM   362  C  CA  . CYS A 1 51  ? 4.093   -0.173  1.343   1.00 28.01 ? 45   CYS A CA  1 
ATOM   363  C  C   . CYS A 1 51  ? 5.423   -0.515  1.972   1.00 26.95 ? 45   CYS A C   1 
ATOM   364  O  O   . CYS A 1 51  ? 6.264   0.358   2.142   1.00 26.91 ? 45   CYS A O   1 
ATOM   365  C  CB  . CYS A 1 51  ? 3.043   -0.040  2.450   1.00 28.84 ? 45   CYS A CB  1 
ATOM   366  S  SG  . CYS A 1 51  ? 1.508   0.786   1.980   1.00 31.16 ? 45   CYS A SG  1 
ATOM   367  N  N   . PHE A 1 52  ? 5.633   -1.776  2.320   1.00 27.27 ? 46   PHE A N   1 
ATOM   368  C  CA  . PHE A 1 52  ? 6.923   -2.138  2.896   1.00 28.96 ? 46   PHE A CA  1 
ATOM   369  C  C   . PHE A 1 52  ? 8.031   -2.055  1.865   1.00 31.21 ? 46   PHE A C   1 
ATOM   370  O  O   . PHE A 1 52  ? 9.134   -1.614  2.174   1.00 34.68 ? 46   PHE A O   1 
ATOM   371  C  CB  . PHE A 1 52  ? 6.903   -3.511  3.540   1.00 28.65 ? 46   PHE A CB  1 
ATOM   372  C  CG  . PHE A 1 52  ? 5.911   -3.652  4.670   1.00 29.93 ? 46   PHE A CG  1 
ATOM   373  C  CD1 . PHE A 1 52  ? 5.298   -2.550  5.255   1.00 31.98 ? 46   PHE A CD1 1 
ATOM   374  C  CD2 . PHE A 1 52  ? 5.607   -4.910  5.169   1.00 31.17 ? 46   PHE A CD2 1 
ATOM   375  C  CE1 . PHE A 1 52  ? 4.381   -2.713  6.288   1.00 33.74 ? 46   PHE A CE1 1 
ATOM   376  C  CE2 . PHE A 1 52  ? 4.701   -5.074  6.193   1.00 31.83 ? 46   PHE A CE2 1 
ATOM   377  C  CZ  . PHE A 1 52  ? 4.090   -3.979  6.762   1.00 32.55 ? 46   PHE A CZ  1 
ATOM   378  N  N   . MET A 1 53  ? 7.758   -2.463  0.633   1.00 33.03 ? 47   MET A N   1 
ATOM   379  C  CA  . MET A 1 53  ? 8.791   -2.383  -0.382  1.00 33.79 ? 47   MET A CA  1 
ATOM   380  C  C   . MET A 1 53  ? 9.191   -0.931  -0.516  1.00 32.87 ? 47   MET A C   1 
ATOM   381  O  O   . MET A 1 53  ? 10.365  -0.593  -0.424  1.00 32.00 ? 47   MET A O   1 
ATOM   382  C  CB  . MET A 1 53  ? 8.304   -2.923  -1.721  1.00 35.63 ? 47   MET A CB  1 
ATOM   383  C  CG  . MET A 1 53  ? 8.379   -4.438  -1.839  1.00 37.59 ? 47   MET A CG  1 
ATOM   384  S  SD  . MET A 1 53  ? 7.800   -4.979  -3.464  1.00 43.19 ? 47   MET A SD  1 
ATOM   385  C  CE  . MET A 1 53  ? 9.178   -4.416  -4.464  1.00 38.66 ? 47   MET A CE  1 
ATOM   386  N  N   . TYR A 1 54  ? 8.192   -0.086  -0.724  1.00 31.63 ? 48   TYR A N   1 
ATOM   387  C  CA  . TYR A 1 54  ? 8.393   1.347   -0.883  1.00 34.12 ? 48   TYR A CA  1 
ATOM   388  C  C   . TYR A 1 54  ? 9.201   1.876   0.322   1.00 37.16 ? 48   TYR A C   1 
ATOM   389  O  O   . TYR A 1 54  ? 10.158  2.635   0.158   1.00 38.68 ? 48   TYR A O   1 
ATOM   390  C  CB  . TYR A 1 54  ? 7.019   2.011   -0.998  1.00 33.31 ? 48   TYR A CB  1 
ATOM   391  C  CG  . TYR A 1 54  ? 6.912   3.382   -1.661  1.00 33.35 ? 48   TYR A CG  1 
ATOM   392  C  CD1 . TYR A 1 54  ? 7.536   4.492   -1.118  1.00 32.67 ? 48   TYR A CD1 1 
ATOM   393  C  CD2 . TYR A 1 54  ? 6.080   3.580   -2.777  1.00 33.56 ? 48   TYR A CD2 1 
ATOM   394  C  CE1 . TYR A 1 54  ? 7.391   5.746   -1.679  1.00 32.10 ? 48   TYR A CE1 1 
ATOM   395  C  CE2 . TYR A 1 54  ? 5.923   4.835   -3.349  1.00 32.98 ? 48   TYR A CE2 1 
ATOM   396  C  CZ  . TYR A 1 54  ? 6.597   5.924   -2.792  1.00 33.83 ? 48   TYR A CZ  1 
ATOM   397  O  OH  . TYR A 1 54  ? 6.474   7.205   -3.327  1.00 32.94 ? 48   TYR A OH  1 
ATOM   398  N  N   . SER A 1 55  ? 8.833   1.437   1.524   1.00 39.93 ? 49   SER A N   1 
ATOM   399  C  CA  . SER A 1 55  ? 9.575   1.774   2.741   1.00 41.89 ? 49   SER A CA  1 
ATOM   400  C  C   . SER A 1 55  ? 11.052  1.390   2.643   1.00 44.25 ? 49   SER A C   1 
ATOM   401  O  O   . SER A 1 55  ? 11.919  2.228   2.885   1.00 48.23 ? 49   SER A O   1 
ATOM   402  C  CB  . SER A 1 55  ? 8.925   1.100   3.967   1.00 43.45 ? 49   SER A CB  1 
ATOM   403  O  OG  . SER A 1 55  ? 9.876   0.733   4.965   1.00 43.69 ? 49   SER A OG  1 
ATOM   404  N  N   . ASP A 1 56  ? 11.334  0.140   2.274   1.00 44.40 ? 50   ASP A N   1 
ATOM   405  C  CA  . ASP A 1 56  ? 12.710  -0.378  2.284   1.00 45.11 ? 50   ASP A CA  1 
ATOM   406  C  C   . ASP A 1 56  ? 13.681  0.303   1.310   1.00 43.56 ? 50   ASP A C   1 
ATOM   407  O  O   . ASP A 1 56  ? 14.890  0.188   1.489   1.00 42.54 ? 50   ASP A O   1 
ATOM   408  C  CB  . ASP A 1 56  ? 12.731  -1.892  2.054   1.00 49.14 ? 50   ASP A CB  1 
ATOM   409  C  CG  . ASP A 1 56  ? 12.730  -2.676  3.352   1.00 54.40 ? 50   ASP A CG  1 
ATOM   410  O  OD1 . ASP A 1 56  ? 11.695  -2.675  4.057   1.00 56.58 ? 50   ASP A OD1 1 
ATOM   411  O  OD2 . ASP A 1 56  ? 13.776  -3.281  3.682   1.00 61.86 ? 50   ASP A OD2 1 
ATOM   412  N  N   . PHE A 1 57  ? 13.175  0.985   0.287   1.00 41.99 ? 51   PHE A N   1 
ATOM   413  C  CA  . PHE A 1 57  ? 14.032  1.831   -0.541  1.00 45.21 ? 51   PHE A CA  1 
ATOM   414  C  C   . PHE A 1 57  ? 14.301  3.133   0.232   1.00 48.08 ? 51   PHE A C   1 
ATOM   415  O  O   . PHE A 1 57  ? 13.553  4.095   0.122   1.00 52.39 ? 51   PHE A O   1 
ATOM   416  C  CB  . PHE A 1 57  ? 13.397  2.100   -1.925  1.00 44.86 ? 51   PHE A CB  1 
ATOM   417  C  CG  . PHE A 1 57  ? 13.000  0.843   -2.677  1.00 43.97 ? 51   PHE A CG  1 
ATOM   418  C  CD1 . PHE A 1 57  ? 13.887  -0.224  -2.809  1.00 43.49 ? 51   PHE A CD1 1 
ATOM   419  C  CD2 . PHE A 1 57  ? 11.724  0.715   -3.233  1.00 43.16 ? 51   PHE A CD2 1 
ATOM   420  C  CE1 . PHE A 1 57  ? 13.513  -1.382  -3.487  1.00 44.76 ? 51   PHE A CE1 1 
ATOM   421  C  CE2 . PHE A 1 57  ? 11.352  -0.436  -3.914  1.00 42.16 ? 51   PHE A CE2 1 
ATOM   422  C  CZ  . PHE A 1 57  ? 12.246  -1.486  -4.044  1.00 43.00 ? 51   PHE A CZ  1 
ATOM   423  N  N   . GLY A 1 58  ? 15.352  3.142   1.048   1.00 49.21 ? 52   GLY A N   1 
ATOM   424  C  CA  . GLY A 1 58  ? 15.665  4.304   1.891   1.00 48.38 ? 52   GLY A CA  1 
ATOM   425  C  C   . GLY A 1 58  ? 16.738  3.993   2.910   1.00 46.77 ? 52   GLY A C   1 
ATOM   426  O  O   . GLY A 1 58  ? 17.201  2.851   2.998   1.00 45.95 ? 52   GLY A O   1 
ATOM   427  N  N   . ALA A 1 64  ? 20.926  9.725   -0.015  1.00 75.54 ? 70   ALA A N   1 
ATOM   428  C  CA  . ALA A 1 64  ? 22.319  9.948   0.328   1.00 77.46 ? 70   ALA A CA  1 
ATOM   429  C  C   . ALA A 1 64  ? 22.455  10.438  1.773   1.00 78.06 ? 70   ALA A C   1 
ATOM   430  O  O   . ALA A 1 64  ? 23.243  9.888   2.540   1.00 81.19 ? 70   ALA A O   1 
ATOM   431  C  CB  . ALA A 1 64  ? 22.952  10.938  -0.645  1.00 76.29 ? 70   ALA A CB  1 
ATOM   432  N  N   . LEU A 1 65  ? 21.675  11.453  2.146   1.00 79.96 ? 71   LEU A N   1 
ATOM   433  C  CA  . LEU A 1 65  ? 21.832  12.121  3.451   1.00 81.58 ? 71   LEU A CA  1 
ATOM   434  C  C   . LEU A 1 65  ? 21.222  11.339  4.628   1.00 80.42 ? 71   LEU A C   1 
ATOM   435  O  O   . LEU A 1 65  ? 21.932  10.957  5.561   1.00 84.00 ? 71   LEU A O   1 
ATOM   436  C  CB  . LEU A 1 65  ? 21.240  13.538  3.396   1.00 81.65 ? 71   LEU A CB  1 
ATOM   437  C  CG  . LEU A 1 65  ? 21.662  14.513  4.501   1.00 83.49 ? 71   LEU A CG  1 
ATOM   438  C  CD1 . LEU A 1 65  ? 23.174  14.690  4.530   1.00 82.07 ? 71   LEU A CD1 1 
ATOM   439  C  CD2 . LEU A 1 65  ? 20.976  15.859  4.315   1.00 82.24 ? 71   LEU A CD2 1 
ATOM   440  N  N   . LEU A 1 66  ? 19.914  11.100  4.563   1.00 78.84 ? 72   LEU A N   1 
ATOM   441  C  CA  . LEU A 1 66  ? 19.163  10.455  5.653   1.00 74.42 ? 72   LEU A CA  1 
ATOM   442  C  C   . LEU A 1 66  ? 19.414  8.941   5.707   1.00 73.52 ? 72   LEU A C   1 
ATOM   443  O  O   . LEU A 1 66  ? 19.501  8.289   4.661   1.00 71.11 ? 72   LEU A O   1 
ATOM   444  C  CB  . LEU A 1 66  ? 17.662  10.707  5.467   1.00 70.97 ? 72   LEU A CB  1 
ATOM   445  C  CG  . LEU A 1 66  ? 17.213  12.167  5.329   1.00 67.73 ? 72   LEU A CG  1 
ATOM   446  C  CD1 . LEU A 1 66  ? 15.986  12.284  4.433   1.00 64.14 ? 72   LEU A CD1 1 
ATOM   447  C  CD2 . LEU A 1 66  ? 16.963  12.781  6.699   1.00 65.27 ? 72   LEU A CD2 1 
ATOM   448  N  N   . LYS A 1 67  ? 19.516  8.390   6.921   1.00 71.66 ? 73   LYS A N   1 
ATOM   449  C  CA  . LYS A 1 67  ? 19.717  6.941   7.116   1.00 67.54 ? 73   LYS A CA  1 
ATOM   450  C  C   . LYS A 1 67  ? 18.499  6.139   6.677   1.00 61.67 ? 73   LYS A C   1 
ATOM   451  O  O   . LYS A 1 67  ? 18.626  5.151   5.958   1.00 62.14 ? 73   LYS A O   1 
ATOM   452  C  CB  . LYS A 1 67  ? 20.049  6.625   8.574   1.00 70.25 ? 73   LYS A CB  1 
ATOM   453  C  CG  . LYS A 1 67  ? 21.409  7.154   9.009   1.00 74.64 ? 73   LYS A CG  1 
ATOM   454  C  CD  . LYS A 1 67  ? 21.779  6.713   10.423  1.00 77.41 ? 73   LYS A CD  1 
ATOM   455  C  CE  . LYS A 1 67  ? 23.027  7.432   10.928  1.00 75.72 ? 73   LYS A CE  1 
ATOM   456  N  NZ  . LYS A 1 67  ? 23.696  6.710   12.044  1.00 71.09 ? 73   LYS A NZ  1 
ATOM   457  N  N   . HIS A 1 68  ? 17.324  6.570   7.118   1.00 55.46 ? 74   HIS A N   1 
ATOM   458  C  CA  . HIS A 1 68  ? 16.065  5.988   6.686   1.00 50.02 ? 74   HIS A CA  1 
ATOM   459  C  C   . HIS A 1 68  ? 15.234  7.083   6.129   1.00 46.24 ? 74   HIS A C   1 
ATOM   460  O  O   . HIS A 1 68  ? 14.766  7.934   6.875   1.00 46.49 ? 74   HIS A O   1 
ATOM   461  C  CB  . HIS A 1 68  ? 15.342  5.367   7.862   1.00 51.22 ? 74   HIS A CB  1 
ATOM   462  C  CG  . HIS A 1 68  ? 16.053  4.182   8.455   1.00 59.94 ? 74   HIS A CG  1 
ATOM   463  N  ND1 . HIS A 1 68  ? 15.967  2.945   7.924   1.00 64.02 ? 74   HIS A ND1 1 
ATOM   464  C  CD2 . HIS A 1 68  ? 16.871  4.072   9.582   1.00 63.74 ? 74   HIS A CD2 1 
ATOM   465  C  CE1 . HIS A 1 68  ? 16.689  2.084   8.670   1.00 66.15 ? 74   HIS A CE1 1 
ATOM   466  N  NE2 . HIS A 1 68  ? 17.242  2.775   9.685   1.00 66.38 ? 74   HIS A NE2 1 
ATOM   467  N  N   . ARG A 1 69  ? 15.029  7.096   4.817   1.00 44.48 ? 75   ARG A N   1 
ATOM   468  C  CA  . ARG A 1 69  ? 14.271  8.191   4.200   1.00 43.82 ? 75   ARG A CA  1 
ATOM   469  C  C   . ARG A 1 69  ? 12.777  8.151   4.534   1.00 41.83 ? 75   ARG A C   1 
ATOM   470  O  O   . ARG A 1 69  ? 12.111  9.198   4.544   1.00 40.96 ? 75   ARG A O   1 
ATOM   471  C  CB  . ARG A 1 69  ? 14.448  8.217   2.678   1.00 44.31 ? 75   ARG A CB  1 
ATOM   472  C  CG  . ARG A 1 69  ? 13.495  9.197   2.004   1.00 44.26 ? 75   ARG A CG  1 
ATOM   473  C  CD  . ARG A 1 69  ? 13.769  9.356   0.527   1.00 44.71 ? 75   ARG A CD  1 
ATOM   474  N  NE  . ARG A 1 69  ? 12.723  10.162  -0.086  1.00 45.63 ? 75   ARG A NE  1 
ATOM   475  C  CZ  . ARG A 1 69  ? 12.763  10.628  -1.333  1.00 46.79 ? 75   ARG A CZ  1 
ATOM   476  N  NH1 . ARG A 1 69  ? 13.805  10.364  -2.117  1.00 44.81 ? 75   ARG A NH1 1 
ATOM   477  N  NH2 . ARG A 1 69  ? 11.749  11.366  -1.798  1.00 46.26 ? 75   ARG A NH2 1 
ATOM   478  N  N   . PHE A 1 70  ? 12.255  6.955   4.795   1.00 39.42 ? 76   PHE A N   1 
ATOM   479  C  CA  . PHE A 1 70  ? 10.827  6.794   5.042   1.00 38.33 ? 76   PHE A CA  1 
ATOM   480  C  C   . PHE A 1 70  ? 10.559  6.262   6.431   1.00 36.28 ? 76   PHE A C   1 
ATOM   481  O  O   . PHE A 1 70  ? 11.311  5.452   6.940   1.00 36.03 ? 76   PHE A O   1 
ATOM   482  C  CB  . PHE A 1 70  ? 10.210  5.866   4.003   1.00 38.38 ? 76   PHE A CB  1 
ATOM   483  C  CG  . PHE A 1 70  ? 10.302  6.395   2.610   1.00 39.77 ? 76   PHE A CG  1 
ATOM   484  C  CD1 . PHE A 1 70  ? 9.433   7.391   2.178   1.00 41.80 ? 76   PHE A CD1 1 
ATOM   485  C  CD2 . PHE A 1 70  ? 11.260  5.916   1.731   1.00 39.97 ? 76   PHE A CD2 1 
ATOM   486  C  CE1 . PHE A 1 70  ? 9.513   7.897   0.889   1.00 40.98 ? 76   PHE A CE1 1 
ATOM   487  C  CE2 . PHE A 1 70  ? 11.344  6.412   0.444   1.00 40.97 ? 76   PHE A CE2 1 
ATOM   488  C  CZ  . PHE A 1 70  ? 10.472  7.407   0.021   1.00 41.95 ? 76   PHE A CZ  1 
ATOM   489  N  N   . GLU A 1 71  ? 9.492   6.742   7.053   1.00 35.94 ? 77   GLU A N   1 
ATOM   490  C  CA  . GLU A 1 71  ? 8.961   6.098   8.245   1.00 34.96 ? 77   GLU A CA  1 
ATOM   491  C  C   . GLU A 1 71  ? 7.738   5.334   7.781   1.00 34.03 ? 77   GLU A C   1 
ATOM   492  O  O   . GLU A 1 71  ? 6.905   5.877   7.026   1.00 32.98 ? 77   GLU A O   1 
ATOM   493  C  CB  . GLU A 1 71  ? 8.599   7.123   9.327   1.00 35.61 ? 77   GLU A CB  1 
ATOM   494  C  CG  . GLU A 1 71  ? 8.070   6.531   10.625  1.00 37.05 ? 77   GLU A CG  1 
ATOM   495  C  CD  . GLU A 1 71  ? 8.938   5.410   11.200  1.00 41.26 ? 77   GLU A CD  1 
ATOM   496  O  OE1 . GLU A 1 71  ? 10.147  5.627   11.435  1.00 41.94 ? 77   GLU A OE1 1 
ATOM   497  O  OE2 . GLU A 1 71  ? 8.401   4.299   11.443  1.00 45.34 ? 77   GLU A OE2 1 
ATOM   498  N  N   . ILE A 1 72  ? 7.654   4.075   8.207   1.00 31.34 ? 78   ILE A N   1 
ATOM   499  C  CA  . ILE A 1 72  ? 6.539   3.207   7.870   1.00 30.40 ? 78   ILE A CA  1 
ATOM   500  C  C   . ILE A 1 72  ? 5.445   3.405   8.915   1.00 30.60 ? 78   ILE A C   1 
ATOM   501  O  O   . ILE A 1 72  ? 5.716   3.386   10.130  1.00 31.83 ? 78   ILE A O   1 
ATOM   502  C  CB  . ILE A 1 72  ? 6.979   1.717   7.796   1.00 30.39 ? 78   ILE A CB  1 
ATOM   503  C  CG1 . ILE A 1 72  ? 5.848   0.822   7.253   1.00 31.39 ? 78   ILE A CG1 1 
ATOM   504  C  CG2 . ILE A 1 72  ? 7.440   1.220   9.156   1.00 30.21 ? 78   ILE A CG2 1 
ATOM   505  C  CD1 . ILE A 1 72  ? 5.317   1.227   5.876   1.00 31.50 ? 78   ILE A CD1 1 
ATOM   506  N  N   . ILE A 1 73  ? 4.216   3.596   8.437   1.00 29.31 ? 79   ILE A N   1 
ATOM   507  C  CA  . ILE A 1 73  ? 3.059   3.853   9.292   1.00 28.09 ? 79   ILE A CA  1 
ATOM   508  C  C   . ILE A 1 73  ? 1.981   2.765   9.122   1.00 29.66 ? 79   ILE A C   1 
ATOM   509  O  O   . ILE A 1 73  ? 1.369   2.297   10.103  1.00 28.89 ? 79   ILE A O   1 
ATOM   510  C  CB  . ILE A 1 73  ? 2.517   5.263   8.998   1.00 28.33 ? 79   ILE A CB  1 
ATOM   511  C  CG1 . ILE A 1 73  ? 3.600   6.295   9.390   1.00 28.32 ? 79   ILE A CG1 1 
ATOM   512  C  CG2 . ILE A 1 73  ? 1.207   5.522   9.730   1.00 26.29 ? 79   ILE A CG2 1 
ATOM   513  C  CD1 . ILE A 1 73  ? 3.426   7.641   8.757   1.00 28.72 ? 79   ILE A CD1 1 
ATOM   514  N  N   . GLU A 1 74  ? 1.768   2.327   7.883   1.00 30.48 ? 80   GLU A N   1 
ATOM   515  C  CA  . GLU A 1 74  ? 0.881   1.194   7.627   1.00 29.62 ? 80   GLU A CA  1 
ATOM   516  C  C   . GLU A 1 74  ? 1.443   -0.053  8.315   1.00 29.48 ? 80   GLU A C   1 
ATOM   517  O  O   . GLU A 1 74  ? 2.641   -0.137  8.581   1.00 28.51 ? 80   GLU A O   1 
ATOM   518  C  CB  . GLU A 1 74  ? 0.718   0.996   6.122   1.00 29.19 ? 80   GLU A CB  1 
ATOM   519  C  CG  . GLU A 1 74  ? -0.258  -0.092  5.693   1.00 29.13 ? 80   GLU A CG  1 
ATOM   520  C  CD  . GLU A 1 74  ? -1.662  0.100   6.201   1.00 27.64 ? 80   GLU A CD  1 
ATOM   521  O  OE1 . GLU A 1 74  ? -1.934  -0.376  7.324   1.00 27.77 ? 80   GLU A OE1 1 
ATOM   522  O  OE2 . GLU A 1 74  ? -2.484  0.700   5.477   1.00 25.45 ? 80   GLU A OE2 1 
ATOM   523  N  N   . GLY A 1 75  ? 0.569   -0.986  8.667   1.00 28.92 ? 81   GLY A N   1 
ATOM   524  C  CA  . GLY A 1 75  ? 1.014   -2.230  9.295   1.00 30.06 ? 81   GLY A CA  1 
ATOM   525  C  C   . GLY A 1 75  ? 1.337   -2.140  10.774  1.00 31.33 ? 81   GLY A C   1 
ATOM   526  O  O   . GLY A 1 75  ? 1.943   -3.041  11.347  1.00 35.80 ? 81   GLY A O   1 
ATOM   527  N  N   . ARG A 1 76  ? 0.937   -1.055  11.412  1.00 31.58 ? 82   ARG A N   1 
ATOM   528  C  CA  . ARG A 1 76  ? 1.103   -0.924  12.842  1.00 29.54 ? 82   ARG A CA  1 
ATOM   529  C  C   . ARG A 1 76  ? -0.278  -0.857  13.475  1.00 28.93 ? 82   ARG A C   1 
ATOM   530  O  O   . ARG A 1 76  ? -1.229  -0.363  12.855  1.00 27.77 ? 82   ARG A O   1 
ATOM   531  C  CB  . ARG A 1 76  ? 1.846   0.356   13.148  1.00 30.22 ? 82   ARG A CB  1 
ATOM   532  C  CG  . ARG A 1 76  ? 3.266   0.439   12.634  1.00 29.64 ? 82   ARG A CG  1 
ATOM   533  C  CD  . ARG A 1 76  ? 3.773   1.803   13.017  1.00 31.14 ? 82   ARG A CD  1 
ATOM   534  N  NE  . ARG A 1 76  ? 5.158   2.075   12.653  1.00 32.73 ? 82   ARG A NE  1 
ATOM   535  C  CZ  . ARG A 1 76  ? 6.214   1.702   13.359  1.00 32.64 ? 82   ARG A CZ  1 
ATOM   536  N  NH1 . ARG A 1 76  ? 6.073   0.991   14.477  1.00 33.52 ? 82   ARG A NH1 1 
ATOM   537  N  NH2 . ARG A 1 76  ? 7.423   2.029   12.925  1.00 32.69 ? 82   ARG A NH2 1 
ATOM   538  N  N   . ASP A 1 77  ? -0.395  -1.341  14.705  1.00 28.35 ? 83   ASP A N   1 
ATOM   539  C  CA  . ASP A 1 77  ? -1.604  -1.115  15.472  1.00 30.52 ? 83   ASP A CA  1 
ATOM   540  C  C   . ASP A 1 77  ? -1.819  0.392   15.536  1.00 29.17 ? 83   ASP A C   1 
ATOM   541  O  O   . ASP A 1 77  ? -0.874  1.177   15.428  1.00 29.18 ? 83   ASP A O   1 
ATOM   542  C  CB  . ASP A 1 77  ? -1.534  -1.762  16.864  1.00 32.52 ? 83   ASP A CB  1 
ATOM   543  C  CG  . ASP A 1 77  ? -0.623  -0.999  17.826  1.00 38.50 ? 83   ASP A CG  1 
ATOM   544  O  OD1 . ASP A 1 77  ? 0.623   -1.150  17.767  1.00 37.80 ? 83   ASP A OD1 1 
ATOM   545  O  OD2 . ASP A 1 77  ? -1.165  -0.242  18.663  1.00 45.97 ? 83   ASP A OD2 1 
ATOM   546  N  N   . ARG A 1 78  ? -3.074  0.789   15.640  1.00 30.27 ? 84   ARG A N   1 
ATOM   547  C  CA  . ARG A 1 78  ? -3.456  2.186   15.506  1.00 30.90 ? 84   ARG A CA  1 
ATOM   548  C  C   . ARG A 1 78  ? -2.832  3.065   16.568  1.00 27.21 ? 84   ARG A C   1 
ATOM   549  O  O   . ARG A 1 78  ? -2.513  4.207   16.290  1.00 25.44 ? 84   ARG A O   1 
ATOM   550  C  CB  . ARG A 1 78  ? -4.966  2.338   15.542  1.00 34.95 ? 84   ARG A CB  1 
ATOM   551  C  CG  . ARG A 1 78  ? -5.646  1.932   14.249  1.00 40.02 ? 84   ARG A CG  1 
ATOM   552  C  CD  . ARG A 1 78  ? -7.044  1.389   14.509  1.00 45.47 ? 84   ARG A CD  1 
ATOM   553  N  NE  . ARG A 1 78  ? -7.950  2.441   14.960  1.00 52.22 ? 84   ARG A NE  1 
ATOM   554  C  CZ  . ARG A 1 78  ? -9.031  2.865   14.302  1.00 59.00 ? 84   ARG A CZ  1 
ATOM   555  N  NH1 . ARG A 1 78  ? -9.380  2.317   13.138  1.00 68.49 ? 84   ARG A NH1 1 
ATOM   556  N  NH2 . ARG A 1 78  ? -9.778  3.847   14.817  1.00 60.66 ? 84   ARG A NH2 1 
ATOM   557  N  N   . ILE A 1 79  ? -2.643  2.515   17.762  1.00 26.22 ? 85   ILE A N   1 
ATOM   558  C  CA  . ILE A 1 79  ? -2.053  3.240   18.881  1.00 25.54 ? 85   ILE A CA  1 
ATOM   559  C  C   . ILE A 1 79  ? -0.618  3.637   18.553  1.00 26.10 ? 85   ILE A C   1 
ATOM   560  O  O   . ILE A 1 79  ? -0.269  4.810   18.637  1.00 25.65 ? 85   ILE A O   1 
ATOM   561  C  CB  . ILE A 1 79  ? -2.162  2.432   20.201  1.00 25.05 ? 85   ILE A CB  1 
ATOM   562  C  CG1 . ILE A 1 79  ? -3.623  2.443   20.692  1.00 24.32 ? 85   ILE A CG1 1 
ATOM   563  C  CG2 . ILE A 1 79  ? -1.228  2.988   21.274  1.00 24.65 ? 85   ILE A CG2 1 
ATOM   564  C  CD1 . ILE A 1 79  ? -3.930  1.482   21.828  1.00 24.19 ? 85   ILE A CD1 1 
ATOM   565  N  N   . MET A 1 80  ? 0.196   2.683   18.122  1.00 28.58 ? 86   MET A N   1 
ATOM   566  C  CA  . MET A 1 80  ? 1.554   2.994   17.636  1.00 31.25 ? 86   MET A CA  1 
ATOM   567  C  C   . MET A 1 80  ? 1.552   3.881   16.384  1.00 29.71 ? 86   MET A C   1 
ATOM   568  O  O   . MET A 1 80  ? 2.353   4.800   16.259  1.00 31.20 ? 86   MET A O   1 
ATOM   569  C  CB  . MET A 1 80  ? 2.349   1.709   17.347  1.00 34.56 ? 86   MET A CB  1 
ATOM   570  C  CG  . MET A 1 80  ? 2.955   1.034   18.581  1.00 38.23 ? 86   MET A CG  1 
ATOM   571  S  SD  . MET A 1 80  ? 4.193   2.021   19.479  1.00 46.78 ? 86   MET A SD  1 
ATOM   572  C  CE  . MET A 1 80  ? 5.049   2.865   18.151  1.00 37.11 ? 86   MET A CE  1 
ATOM   573  N  N   . ALA A 1 81  ? 0.671   3.591   15.444  1.00 28.46 ? 87   ALA A N   1 
ATOM   574  C  CA  . ALA A 1 81  ? 0.624   4.373   14.221  1.00 27.39 ? 87   ALA A CA  1 
ATOM   575  C  C   . ALA A 1 81  ? 0.496   5.856   14.569  1.00 25.68 ? 87   ALA A C   1 
ATOM   576  O  O   . ALA A 1 81  ? 1.242   6.697   14.056  1.00 25.97 ? 87   ALA A O   1 
ATOM   577  C  CB  . ALA A 1 81  ? -0.529  3.910   13.321  1.00 26.20 ? 87   ALA A CB  1 
ATOM   578  N  N   . TRP A 1 82  ? -0.434  6.181   15.453  1.00 25.36 ? 88   TRP A N   1 
ATOM   579  C  CA  . TRP A 1 82  ? -0.631  7.581   15.828  1.00 25.56 ? 88   TRP A CA  1 
ATOM   580  C  C   . TRP A 1 82  ? 0.474   8.138   16.682  1.00 26.07 ? 88   TRP A C   1 
ATOM   581  O  O   . TRP A 1 82  ? 0.755   9.334   16.606  1.00 25.46 ? 88   TRP A O   1 
ATOM   582  C  CB  . TRP A 1 82  ? -1.947  7.777   16.505  1.00 25.13 ? 88   TRP A CB  1 
ATOM   583  C  CG  . TRP A 1 82  ? -3.081  7.814   15.540  1.00 24.78 ? 88   TRP A CG  1 
ATOM   584  C  CD1 . TRP A 1 82  ? -4.067  6.864   15.364  1.00 24.84 ? 88   TRP A CD1 1 
ATOM   585  C  CD2 . TRP A 1 82  ? -3.407  8.887   14.596  1.00 25.26 ? 88   TRP A CD2 1 
ATOM   586  N  NE1 . TRP A 1 82  ? -4.953  7.258   14.394  1.00 24.92 ? 88   TRP A NE1 1 
ATOM   587  C  CE2 . TRP A 1 82  ? -4.604  8.455   13.885  1.00 24.79 ? 88   TRP A CE2 1 
ATOM   588  C  CE3 . TRP A 1 82  ? -2.828  10.102  14.261  1.00 26.32 ? 88   TRP A CE3 1 
ATOM   589  C  CZ2 . TRP A 1 82  ? -5.195  9.232   12.895  1.00 25.01 ? 88   TRP A CZ2 1 
ATOM   590  C  CZ3 . TRP A 1 82  ? -3.427  10.874  13.254  1.00 25.68 ? 88   TRP A CZ3 1 
ATOM   591  C  CH2 . TRP A 1 82  ? -4.591  10.446  12.594  1.00 25.16 ? 88   TRP A CH2 1 
ATOM   592  N  N   . THR A 1 83  ? 1.128   7.293   17.480  1.00 25.79 ? 89   THR A N   1 
ATOM   593  C  CA  . THR A 1 83  ? 2.297   7.740   18.242  1.00 25.60 ? 89   THR A CA  1 
ATOM   594  C  C   . THR A 1 83  ? 3.357   8.202   17.285  1.00 26.64 ? 89   THR A C   1 
ATOM   595  O  O   . THR A 1 83  ? 3.890   9.306   17.441  1.00 28.55 ? 89   THR A O   1 
ATOM   596  C  CB  . THR A 1 83  ? 2.929   6.629   19.109  1.00 24.55 ? 89   THR A CB  1 
ATOM   597  O  OG1 . THR A 1 83  ? 2.007   6.215   20.110  1.00 23.53 ? 89   THR A OG1 1 
ATOM   598  C  CG2 . THR A 1 83  ? 4.207   7.133   19.770  1.00 23.10 ? 89   THR A CG2 1 
ATOM   599  N  N   . VAL A 1 84  ? 3.671   7.350   16.305  1.00 26.73 ? 90   VAL A N   1 
ATOM   600  C  CA  . VAL A 1 84  ? 4.683   7.668   15.288  1.00 27.10 ? 90   VAL A CA  1 
ATOM   601  C  C   . VAL A 1 84  ? 4.269   8.910   14.479  1.00 26.95 ? 90   VAL A C   1 
ATOM   602  O  O   . VAL A 1 84  ? 5.046   9.841   14.307  1.00 25.55 ? 90   VAL A O   1 
ATOM   603  C  CB  . VAL A 1 84  ? 4.935   6.467   14.341  1.00 27.26 ? 90   VAL A CB  1 
ATOM   604  C  CG1 . VAL A 1 84  ? 5.947   6.820   13.262  1.00 26.73 ? 90   VAL A CG1 1 
ATOM   605  C  CG2 . VAL A 1 84  ? 5.417   5.251   15.122  1.00 26.15 ? 90   VAL A CG2 1 
ATOM   606  N  N   . VAL A 1 85  ? 3.026   8.943   14.026  1.00 27.56 ? 91   VAL A N   1 
ATOM   607  C  CA  . VAL A 1 85  ? 2.521   10.102  13.284  1.00 28.45 ? 91   VAL A CA  1 
ATOM   608  C  C   . VAL A 1 85  ? 2.571   11.406  14.098  1.00 29.91 ? 91   VAL A C   1 
ATOM   609  O  O   . VAL A 1 85  ? 2.889   12.461  13.561  1.00 29.81 ? 91   VAL A O   1 
ATOM   610  C  CB  . VAL A 1 85  ? 1.077   9.852   12.786  1.00 28.27 ? 91   VAL A CB  1 
ATOM   611  C  CG1 . VAL A 1 85  ? 0.478   11.105  12.164  1.00 28.41 ? 91   VAL A CG1 1 
ATOM   612  C  CG2 . VAL A 1 85  ? 1.067   8.705   11.790  1.00 28.07 ? 91   VAL A CG2 1 
ATOM   613  N  N   . ASN A 1 86  ? 2.227   11.338  15.380  1.00 31.76 ? 92   ASN A N   1 
ATOM   614  C  CA  . ASN A 1 86  ? 2.224   12.532  16.247  1.00 31.95 ? 92   ASN A CA  1 
ATOM   615  C  C   . ASN A 1 86  ? 3.636   12.935  16.601  1.00 32.91 ? 92   ASN A C   1 
ATOM   616  O  O   . ASN A 1 86  ? 3.929   14.113  16.722  1.00 34.38 ? 92   ASN A O   1 
ATOM   617  C  CB  . ASN A 1 86  ? 1.439   12.297  17.546  1.00 31.60 ? 92   ASN A CB  1 
ATOM   618  C  CG  . ASN A 1 86  ? -0.058  12.404  17.360  1.00 31.58 ? 92   ASN A CG  1 
ATOM   619  O  OD1 . ASN A 1 86  ? -0.547  13.319  16.704  1.00 32.44 ? 92   ASN A OD1 1 
ATOM   620  N  ND2 . ASN A 1 86  ? -0.805  11.473  17.964  1.00 33.35 ? 92   ASN A ND2 1 
ATOM   621  N  N   . SER A 1 87  ? 4.504   11.944  16.782  1.00 34.07 ? 93   SER A N   1 
ATOM   622  C  CA  . SER A 1 87  ? 5.918   12.206  16.999  1.00 35.20 ? 93   SER A CA  1 
ATOM   623  C  C   . SER A 1 87  ? 6.488   13.026  15.827  1.00 38.20 ? 93   SER A C   1 
ATOM   624  O  O   . SER A 1 87  ? 6.978   14.137  16.038  1.00 40.85 ? 93   SER A O   1 
ATOM   625  C  CB  . SER A 1 87  ? 6.660   10.887  17.172  1.00 34.91 ? 93   SER A CB  1 
ATOM   626  O  OG  . SER A 1 87  ? 8.018   11.077  17.492  1.00 35.61 ? 93   SER A OG  1 
ATOM   627  N  N   . ILE A 1 88  ? 6.388   12.482  14.604  1.00 39.59 ? 94   ILE A N   1 
ATOM   628  C  CA  . ILE A 1 88  ? 6.793   13.166  13.362  1.00 37.74 ? 94   ILE A CA  1 
ATOM   629  C  C   . ILE A 1 88  ? 6.227   14.584  13.259  1.00 39.45 ? 94   ILE A C   1 
ATOM   630  O  O   . ILE A 1 88  ? 6.943   15.516  12.918  1.00 39.34 ? 94   ILE A O   1 
ATOM   631  C  CB  . ILE A 1 88  ? 6.325   12.389  12.115  1.00 37.92 ? 94   ILE A CB  1 
ATOM   632  C  CG1 . ILE A 1 88  ? 7.188   11.143  11.894  1.00 39.07 ? 94   ILE A CG1 1 
ATOM   633  C  CG2 . ILE A 1 88  ? 6.360   13.269  10.866  1.00 37.84 ? 94   ILE A CG2 1 
ATOM   634  C  CD1 . ILE A 1 88  ? 6.486   10.050  11.102  1.00 37.27 ? 94   ILE A CD1 1 
ATOM   635  N  N   . CYS A 1 89  ? 4.940   14.744  13.543  1.00 40.71 ? 95   CYS A N   1 
ATOM   636  C  CA  . CYS A 1 89  ? 4.306   16.056  13.467  1.00 42.50 ? 95   CYS A CA  1 
ATOM   637  C  C   . CYS A 1 89  ? 4.851   17.032  14.502  1.00 46.55 ? 95   CYS A C   1 
ATOM   638  O  O   . CYS A 1 89  ? 5.111   18.187  14.202  1.00 48.74 ? 95   CYS A O   1 
ATOM   639  C  CB  . CYS A 1 89  ? 2.804   15.926  13.651  1.00 41.99 ? 95   CYS A CB  1 
ATOM   640  S  SG  . CYS A 1 89  ? 1.987   15.287  12.181  1.00 44.79 ? 95   CYS A SG  1 
ATOM   641  N  N   . ASN A 1 90  ? 5.025   16.561  15.727  1.00 51.61 ? 96   ASN A N   1 
ATOM   642  C  CA  . ASN A 1 90  ? 5.429   17.439  16.812  1.00 52.95 ? 96   ASN A CA  1 
ATOM   643  C  C   . ASN A 1 90  ? 6.895   17.847  16.697  1.00 52.49 ? 96   ASN A C   1 
ATOM   644  O  O   . ASN A 1 90  ? 7.284   18.860  17.254  1.00 53.87 ? 96   ASN A O   1 
ATOM   645  C  CB  . ASN A 1 90  ? 5.134   16.791  18.176  1.00 56.09 ? 96   ASN A CB  1 
ATOM   646  C  CG  . ASN A 1 90  ? 3.638   16.483  18.379  1.00 59.74 ? 96   ASN A CG  1 
ATOM   647  O  OD1 . ASN A 1 90  ? 2.773   16.966  17.636  1.00 61.70 ? 96   ASN A OD1 1 
ATOM   648  N  ND2 . ASN A 1 90  ? 3.336   15.657  19.378  1.00 60.40 ? 96   ASN A ND2 1 
ATOM   649  N  N   . THR A 1 91  ? 7.696   17.077  15.963  1.00 51.54 ? 97   THR A N   1 
ATOM   650  C  CA  . THR A 1 91  ? 9.114   17.383  15.797  1.00 50.42 ? 97   THR A CA  1 
ATOM   651  C  C   . THR A 1 91  ? 9.432   18.067  14.465  1.00 52.98 ? 97   THR A C   1 
ATOM   652  O  O   . THR A 1 91  ? 10.307  18.920  14.423  1.00 58.66 ? 97   THR A O   1 
ATOM   653  C  CB  . THR A 1 91  ? 9.991   16.125  15.903  1.00 48.88 ? 97   THR A CB  1 
ATOM   654  O  OG1 . THR A 1 91  ? 9.744   15.295  14.778  1.00 49.45 ? 97   THR A OG1 1 
ATOM   655  C  CG2 . THR A 1 91  ? 9.699   15.342  17.181  1.00 47.67 ? 97   THR A CG2 1 
ATOM   656  N  N   . THR A 1 92  ? 8.750   17.689  13.382  1.00 51.70 ? 98   THR A N   1 
ATOM   657  C  CA  . THR A 1 92  ? 8.968   18.318  12.064  1.00 48.46 ? 98   THR A CA  1 
ATOM   658  C  C   . THR A 1 92  ? 8.060   19.522  11.834  1.00 48.17 ? 98   THR A C   1 
ATOM   659  O  O   . THR A 1 92  ? 8.272   20.280  10.893  1.00 51.75 ? 98   THR A O   1 
ATOM   660  C  CB  . THR A 1 92  ? 8.676   17.362  10.879  1.00 47.95 ? 98   THR A CB  1 
ATOM   661  O  OG1 . THR A 1 92  ? 7.253   17.162  10.752  1.00 44.69 ? 98   THR A OG1 1 
ATOM   662  C  CG2 . THR A 1 92  ? 9.415   16.020  11.027  1.00 44.95 ? 98   THR A CG2 1 
ATOM   663  N  N   . GLY A 1 93  ? 7.023   19.665  12.645  1.00 44.72 ? 99   GLY A N   1 
ATOM   664  C  CA  . GLY A 1 93  ? 6.043   20.718  12.445  1.00 44.23 ? 99   GLY A CA  1 
ATOM   665  C  C   . GLY A 1 93  ? 5.033   20.552  11.316  1.00 45.63 ? 99   GLY A C   1 
ATOM   666  O  O   . GLY A 1 93  ? 4.150   21.397  11.165  1.00 47.37 ? 99   GLY A O   1 
ATOM   667  N  N   . VAL A 1 94  ? 5.115   19.490  10.518  1.00 47.17 ? 100  VAL A N   1 
ATOM   668  C  CA  . VAL A 1 94  ? 4.156   19.346  9.410   1.00 47.69 ? 100  VAL A CA  1 
ATOM   669  C  C   . VAL A 1 94  ? 2.758   19.096  9.981   1.00 47.97 ? 100  VAL A C   1 
ATOM   670  O  O   . VAL A 1 94  ? 2.603   18.490  11.040  1.00 45.76 ? 100  VAL A O   1 
ATOM   671  C  CB  . VAL A 1 94  ? 4.541   18.243  8.379   1.00 48.79 ? 100  VAL A CB  1 
ATOM   672  C  CG1 . VAL A 1 94  ? 6.045   18.250  8.100   1.00 48.17 ? 100  VAL A CG1 1 
ATOM   673  C  CG2 . VAL A 1 94  ? 4.085   16.868  8.839   1.00 49.37 ? 100  VAL A CG2 1 
ATOM   674  N  N   . GLU A 1 95  ? 1.742   19.583  9.276   1.00 49.83 ? 101  GLU A N   1 
ATOM   675  C  CA  . GLU A 1 95  ? 0.357   19.433  9.713   1.00 50.47 ? 101  GLU A CA  1 
ATOM   676  C  C   . GLU A 1 95  ? -0.026  17.958  9.957   1.00 51.99 ? 101  GLU A C   1 
ATOM   677  O  O   . GLU A 1 95  ? 0.513   17.039  9.322   1.00 51.51 ? 101  GLU A O   1 
ATOM   678  C  CB  . GLU A 1 95  ? -0.586  20.052  8.684   1.00 51.35 ? 101  GLU A CB  1 
ATOM   679  C  CG  . GLU A 1 95  ? -1.996  20.260  9.212   1.00 56.49 ? 101  GLU A CG  1 
ATOM   680  C  CD  . GLU A 1 95  ? -3.005  20.592  8.127   1.00 61.30 ? 101  GLU A CD  1 
ATOM   681  O  OE1 . GLU A 1 95  ? -2.725  20.346  6.928   1.00 62.84 ? 101  GLU A OE1 1 
ATOM   682  O  OE2 . GLU A 1 95  ? -4.095  21.086  8.489   1.00 62.25 ? 101  GLU A OE2 1 
ATOM   683  N  N   . LYS A 1 96  ? -0.964  17.752  10.881  1.00 50.62 ? 102  LYS A N   1 
ATOM   684  C  CA  . LYS A 1 96  ? -1.371  16.425  11.317  1.00 47.97 ? 102  LYS A CA  1 
ATOM   685  C  C   . LYS A 1 96  ? -2.514  15.893  10.453  1.00 47.25 ? 102  LYS A C   1 
ATOM   686  O  O   . LYS A 1 96  ? -3.535  16.548  10.320  1.00 45.29 ? 102  LYS A O   1 
ATOM   687  C  CB  . LYS A 1 96  ? -1.787  16.469  12.786  1.00 47.08 ? 102  LYS A CB  1 
ATOM   688  C  CG  . LYS A 1 96  ? -2.382  15.179  13.322  1.00 48.43 ? 102  LYS A CG  1 
ATOM   689  C  CD  . LYS A 1 96  ? -2.436  15.174  14.846  1.00 49.56 ? 102  LYS A CD  1 
ATOM   690  C  CE  . LYS A 1 96  ? -3.226  13.969  15.338  1.00 51.34 ? 102  LYS A CE  1 
ATOM   691  N  NZ  . LYS A 1 96  ? -3.203  13.823  16.818  1.00 50.93 ? 102  LYS A NZ  1 
ATOM   692  N  N   . PRO A 1 97  ? -2.349  14.689  9.878   1.00 47.03 ? 103  PRO A N   1 
ATOM   693  C  CA  . PRO A 1 97  ? -3.410  14.128  9.041   1.00 46.56 ? 103  PRO A CA  1 
ATOM   694  C  C   . PRO A 1 97  ? -4.681  13.840  9.834   1.00 46.52 ? 103  PRO A C   1 
ATOM   695  O  O   . PRO A 1 97  ? -4.612  13.652  11.040  1.00 46.59 ? 103  PRO A O   1 
ATOM   696  C  CB  . PRO A 1 97  ? -2.812  12.807  8.531   1.00 47.09 ? 103  PRO A CB  1 
ATOM   697  C  CG  . PRO A 1 97  ? -1.362  12.836  8.872   1.00 47.22 ? 103  PRO A CG  1 
ATOM   698  C  CD  . PRO A 1 97  ? -1.206  13.768  10.026  1.00 46.78 ? 103  PRO A CD  1 
ATOM   699  N  N   . LYS A 1 98  ? -5.824  13.797  9.153   1.00 46.36 ? 104  LYS A N   1 
ATOM   700  C  CA  . LYS A 1 98  ? -7.084  13.415  9.784   1.00 46.68 ? 104  LYS A CA  1 
ATOM   701  C  C   . LYS A 1 98  ? -7.316  11.896  9.751   1.00 45.82 ? 104  LYS A C   1 
ATOM   702  O  O   . LYS A 1 98  ? -8.072  11.360  10.559  1.00 43.63 ? 104  LYS A O   1 
ATOM   703  C  CB  . LYS A 1 98  ? -8.244  14.179  9.147   1.00 49.38 ? 104  LYS A CB  1 
ATOM   704  C  CG  . LYS A 1 98  ? -8.239  15.649  9.555   1.00 56.81 ? 104  LYS A CG  1 
ATOM   705  C  CD  . LYS A 1 98  ? -9.085  16.548  8.653   1.00 61.88 ? 104  LYS A CD  1 
ATOM   706  C  CE  . LYS A 1 98  ? -8.759  18.022  8.886   1.00 62.03 ? 104  LYS A CE  1 
ATOM   707  N  NZ  . LYS A 1 98  ? -9.753  18.932  8.251   1.00 63.28 ? 104  LYS A NZ  1 
ATOM   708  N  N   . PHE A 1 99  ? -6.661  11.209  8.819   1.00 45.83 ? 105  PHE A N   1 
ATOM   709  C  CA  . PHE A 1 99  ? -6.642  9.749   8.791   1.00 45.54 ? 105  PHE A CA  1 
ATOM   710  C  C   . PHE A 1 99  ? -5.185  9.264   8.709   1.00 42.11 ? 105  PHE A C   1 
ATOM   711  O  O   . PHE A 1 99  ? -4.319  9.998   8.233   1.00 38.32 ? 105  PHE A O   1 
ATOM   712  C  CB  . PHE A 1 99  ? -7.458  9.223   7.605   1.00 49.69 ? 105  PHE A CB  1 
ATOM   713  C  CG  . PHE A 1 99  ? -8.919  9.633   7.630   1.00 54.68 ? 105  PHE A CG  1 
ATOM   714  C  CD1 . PHE A 1 99  ? -9.773  9.189   8.646   1.00 55.45 ? 105  PHE A CD1 1 
ATOM   715  C  CD2 . PHE A 1 99  ? -9.451  10.448  6.626   1.00 55.41 ? 105  PHE A CD2 1 
ATOM   716  C  CE1 . PHE A 1 99  ? -11.112 9.561   8.670   1.00 54.59 ? 105  PHE A CE1 1 
ATOM   717  C  CE2 . PHE A 1 99  ? -10.789 10.817  6.647   1.00 55.85 ? 105  PHE A CE2 1 
ATOM   718  C  CZ  . PHE A 1 99  ? -11.618 10.376  7.671   1.00 54.46 ? 105  PHE A CZ  1 
ATOM   719  N  N   . LEU A 1 100 ? -4.912  8.047   9.179   1.00 36.29 ? 106  LEU A N   1 
ATOM   720  C  CA  . LEU A 1 100 ? -3.561  7.499   9.080   1.00 33.99 ? 106  LEU A CA  1 
ATOM   721  C  C   . LEU A 1 100 ? -3.197  7.279   7.627   1.00 31.92 ? 106  LEU A C   1 
ATOM   722  O  O   . LEU A 1 100 ? -3.924  6.619   6.924   1.00 31.38 ? 106  LEU A O   1 
ATOM   723  C  CB  . LEU A 1 100 ? -3.453  6.145   9.793   1.00 33.06 ? 106  LEU A CB  1 
ATOM   724  C  CG  . LEU A 1 100 ? -3.369  6.070   11.322  1.00 32.22 ? 106  LEU A CG  1 
ATOM   725  C  CD1 . LEU A 1 100 ? -3.377  4.597   11.716  1.00 30.86 ? 106  LEU A CD1 1 
ATOM   726  C  CD2 . LEU A 1 100 ? -2.134  6.777   11.869  1.00 29.68 ? 106  LEU A CD2 1 
ATOM   727  N  N   . PRO A 1 101 ? -2.063  7.821   7.169   1.00 32.97 ? 107  PRO A N   1 
ATOM   728  C  CA  . PRO A 1 101 ? -1.556  7.468   5.845   1.00 32.47 ? 107  PRO A CA  1 
ATOM   729  C  C   . PRO A 1 101 ? -0.667  6.215   5.933   1.00 30.49 ? 107  PRO A C   1 
ATOM   730  O  O   . PRO A 1 101 ? -0.765  5.475   6.911   1.00 30.36 ? 107  PRO A O   1 
ATOM   731  C  CB  . PRO A 1 101 ? -0.776  8.723   5.449   1.00 32.53 ? 107  PRO A CB  1 
ATOM   732  C  CG  . PRO A 1 101 ? -0.212  9.195   6.735   1.00 33.06 ? 107  PRO A CG  1 
ATOM   733  C  CD  . PRO A 1 101 ? -1.192  8.815   7.817   1.00 33.83 ? 107  PRO A CD  1 
ATOM   734  N  N   . ASP A 1 102 ? 0.182   5.978   4.936   1.00 28.88 ? 108  ASP A N   1 
ATOM   735  C  CA  . ASP A 1 102 ? 0.989   4.761   4.870   1.00 27.83 ? 108  ASP A CA  1 
ATOM   736  C  C   . ASP A 1 102 ? 2.471   4.991   5.186   1.00 28.93 ? 108  ASP A C   1 
ATOM   737  O  O   . ASP A 1 102 ? 3.115   4.135   5.795   1.00 27.79 ? 108  ASP A O   1 
ATOM   738  C  CB  . ASP A 1 102 ? 0.835   4.146   3.484   1.00 27.39 ? 108  ASP A CB  1 
ATOM   739  C  CG  . ASP A 1 102 ? -0.622  3.795   3.157   1.00 27.87 ? 108  ASP A CG  1 
ATOM   740  O  OD1 . ASP A 1 102 ? -1.362  3.264   4.039   1.00 23.51 ? 108  ASP A OD1 1 
ATOM   741  O  OD2 . ASP A 1 102 ? -1.016  4.070   2.004   1.00 29.17 ? 108  ASP A OD2 1 
ATOM   742  N  N   . LEU A 1 103 ? 3.005   6.143   4.774   1.00 30.26 ? 109  LEU A N   1 
ATOM   743  C  CA  . LEU A 1 103 ? 4.407   6.493   5.030   1.00 30.96 ? 109  LEU A CA  1 
ATOM   744  C  C   . LEU A 1 103 ? 4.600   7.987   5.338   1.00 31.16 ? 109  LEU A C   1 
ATOM   745  O  O   . LEU A 1 103 ? 3.700   8.794   5.172   1.00 29.86 ? 109  LEU A O   1 
ATOM   746  C  CB  . LEU A 1 103 ? 5.269   6.151   3.808   1.00 31.49 ? 109  LEU A CB  1 
ATOM   747  C  CG  . LEU A 1 103 ? 5.297   4.737   3.212   1.00 31.04 ? 109  LEU A CG  1 
ATOM   748  C  CD1 . LEU A 1 103 ? 5.503   4.891   1.724   1.00 31.24 ? 109  LEU A CD1 1 
ATOM   749  C  CD2 . LEU A 1 103 ? 6.385   3.836   3.807   1.00 30.26 ? 109  LEU A CD2 1 
ATOM   750  N  N   . TYR A 1 104 ? 5.800   8.327   5.786   1.00 33.46 ? 110  TYR A N   1 
ATOM   751  C  CA  . TYR A 1 104 ? 6.264   9.712   5.855   1.00 34.79 ? 110  TYR A CA  1 
ATOM   752  C  C   . TYR A 1 104 ? 7.613   9.780   5.157   1.00 34.36 ? 110  TYR A C   1 
ATOM   753  O  O   . TYR A 1 104 ? 8.471   8.931   5.381   1.00 32.96 ? 110  TYR A O   1 
ATOM   754  C  CB  . TYR A 1 104 ? 6.426   10.185  7.314   1.00 36.04 ? 110  TYR A CB  1 
ATOM   755  C  CG  . TYR A 1 104 ? 6.871   11.640  7.429   1.00 35.65 ? 110  TYR A CG  1 
ATOM   756  C  CD1 . TYR A 1 104 ? 6.005   12.671  7.109   1.00 36.19 ? 110  TYR A CD1 1 
ATOM   757  C  CD2 . TYR A 1 104 ? 8.160   11.976  7.838   1.00 38.74 ? 110  TYR A CD2 1 
ATOM   758  C  CE1 . TYR A 1 104 ? 6.395   14.005  7.198   1.00 37.16 ? 110  TYR A CE1 1 
ATOM   759  C  CE2 . TYR A 1 104 ? 8.562   13.312  7.930   1.00 39.45 ? 110  TYR A CE2 1 
ATOM   760  C  CZ  . TYR A 1 104 ? 7.666   14.319  7.608   1.00 38.18 ? 110  TYR A CZ  1 
ATOM   761  O  OH  . TYR A 1 104 ? 8.032   15.646  7.691   1.00 40.62 ? 110  TYR A OH  1 
ATOM   762  N  N   . ASP A 1 105 ? 7.797   10.797  4.327   1.00 36.17 ? 111  ASP A N   1 
ATOM   763  C  CA  . ASP A 1 105 ? 9.068   11.023  3.645   1.00 38.06 ? 111  ASP A CA  1 
ATOM   764  C  C   . ASP A 1 105 ? 9.895   12.083  4.386   1.00 37.74 ? 111  ASP A C   1 
ATOM   765  O  O   . ASP A 1 105 ? 9.571   13.275  4.390   1.00 35.81 ? 111  ASP A O   1 
ATOM   766  C  CB  . ASP A 1 105 ? 8.778   11.487  2.211   1.00 39.82 ? 111  ASP A CB  1 
ATOM   767  C  CG  . ASP A 1 105 ? 10.009  11.497  1.327   1.00 39.53 ? 111  ASP A CG  1 
ATOM   768  O  OD1 . ASP A 1 105 ? 11.136  11.383  1.849   1.00 40.08 ? 111  ASP A OD1 1 
ATOM   769  O  OD2 . ASP A 1 105 ? 9.841   11.618  0.092   1.00 38.52 ? 111  ASP A OD2 1 
ATOM   770  N  N   . TYR A 1 106 ? 10.977  11.652  5.009   1.00 40.19 ? 112  TYR A N   1 
ATOM   771  C  CA  . TYR A 1 106 ? 11.839  12.600  5.693   1.00 44.46 ? 112  TYR A CA  1 
ATOM   772  C  C   . TYR A 1 106 ? 12.502  13.615  4.758   1.00 49.42 ? 112  TYR A C   1 
ATOM   773  O  O   . TYR A 1 106 ? 12.757  14.740  5.161   1.00 54.27 ? 112  TYR A O   1 
ATOM   774  C  CB  . TYR A 1 106 ? 12.891  11.874  6.517   1.00 44.02 ? 112  TYR A CB  1 
ATOM   775  C  CG  . TYR A 1 106 ? 12.320  11.269  7.775   1.00 44.39 ? 112  TYR A CG  1 
ATOM   776  C  CD1 . TYR A 1 106 ? 11.838  12.072  8.797   1.00 43.91 ? 112  TYR A CD1 1 
ATOM   777  C  CD2 . TYR A 1 106 ? 12.254  9.893   7.937   1.00 46.52 ? 112  TYR A CD2 1 
ATOM   778  C  CE1 . TYR A 1 106 ? 11.306  11.524  9.948   1.00 44.89 ? 112  TYR A CE1 1 
ATOM   779  C  CE2 . TYR A 1 106 ? 11.730  9.330   9.091   1.00 46.48 ? 112  TYR A CE2 1 
ATOM   780  C  CZ  . TYR A 1 106 ? 11.257  10.153  10.088  1.00 45.40 ? 112  TYR A CZ  1 
ATOM   781  O  OH  . TYR A 1 106 ? 10.730  9.594   11.217  1.00 45.68 ? 112  TYR A OH  1 
ATOM   782  N  N   . LYS A 1 107 ? 12.776  13.226  3.515   1.00 54.32 ? 113  LYS A N   1 
ATOM   783  C  CA  . LYS A 1 107 ? 13.436  14.124  2.573   1.00 51.05 ? 113  LYS A CA  1 
ATOM   784  C  C   . LYS A 1 107 ? 12.497  15.242  2.146   1.00 48.96 ? 113  LYS A C   1 
ATOM   785  O  O   . LYS A 1 107 ? 12.894  16.395  2.115   1.00 49.32 ? 113  LYS A O   1 
ATOM   786  C  CB  . LYS A 1 107 ? 13.970  13.358  1.353   1.00 53.93 ? 113  LYS A CB  1 
ATOM   787  C  CG  . LYS A 1 107 ? 14.373  14.241  0.170   1.00 54.72 ? 113  LYS A CG  1 
ATOM   788  C  CD  . LYS A 1 107 ? 15.205  13.484  -0.857  1.00 54.36 ? 113  LYS A CD  1 
ATOM   789  C  CE  . LYS A 1 107 ? 15.417  14.308  -2.125  1.00 54.58 ? 113  LYS A CE  1 
ATOM   790  N  NZ  . LYS A 1 107 ? 15.878  13.479  -3.276  1.00 52.28 ? 113  LYS A NZ  1 
ATOM   791  N  N   . GLU A 1 108 ? 11.254  14.905  1.828   1.00 47.87 ? 114  GLU A N   1 
ATOM   792  C  CA  . GLU A 1 108 ? 10.311  15.895  1.308   1.00 46.95 ? 114  GLU A CA  1 
ATOM   793  C  C   . GLU A 1 108 ? 9.381   16.433  2.385   1.00 47.13 ? 114  GLU A C   1 
ATOM   794  O  O   . GLU A 1 108 ? 8.503   17.249  2.093   1.00 48.22 ? 114  GLU A O   1 
ATOM   795  C  CB  . GLU A 1 108 ? 9.469   15.277  0.189   1.00 48.98 ? 114  GLU A CB  1 
ATOM   796  C  CG  . GLU A 1 108 ? 10.274  14.790  -1.003  1.00 51.01 ? 114  GLU A CG  1 
ATOM   797  C  CD  . GLU A 1 108 ? 10.982  15.903  -1.745  1.00 52.93 ? 114  GLU A CD  1 
ATOM   798  O  OE1 . GLU A 1 108 ? 10.430  17.017  -1.846  1.00 54.49 ? 114  GLU A OE1 1 
ATOM   799  O  OE2 . GLU A 1 108 ? 12.104  15.663  -2.233  1.00 58.92 ? 114  GLU A OE2 1 
ATOM   800  N  N   . ASN A 1 109 ? 9.562   15.961  3.618   1.00 47.13 ? 115  ASN A N   1 
ATOM   801  C  CA  . ASN A 1 109 ? 8.686   16.303  4.742   1.00 47.48 ? 115  ASN A CA  1 
ATOM   802  C  C   . ASN A 1 109 ? 7.191   16.283  4.435   1.00 47.87 ? 115  ASN A C   1 
ATOM   803  O  O   . ASN A 1 109 ? 6.491   17.298  4.542   1.00 50.17 ? 115  ASN A O   1 
ATOM   804  C  CB  . ASN A 1 109 ? 9.094   17.642  5.366   1.00 47.71 ? 115  ASN A CB  1 
ATOM   805  C  CG  . ASN A 1 109 ? 10.305  17.514  6.275   1.00 49.88 ? 115  ASN A CG  1 
ATOM   806  O  OD1 . ASN A 1 109 ? 10.758  16.411  6.597   1.00 48.01 ? 115  ASN A OD1 1 
ATOM   807  N  ND2 . ASN A 1 109 ? 10.836  18.655  6.704   1.00 55.24 ? 115  ASN A ND2 1 
ATOM   808  N  N   . ARG A 1 110 ? 6.702   15.106  4.072   1.00 45.64 ? 116  ARG A N   1 
ATOM   809  C  CA  . ARG A 1 110 ? 5.295   14.931  3.796   1.00 42.53 ? 116  ARG A CA  1 
ATOM   810  C  C   . ARG A 1 110 ? 4.904   13.468  3.915   1.00 40.77 ? 116  ARG A C   1 
ATOM   811  O  O   . ARG A 1 110 ? 5.739   12.554  3.755   1.00 39.70 ? 116  ARG A O   1 
ATOM   812  C  CB  . ARG A 1 110 ? 4.980   15.424  2.396   1.00 44.36 ? 116  ARG A CB  1 
ATOM   813  C  CG  . ARG A 1 110 ? 5.697   14.634  1.326   1.00 46.73 ? 116  ARG A CG  1 
ATOM   814  C  CD  . ARG A 1 110 ? 5.471   15.204  -0.055  1.00 48.22 ? 116  ARG A CD  1 
ATOM   815  N  NE  . ARG A 1 110 ? 6.170   14.396  -1.051  1.00 50.01 ? 116  ARG A NE  1 
ATOM   816  C  CZ  . ARG A 1 110 ? 6.450   14.793  -2.289  1.00 50.63 ? 116  ARG A CZ  1 
ATOM   817  N  NH1 . ARG A 1 110 ? 6.073   15.998  -2.705  1.00 49.24 ? 116  ARG A NH1 1 
ATOM   818  N  NH2 . ARG A 1 110 ? 7.103   13.978  -3.115  1.00 49.86 ? 116  ARG A NH2 1 
ATOM   819  N  N   . PHE A 1 111 ? 3.618   13.264  4.187   1.00 38.17 ? 117  PHE A N   1 
ATOM   820  C  CA  . PHE A 1 111 ? 3.045   11.940  4.280   1.00 36.36 ? 117  PHE A CA  1 
ATOM   821  C  C   . PHE A 1 111 ? 2.682   11.446  2.894   1.00 37.91 ? 117  PHE A C   1 
ATOM   822  O  O   . PHE A 1 111 ? 2.430   12.243  1.976   1.00 37.83 ? 117  PHE A O   1 
ATOM   823  C  CB  . PHE A 1 111 ? 1.819   11.939  5.190   1.00 34.45 ? 117  PHE A CB  1 
ATOM   824  C  CG  . PHE A 1 111 ? 2.153   12.133  6.643   1.00 34.32 ? 117  PHE A CG  1 
ATOM   825  C  CD1 . PHE A 1 111 ? 2.621   11.074  7.407   1.00 32.75 ? 117  PHE A CD1 1 
ATOM   826  C  CD2 . PHE A 1 111 ? 2.008   13.385  7.249   1.00 33.28 ? 117  PHE A CD2 1 
ATOM   827  C  CE1 . PHE A 1 111 ? 2.946   11.254  8.740   1.00 33.15 ? 117  PHE A CE1 1 
ATOM   828  C  CE2 . PHE A 1 111 ? 2.322   13.564  8.581   1.00 32.77 ? 117  PHE A CE2 1 
ATOM   829  C  CZ  . PHE A 1 111 ? 2.789   12.499  9.333   1.00 32.42 ? 117  PHE A CZ  1 
ATOM   830  N  N   . ILE A 1 112 ? 2.672   10.121  2.759   1.00 38.56 ? 118  ILE A N   1 
ATOM   831  C  CA  . ILE A 1 112 ? 2.368   9.450   1.495   1.00 38.67 ? 118  ILE A CA  1 
ATOM   832  C  C   . ILE A 1 112 ? 1.232   8.450   1.688   1.00 38.08 ? 118  ILE A C   1 
ATOM   833  O  O   . ILE A 1 112 ? 1.254   7.658   2.635   1.00 41.18 ? 118  ILE A O   1 
ATOM   834  C  CB  . ILE A 1 112 ? 3.584   8.662   0.973   1.00 37.71 ? 118  ILE A CB  1 
ATOM   835  C  CG1 . ILE A 1 112 ? 4.819   9.564   0.873   1.00 36.91 ? 118  ILE A CG1 1 
ATOM   836  C  CG2 . ILE A 1 112 ? 3.261   8.031   -0.371  1.00 38.10 ? 118  ILE A CG2 1 
ATOM   837  C  CD1 . ILE A 1 112 ? 6.100   8.814   0.595   1.00 34.59 ? 118  ILE A CD1 1 
ATOM   838  N  N   . GLU A 1 113 ? 0.248   8.494   0.800   1.00 35.65 ? 119  GLU A N   1 
ATOM   839  C  CA  . GLU A 1 113 ? -0.829  7.523   0.798   1.00 36.60 ? 119  GLU A CA  1 
ATOM   840  C  C   . GLU A 1 113 ? -0.686  6.649   -0.456  1.00 36.44 ? 119  GLU A C   1 
ATOM   841  O  O   . GLU A 1 113 ? -0.902  7.117   -1.581  1.00 34.74 ? 119  GLU A O   1 
ATOM   842  C  CB  . GLU A 1 113 ? -2.190  8.225   0.850   1.00 37.77 ? 119  GLU A CB  1 
ATOM   843  C  CG  . GLU A 1 113 ? -3.409  7.315   0.672   1.00 39.18 ? 119  GLU A CG  1 
ATOM   844  C  CD  . GLU A 1 113 ? -3.370  6.055   1.523   1.00 38.77 ? 119  GLU A CD  1 
ATOM   845  O  OE1 . GLU A 1 113 ? -2.920  6.119   2.682   1.00 39.21 ? 119  GLU A OE1 1 
ATOM   846  O  OE2 . GLU A 1 113 ? -3.790  4.994   1.030   1.00 40.00 ? 119  GLU A OE2 1 
ATOM   847  N  N   . ILE A 1 114 ? -0.275  5.396   -0.244  1.00 33.45 ? 120  ILE A N   1 
ATOM   848  C  CA  . ILE A 1 114 ? -0.104  4.448   -1.311  1.00 31.93 ? 120  ILE A CA  1 
ATOM   849  C  C   . ILE A 1 114 ? -1.483  3.875   -1.645  1.00 33.58 ? 120  ILE A C   1 
ATOM   850  O  O   . ILE A 1 114 ? -2.270  3.532   -0.752  1.00 31.17 ? 120  ILE A O   1 
ATOM   851  C  CB  . ILE A 1 114 ? 0.808   3.272   -0.912  1.00 32.43 ? 120  ILE A CB  1 
ATOM   852  C  CG1 . ILE A 1 114 ? 2.189   3.744   -0.458  1.00 33.07 ? 120  ILE A CG1 1 
ATOM   853  C  CG2 . ILE A 1 114 ? 0.918   2.262   -2.047  1.00 31.91 ? 120  ILE A CG2 1 
ATOM   854  C  CD1 . ILE A 1 114 ? 2.922   4.618   -1.441  1.00 32.81 ? 120  ILE A CD1 1 
ATOM   855  N  N   . GLY A 1 115 ? -1.771  3.797   -2.939  1.00 33.72 ? 121  GLY A N   1 
ATOM   856  C  CA  . GLY A 1 115 ? -2.924  3.068   -3.432  1.00 33.68 ? 121  GLY A CA  1 
ATOM   857  C  C   . GLY A 1 115 ? -2.463  1.984   -4.384  1.00 32.87 ? 121  GLY A C   1 
ATOM   858  O  O   . GLY A 1 115 ? -1.460  2.140   -5.060  1.00 32.14 ? 121  GLY A O   1 
ATOM   859  N  N   . VAL A 1 116 ? -3.180  0.868   -4.411  1.00 34.33 ? 122  VAL A N   1 
ATOM   860  C  CA  . VAL A 1 116 ? -2.908  -0.213  -5.356  1.00 33.42 ? 122  VAL A CA  1 
ATOM   861  C  C   . VAL A 1 116 ? -4.243  -0.650  -5.926  1.00 34.32 ? 122  VAL A C   1 
ATOM   862  O  O   . VAL A 1 116 ? -5.112  -1.052  -5.180  1.00 34.15 ? 122  VAL A O   1 
ATOM   863  C  CB  . VAL A 1 116 ? -2.235  -1.402  -4.676  1.00 31.91 ? 122  VAL A CB  1 
ATOM   864  C  CG1 . VAL A 1 116 ? -1.861  -2.448  -5.719  1.00 31.89 ? 122  VAL A CG1 1 
ATOM   865  C  CG2 . VAL A 1 116 ? -1.016  -0.939  -3.901  1.00 30.32 ? 122  VAL A CG2 1 
ATOM   866  N  N   . THR A 1 117 ? -4.431  -0.526  -7.231  1.00 37.20 ? 123  THR A N   1 
ATOM   867  C  CA  . THR A 1 117 ? -5.722  -0.864  -7.840  1.00 40.95 ? 123  THR A CA  1 
ATOM   868  C  C   . THR A 1 117 ? -5.517  -1.818  -8.987  1.00 41.26 ? 123  THR A C   1 
ATOM   869  O  O   . THR A 1 117 ? -4.452  -1.832  -9.577  1.00 40.51 ? 123  THR A O   1 
ATOM   870  C  CB  . THR A 1 117 ? -6.465  0.391   -8.361  1.00 42.08 ? 123  THR A CB  1 
ATOM   871  O  OG1 . THR A 1 117 ? -7.828  0.049   -8.634  1.00 45.25 ? 123  THR A OG1 1 
ATOM   872  C  CG2 . THR A 1 117 ? -5.828  0.955   -9.640  1.00 39.27 ? 123  THR A CG2 1 
ATOM   873  N  N   . ARG A 1 118 ? -6.526  -2.616  -9.307  1.00 43.43 ? 124  ARG A N   1 
ATOM   874  C  CA  . ARG A 1 118 ? -6.444  -3.439  -10.520 1.00 47.88 ? 124  ARG A CA  1 
ATOM   875  C  C   . ARG A 1 118 ? -7.308  -2.857  -11.660 1.00 50.80 ? 124  ARG A C   1 
ATOM   876  O  O   . ARG A 1 118 ? -7.465  -3.475  -12.717 1.00 48.05 ? 124  ARG A O   1 
ATOM   877  C  CB  . ARG A 1 118 ? -6.711  -4.934  -10.244 1.00 47.72 ? 124  ARG A CB  1 
ATOM   878  C  CG  . ARG A 1 118 ? -7.826  -5.281  -9.269  1.00 46.26 ? 124  ARG A CG  1 
ATOM   879  C  CD  . ARG A 1 118 ? -7.324  -5.569  -7.864  1.00 44.16 ? 124  ARG A CD  1 
ATOM   880  N  NE  . ARG A 1 118 ? -8.290  -6.383  -7.128  1.00 43.60 ? 124  ARG A NE  1 
ATOM   881  C  CZ  . ARG A 1 118 ? -8.978  -6.007  -6.049  1.00 45.98 ? 124  ARG A CZ  1 
ATOM   882  N  NH1 . ARG A 1 118 ? -8.825  -4.796  -5.518  1.00 47.90 ? 124  ARG A NH1 1 
ATOM   883  N  NH2 . ARG A 1 118 ? -9.832  -6.857  -5.479  1.00 45.71 ? 124  ARG A NH2 1 
ATOM   884  N  N   . ARG A 1 119 ? -7.815  -1.647  -11.430 1.00 53.92 ? 125  ARG A N   1 
ATOM   885  C  CA  . ARG A 1 119 ? -8.442  -0.822  -12.454 1.00 59.08 ? 125  ARG A CA  1 
ATOM   886  C  C   . ARG A 1 119 ? -7.436  0.200   -13.024 1.00 62.88 ? 125  ARG A C   1 
ATOM   887  O  O   . ARG A 1 119 ? -6.216  0.025   -12.881 1.00 59.67 ? 125  ARG A O   1 
ATOM   888  C  CB  . ARG A 1 119 ? -9.662  -0.126  -11.858 1.00 61.01 ? 125  ARG A CB  1 
ATOM   889  C  CG  . ARG A 1 119 ? -10.775 -1.090  -11.501 1.00 64.41 ? 125  ARG A CG  1 
ATOM   890  C  CD  . ARG A 1 119 ? -11.978 -0.333  -10.974 1.00 69.51 ? 125  ARG A CD  1 
ATOM   891  N  NE  . ARG A 1 119 ? -11.706 0.285   -9.674  1.00 72.48 ? 125  ARG A NE  1 
ATOM   892  C  CZ  . ARG A 1 119 ? -12.334 1.353   -9.183  1.00 72.17 ? 125  ARG A CZ  1 
ATOM   893  N  NH1 . ARG A 1 119 ? -13.285 1.968   -9.877  1.00 72.41 ? 125  ARG A NH1 1 
ATOM   894  N  NH2 . ARG A 1 119 ? -11.999 1.821   -7.985  1.00 72.97 ? 125  ARG A NH2 1 
ATOM   895  N  N   . GLU A 1 120 ? -7.941  1.242   -13.695 1.00 68.48 ? 126  GLU A N   1 
ATOM   896  C  CA  . GLU A 1 120 ? -7.085  2.307   -14.242 1.00 69.67 ? 126  GLU A CA  1 
ATOM   897  C  C   . GLU A 1 120 ? -6.760  3.337   -13.163 1.00 66.00 ? 126  GLU A C   1 
ATOM   898  O  O   . GLU A 1 120 ? -7.656  3.821   -12.461 1.00 61.31 ? 126  GLU A O   1 
ATOM   899  C  CB  . GLU A 1 120 ? -7.742  3.023   -15.432 1.00 71.88 ? 126  GLU A CB  1 
ATOM   900  C  CG  . GLU A 1 120 ? -8.318  2.118   -16.511 1.00 72.10 ? 126  GLU A CG  1 
ATOM   901  C  CD  . GLU A 1 120 ? -9.835  2.179   -16.573 1.00 74.84 ? 126  GLU A CD  1 
ATOM   902  O  OE1 . GLU A 1 120 ? -10.491 2.170   -15.503 1.00 76.19 ? 126  GLU A OE1 1 
ATOM   903  O  OE2 . GLU A 1 120 ? -10.372 2.250   -17.697 1.00 74.69 ? 126  GLU A OE2 1 
ATOM   904  N  N   . VAL A 1 121 ? -5.475  3.673   -13.060 1.00 63.94 ? 127  VAL A N   1 
ATOM   905  C  CA  . VAL A 1 121 ? -4.977  4.537   -11.992 1.00 62.96 ? 127  VAL A CA  1 
ATOM   906  C  C   . VAL A 1 121 ? -5.789  5.823   -11.824 1.00 63.20 ? 127  VAL A C   1 
ATOM   907  O  O   . VAL A 1 121 ? -6.198  6.153   -10.711 1.00 61.75 ? 127  VAL A O   1 
ATOM   908  C  CB  . VAL A 1 121 ? -3.486  4.892   -12.188 1.00 61.91 ? 127  VAL A CB  1 
ATOM   909  C  CG1 . VAL A 1 121 ? -2.621  3.648   -12.071 1.00 65.71 ? 127  VAL A CG1 1 
ATOM   910  C  CG2 . VAL A 1 121 ? -3.247  5.579   -13.526 1.00 63.24 ? 127  VAL A CG2 1 
ATOM   911  N  N   . HIS A 1 122 ? -6.050  6.519   -12.930 1.00 67.04 ? 128  HIS A N   1 
ATOM   912  C  CA  . HIS A 1 122 ? -6.613  7.875   -12.890 1.00 70.65 ? 128  HIS A CA  1 
ATOM   913  C  C   . HIS A 1 122 ? -7.876  7.956   -12.076 1.00 69.65 ? 128  HIS A C   1 
ATOM   914  O  O   . HIS A 1 122 ? -8.064  8.916   -11.329 1.00 70.38 ? 128  HIS A O   1 
ATOM   915  C  CB  . HIS A 1 122 ? -6.819  8.445   -14.302 1.00 77.04 ? 128  HIS A CB  1 
ATOM   916  C  CG  . HIS A 1 122 ? -7.872  7.719   -15.130 1.00 84.75 ? 128  HIS A CG  1 
ATOM   917  N  ND1 . HIS A 1 122 ? -7.667  6.494   -15.668 1.00 84.24 ? 128  HIS A ND1 1 
ATOM   918  C  CD2 . HIS A 1 122 ? -9.157  8.110   -15.523 1.00 87.61 ? 128  HIS A CD2 1 
ATOM   919  C  CE1 . HIS A 1 122 ? -8.766  6.115   -16.352 1.00 86.19 ? 128  HIS A CE1 1 
ATOM   920  N  NE2 . HIS A 1 122 ? -9.676  7.104   -16.264 1.00 90.36 ? 128  HIS A NE2 1 
ATOM   921  N  N   . ILE A 1 123 ? -8.726  6.934   -12.170 1.00 66.94 ? 129  ILE A N   1 
ATOM   922  C  CA  . ILE A 1 123 ? -9.983  6.916   -11.416 1.00 64.43 ? 129  ILE A CA  1 
ATOM   923  C  C   . ILE A 1 123 ? -9.728  6.624   -9.939  1.00 60.73 ? 129  ILE A C   1 
ATOM   924  O  O   . ILE A 1 123 ? -10.310 7.270   -9.069  1.00 59.70 ? 129  ILE A O   1 
ATOM   925  C  CB  . ILE A 1 123 ? -10.991 5.864   -11.930 1.00 67.48 ? 129  ILE A CB  1 
ATOM   926  C  CG1 . ILE A 1 123 ? -10.953 5.731   -13.465 1.00 70.85 ? 129  ILE A CG1 1 
ATOM   927  C  CG2 . ILE A 1 123 ? -12.392 6.230   -11.443 1.00 63.32 ? 129  ILE A CG2 1 
ATOM   928  C  CD1 . ILE A 1 123 ? -11.962 4.744   -14.020 1.00 72.18 ? 129  ILE A CD1 1 
ATOM   929  N  N   . TYR A 1 124 ? -8.873  5.639   -9.659  1.00 58.46 ? 130  TYR A N   1 
ATOM   930  C  CA  . TYR A 1 124 ? -8.573  5.269   -8.270  1.00 56.77 ? 130  TYR A CA  1 
ATOM   931  C  C   . TYR A 1 124 ? -7.880  6.421   -7.549  1.00 53.34 ? 130  TYR A C   1 
ATOM   932  O  O   . TYR A 1 124 ? -8.198  6.722   -6.405  1.00 52.50 ? 130  TYR A O   1 
ATOM   933  C  CB  . TYR A 1 124 ? -7.728  3.996   -8.180  1.00 52.05 ? 130  TYR A CB  1 
ATOM   934  C  CG  . TYR A 1 124 ? -7.632  3.441   -6.766  1.00 51.65 ? 130  TYR A CG  1 
ATOM   935  C  CD1 . TYR A 1 124 ? -8.726  2.818   -6.156  1.00 51.97 ? 130  TYR A CD1 1 
ATOM   936  C  CD2 . TYR A 1 124 ? -6.448  3.530   -6.036  1.00 50.11 ? 130  TYR A CD2 1 
ATOM   937  C  CE1 . TYR A 1 124 ? -8.639  2.308   -4.859  1.00 49.09 ? 130  TYR A CE1 1 
ATOM   938  C  CE2 . TYR A 1 124 ? -6.354  3.014   -4.749  1.00 47.24 ? 130  TYR A CE2 1 
ATOM   939  C  CZ  . TYR A 1 124 ? -7.445  2.411   -4.161  1.00 46.97 ? 130  TYR A CZ  1 
ATOM   940  O  OH  . TYR A 1 124 ? -7.331  1.911   -2.883  1.00 42.48 ? 130  TYR A OH  1 
ATOM   941  N  N   . TYR A 1 125 ? -6.948  7.068   -8.234  1.00 52.12 ? 131  TYR A N   1 
ATOM   942  C  CA  . TYR A 1 125 ? -6.344  8.292   -7.739  1.00 52.55 ? 131  TYR A CA  1 
ATOM   943  C  C   . TYR A 1 125 ? -7.403  9.288   -7.247  1.00 56.42 ? 131  TYR A C   1 
ATOM   944  O  O   . TYR A 1 125 ? -7.331  9.790   -6.119  1.00 57.07 ? 131  TYR A O   1 
ATOM   945  C  CB  . TYR A 1 125 ? -5.515  8.938   -8.841  1.00 50.54 ? 131  TYR A CB  1 
ATOM   946  C  CG  . TYR A 1 125 ? -4.780  10.165  -8.387  1.00 48.74 ? 131  TYR A CG  1 
ATOM   947  C  CD1 . TYR A 1 125 ? -5.440  11.389  -8.253  1.00 48.78 ? 131  TYR A CD1 1 
ATOM   948  C  CD2 . TYR A 1 125 ? -3.430  10.106  -8.076  1.00 47.05 ? 131  TYR A CD2 1 
ATOM   949  C  CE1 . TYR A 1 125 ? -4.766  12.520  -7.831  1.00 48.41 ? 131  TYR A CE1 1 
ATOM   950  C  CE2 . TYR A 1 125 ? -2.744  11.229  -7.654  1.00 48.52 ? 131  TYR A CE2 1 
ATOM   951  C  CZ  . TYR A 1 125 ? -3.419  12.435  -7.530  1.00 49.45 ? 131  TYR A CZ  1 
ATOM   952  O  OH  . TYR A 1 125 ? -2.745  13.558  -7.113  1.00 51.60 ? 131  TYR A OH  1 
ATOM   953  N  N   . LEU A 1 126 ? -8.381  9.571   -8.100  1.00 59.84 ? 132  LEU A N   1 
ATOM   954  C  CA  . LEU A 1 126 ? -9.418  10.534  -7.763  1.00 63.55 ? 132  LEU A CA  1 
ATOM   955  C  C   . LEU A 1 126 ? -10.239 10.106  -6.546  1.00 66.67 ? 132  LEU A C   1 
ATOM   956  O  O   . LEU A 1 126 ? -10.525 10.925  -5.677  1.00 72.09 ? 132  LEU A O   1 
ATOM   957  C  CB  . LEU A 1 126 ? -10.330 10.782  -8.966  1.00 64.56 ? 132  LEU A CB  1 
ATOM   958  C  CG  . LEU A 1 126 ? -9.656  11.531  -10.124 1.00 66.23 ? 132  LEU A CG  1 
ATOM   959  C  CD1 . LEU A 1 126 ? -10.495 11.420  -11.392 1.00 65.94 ? 132  LEU A CD1 1 
ATOM   960  C  CD2 . LEU A 1 126 ? -9.389  12.987  -9.767  1.00 63.18 ? 132  LEU A CD2 1 
ATOM   961  N  N   . GLU A 1 127 ? -10.606 8.829   -6.469  1.00 69.51 ? 133  GLU A N   1 
ATOM   962  C  CA  . GLU A 1 127 ? -11.366 8.329   -5.314  1.00 67.72 ? 133  GLU A CA  1 
ATOM   963  C  C   . GLU A 1 127 ? -10.550 8.457   -4.022  1.00 65.67 ? 133  GLU A C   1 
ATOM   964  O  O   . GLU A 1 127 ? -11.096 8.779   -2.962  1.00 64.39 ? 133  GLU A O   1 
ATOM   965  C  CB  . GLU A 1 127 ? -11.812 6.879   -5.535  1.00 68.78 ? 133  GLU A CB  1 
ATOM   966  C  CG  . GLU A 1 127 ? -12.807 6.710   -6.682  1.00 71.20 ? 133  GLU A CG  1 
ATOM   967  C  CD  . GLU A 1 127 ? -13.218 5.261   -6.930  1.00 72.94 ? 133  GLU A CD  1 
ATOM   968  O  OE1 . GLU A 1 127 ? -12.820 4.372   -6.144  1.00 74.48 ? 133  GLU A OE1 1 
ATOM   969  O  OE2 . GLU A 1 127 ? -13.944 5.004   -7.918  1.00 70.00 ? 133  GLU A OE2 1 
ATOM   970  N  N   . LYS A 1 128 ? -9.243  8.223   -4.122  1.00 62.28 ? 134  LYS A N   1 
ATOM   971  C  CA  . LYS A 1 128 ? -8.346  8.417   -2.988  1.00 61.23 ? 134  LYS A CA  1 
ATOM   972  C  C   . LYS A 1 128 ? -8.330  9.871   -2.547  1.00 61.02 ? 134  LYS A C   1 
ATOM   973  O  O   . LYS A 1 128 ? -8.606  10.161  -1.387  1.00 62.73 ? 134  LYS A O   1 
ATOM   974  C  CB  . LYS A 1 128 ? -6.914  7.981   -3.319  1.00 58.58 ? 134  LYS A CB  1 
ATOM   975  C  CG  . LYS A 1 128 ? -6.621  6.522   -3.043  1.00 56.63 ? 134  LYS A CG  1 
ATOM   976  C  CD  . LYS A 1 128 ? -6.507  6.217   -1.557  1.00 52.82 ? 134  LYS A CD  1 
ATOM   977  C  CE  . LYS A 1 128 ? -6.175  4.752   -1.345  1.00 50.06 ? 134  LYS A CE  1 
ATOM   978  N  NZ  . LYS A 1 128 ? -6.932  4.180   -0.202  1.00 50.15 ? 134  LYS A NZ  1 
ATOM   979  N  N   . ALA A 1 129 ? -7.995  10.771  -3.473  1.00 59.81 ? 135  ALA A N   1 
ATOM   980  C  CA  . ALA A 1 129 ? -7.861  12.202  -3.163  1.00 61.75 ? 135  ALA A CA  1 
ATOM   981  C  C   . ALA A 1 129 ? -9.092  12.760  -2.447  1.00 62.85 ? 135  ALA A C   1 
ATOM   982  O  O   . ALA A 1 129 ? -8.969  13.453  -1.434  1.00 63.63 ? 135  ALA A O   1 
ATOM   983  C  CB  . ALA A 1 129 ? -7.583  12.997  -4.430  1.00 60.27 ? 135  ALA A CB  1 
ATOM   984  N  N   . ASN A 1 130 ? -10.273 12.434  -2.965  1.00 65.59 ? 136  ASN A N   1 
ATOM   985  C  CA  . ASN A 1 130 ? -11.534 12.829  -2.332  1.00 69.86 ? 136  ASN A CA  1 
ATOM   986  C  C   . ASN A 1 130 ? -11.678 12.343  -0.887  1.00 71.98 ? 136  ASN A C   1 
ATOM   987  O  O   . ASN A 1 130 ? -12.157 13.087  -0.039  1.00 77.05 ? 136  ASN A O   1 
ATOM   988  C  CB  . ASN A 1 130 ? -12.727 12.346  -3.160  1.00 69.39 ? 136  ASN A CB  1 
ATOM   989  C  CG  . ASN A 1 130 ? -12.836 13.059  -4.498  1.00 72.87 ? 136  ASN A CG  1 
ATOM   990  O  OD1 . ASN A 1 130 ? -11.970 13.859  -4.873  1.00 71.63 ? 136  ASN A OD1 1 
ATOM   991  N  ND2 . ASN A 1 130 ? -13.907 12.768  -5.233  1.00 74.79 ? 136  ASN A ND2 1 
ATOM   992  N  N   . LYS A 1 131 ? -11.255 11.112  -0.607  1.00 72.37 ? 137  LYS A N   1 
ATOM   993  C  CA  . LYS A 1 131 ? -11.333 10.563  0.750   1.00 73.30 ? 137  LYS A CA  1 
ATOM   994  C  C   . LYS A 1 131 ? -10.402 11.257  1.765   1.00 73.70 ? 137  LYS A C   1 
ATOM   995  O  O   . LYS A 1 131 ? -10.617 11.143  2.968   1.00 76.90 ? 137  LYS A O   1 
ATOM   996  C  CB  . LYS A 1 131 ? -11.082 9.048   0.740   1.00 74.71 ? 137  LYS A CB  1 
ATOM   997  C  CG  . LYS A 1 131 ? -11.188 8.401   2.116   1.00 75.98 ? 137  LYS A CG  1 
ATOM   998  C  CD  . LYS A 1 131 ? -11.460 6.904   2.067   1.00 76.78 ? 137  LYS A CD  1 
ATOM   999  C  CE  . LYS A 1 131 ? -11.402 6.309   3.472   1.00 78.26 ? 137  LYS A CE  1 
ATOM   1000 N  NZ  . LYS A 1 131 ? -12.018 4.954   3.569   1.00 80.18 ? 137  LYS A NZ  1 
ATOM   1001 N  N   . ILE A 1 132 ? -9.384  11.977  1.295   1.00 75.11 ? 138  ILE A N   1 
ATOM   1002 C  CA  . ILE A 1 132 ? -8.510  12.751  2.195   1.00 74.54 ? 138  ILE A CA  1 
ATOM   1003 C  C   . ILE A 1 132 ? -9.053  14.181  2.362   1.00 71.61 ? 138  ILE A C   1 
ATOM   1004 O  O   . ILE A 1 132 ? -8.305  15.167  2.360   1.00 64.91 ? 138  ILE A O   1 
ATOM   1005 C  CB  . ILE A 1 132 ? -7.049  12.801  1.686   1.00 74.99 ? 138  ILE A CB  1 
ATOM   1006 C  CG1 . ILE A 1 132 ? -6.520  11.400  1.372   1.00 70.68 ? 138  ILE A CG1 1 
ATOM   1007 C  CG2 . ILE A 1 132 ? -6.151  13.450  2.727   1.00 80.29 ? 138  ILE A CG2 1 
ATOM   1008 C  CD1 . ILE A 1 132 ? -5.082  11.392  0.907   1.00 67.91 ? 138  ILE A CD1 1 
ATOM   1009 N  N   . GLU A 1 135 ? -5.445  16.370  2.513   1.00 68.05 ? 141  GLU A N   1 
ATOM   1010 C  CA  . GLU A 1 135 ? -5.252  17.067  1.242   1.00 71.43 ? 141  GLU A CA  1 
ATOM   1011 C  C   . GLU A 1 135 ? -3.790  17.412  0.954   1.00 68.07 ? 141  GLU A C   1 
ATOM   1012 O  O   . GLU A 1 135 ? -3.409  17.589  -0.203  1.00 64.78 ? 141  GLU A O   1 
ATOM   1013 C  CB  . GLU A 1 135 ? -6.085  18.350  1.201   1.00 74.38 ? 141  GLU A CB  1 
ATOM   1014 C  CG  . GLU A 1 135 ? -5.698  19.282  0.058   1.00 78.45 ? 141  GLU A CG  1 
ATOM   1015 C  CD  . GLU A 1 135 ? -6.654  20.437  -0.134  1.00 81.57 ? 141  GLU A CD  1 
ATOM   1016 O  OE1 . GLU A 1 135 ? -7.881  20.240  0.006   1.00 84.11 ? 141  GLU A OE1 1 
ATOM   1017 O  OE2 . GLU A 1 135 ? -6.167  21.545  -0.446  1.00 80.04 ? 141  GLU A OE2 1 
ATOM   1018 N  N   . LYS A 1 136 ? -2.988  17.538  2.007   1.00 66.86 ? 142  LYS A N   1 
ATOM   1019 C  CA  . LYS A 1 136 ? -1.558  17.807  1.863   1.00 65.47 ? 142  LYS A CA  1 
ATOM   1020 C  C   . LYS A 1 136 ? -0.742  16.513  1.835   1.00 60.09 ? 142  LYS A C   1 
ATOM   1021 O  O   . LYS A 1 136 ? 0.489   16.555  1.799   1.00 54.04 ? 142  LYS A O   1 
ATOM   1022 C  CB  . LYS A 1 136 ? -1.081  18.697  3.003   1.00 68.38 ? 142  LYS A CB  1 
ATOM   1023 C  CG  . LYS A 1 136 ? -1.944  19.931  3.202   1.00 73.29 ? 142  LYS A CG  1 
ATOM   1024 C  CD  . LYS A 1 136 ? -1.278  20.930  4.135   1.00 77.10 ? 142  LYS A CD  1 
ATOM   1025 C  CE  . LYS A 1 136 ? -2.174  22.134  4.368   1.00 79.20 ? 142  LYS A CE  1 
ATOM   1026 N  NZ  . LYS A 1 136 ? -1.719  22.962  5.516   1.00 80.93 ? 142  LYS A NZ  1 
ATOM   1027 N  N   . THR A 1 137 ? -1.442  15.375  1.856   1.00 57.18 ? 143  THR A N   1 
ATOM   1028 C  CA  . THR A 1 137 ? -0.825  14.054  1.771   1.00 53.86 ? 143  THR A CA  1 
ATOM   1029 C  C   . THR A 1 137 ? -0.521  13.731  0.324   1.00 51.45 ? 143  THR A C   1 
ATOM   1030 O  O   . THR A 1 137 ? -1.401  13.794  -0.527  1.00 51.01 ? 143  THR A O   1 
ATOM   1031 C  CB  . THR A 1 137 ? -1.774  12.947  2.280   1.00 54.44 ? 143  THR A CB  1 
ATOM   1032 O  OG1 . THR A 1 137 ? -2.375  13.352  3.513   1.00 57.38 ? 143  THR A OG1 1 
ATOM   1033 C  CG2 . THR A 1 137 ? -1.026  11.648  2.487   1.00 53.16 ? 143  THR A CG2 1 
ATOM   1034 N  N   . HIS A 1 138 ? 0.717   13.356  0.056   1.00 48.92 ? 144  HIS A N   1 
ATOM   1035 C  CA  . HIS A 1 138 ? 1.123   12.959  -1.284  1.00 49.98 ? 144  HIS A CA  1 
ATOM   1036 C  C   . HIS A 1 138 ? 0.621   11.563  -1.642  1.00 48.06 ? 144  HIS A C   1 
ATOM   1037 O  O   . HIS A 1 138 ? 0.955   10.583  -0.987  1.00 46.55 ? 144  HIS A O   1 
ATOM   1038 C  CB  . HIS A 1 138 ? 2.638   13.017  -1.361  1.00 50.57 ? 144  HIS A CB  1 
ATOM   1039 C  CG  . HIS A 1 138 ? 3.176   13.023  -2.760  1.00 52.55 ? 144  HIS A CG  1 
ATOM   1040 N  ND1 . HIS A 1 138 ? 3.531   14.153  -3.386  1.00 51.78 ? 144  HIS A ND1 1 
ATOM   1041 C  CD2 . HIS A 1 138 ? 3.424   11.980  -3.650  1.00 54.41 ? 144  HIS A CD2 1 
ATOM   1042 C  CE1 . HIS A 1 138 ? 3.990   13.857  -4.609  1.00 54.01 ? 144  HIS A CE1 1 
ATOM   1043 N  NE2 . HIS A 1 138 ? 3.922   12.523  -4.772  1.00 53.42 ? 144  HIS A NE2 1 
ATOM   1044 N  N   . ILE A 1 139 ? -0.184  11.470  -2.693  1.00 45.47 ? 145  ILE A N   1 
ATOM   1045 C  CA  . ILE A 1 139 ? -0.779  10.202  -3.126  1.00 45.05 ? 145  ILE A CA  1 
ATOM   1046 C  C   . ILE A 1 139 ? 0.068   9.548   -4.220  1.00 44.99 ? 145  ILE A C   1 
ATOM   1047 O  O   . ILE A 1 139 ? 0.533   10.225  -5.121  1.00 44.95 ? 145  ILE A O   1 
ATOM   1048 C  CB  . ILE A 1 139 ? -2.210  10.422  -3.673  1.00 42.86 ? 145  ILE A CB  1 
ATOM   1049 C  CG1 . ILE A 1 139 ? -3.119  11.035  -2.593  1.00 42.67 ? 145  ILE A CG1 1 
ATOM   1050 C  CG2 . ILE A 1 139 ? -2.797  9.120   -4.183  1.00 40.33 ? 145  ILE A CG2 1 
ATOM   1051 C  CD1 . ILE A 1 139 ? -4.386  11.681  -3.125  1.00 42.43 ? 145  ILE A CD1 1 
ATOM   1052 N  N   . HIS A 1 140 ? 0.268   8.236   -4.130  1.00 47.21 ? 146  HIS A N   1 
ATOM   1053 C  CA  . HIS A 1 140 ? 0.985   7.476   -5.166  1.00 46.76 ? 146  HIS A CA  1 
ATOM   1054 C  C   . HIS A 1 140 ? 0.259   6.185   -5.428  1.00 46.73 ? 146  HIS A C   1 
ATOM   1055 O  O   . HIS A 1 140 ? 0.137   5.347   -4.538  1.00 46.03 ? 146  HIS A O   1 
ATOM   1056 C  CB  . HIS A 1 140 ? 2.415   7.203   -4.724  1.00 47.30 ? 146  HIS A CB  1 
ATOM   1057 C  CG  . HIS A 1 140 ? 3.343   6.766   -5.841  1.00 47.56 ? 146  HIS A CG  1 
ATOM   1058 N  ND1 . HIS A 1 140 ? 4.611   7.208   -5.937  1.00 46.91 ? 146  HIS A ND1 1 
ATOM   1059 C  CD2 . HIS A 1 140 ? 3.150   5.890   -6.911  1.00 46.60 ? 146  HIS A CD2 1 
ATOM   1060 C  CE1 . HIS A 1 140 ? 5.201   6.641   -7.009  1.00 47.07 ? 146  HIS A CE1 1 
ATOM   1061 N  NE2 . HIS A 1 140 ? 4.309   5.838   -7.604  1.00 45.39 ? 146  HIS A NE2 1 
ATOM   1062 N  N   . ILE A 1 141 ? -0.250  6.031   -6.649  1.00 45.83 ? 147  ILE A N   1 
ATOM   1063 C  CA  . ILE A 1 141 ? -1.041  4.865   -7.030  1.00 44.70 ? 147  ILE A CA  1 
ATOM   1064 C  C   . ILE A 1 141 ? -0.245  3.964   -7.969  1.00 46.29 ? 147  ILE A C   1 
ATOM   1065 O  O   . ILE A 1 141 ? 0.499   4.435   -8.835  1.00 43.41 ? 147  ILE A O   1 
ATOM   1066 C  CB  . ILE A 1 141 ? -2.352  5.275   -7.727  1.00 45.48 ? 147  ILE A CB  1 
ATOM   1067 C  CG1 . ILE A 1 141 ? -3.077  6.355   -6.914  1.00 46.85 ? 147  ILE A CG1 1 
ATOM   1068 C  CG2 . ILE A 1 141 ? -3.265  4.071   -7.928  1.00 43.30 ? 147  ILE A CG2 1 
ATOM   1069 C  CD1 . ILE A 1 141 ? -3.366  5.964   -5.480  1.00 45.30 ? 147  ILE A CD1 1 
ATOM   1070 N  N   . PHE A 1 142 ? -0.380  2.661   -7.756  1.00 47.09 ? 148  PHE A N   1 
ATOM   1071 C  CA  . PHE A 1 142 ? 0.165   1.650   -8.646  1.00 45.93 ? 148  PHE A CA  1 
ATOM   1072 C  C   . PHE A 1 142 ? -1.008  0.828   -9.121  1.00 46.15 ? 148  PHE A C   1 
ATOM   1073 O  O   . PHE A 1 142 ? -2.066  0.842   -8.500  1.00 44.79 ? 148  PHE A O   1 
ATOM   1074 C  CB  . PHE A 1 142 ? 1.149   0.751   -7.906  1.00 45.15 ? 148  PHE A CB  1 
ATOM   1075 C  CG  . PHE A 1 142 ? 2.404   1.447   -7.489  1.00 45.35 ? 148  PHE A CG  1 
ATOM   1076 C  CD1 . PHE A 1 142 ? 3.472   1.551   -8.359  1.00 46.78 ? 148  PHE A CD1 1 
ATOM   1077 C  CD2 . PHE A 1 142 ? 2.522   2.001   -6.227  1.00 46.58 ? 148  PHE A CD2 1 
ATOM   1078 C  CE1 . PHE A 1 142 ? 4.638   2.200   -7.983  1.00 46.97 ? 148  PHE A CE1 1 
ATOM   1079 C  CE2 . PHE A 1 142 ? 3.686   2.648   -5.839  1.00 46.52 ? 148  PHE A CE2 1 
ATOM   1080 C  CZ  . PHE A 1 142 ? 4.745   2.749   -6.720  1.00 46.49 ? 148  PHE A CZ  1 
ATOM   1081 N  N   . SER A 1 143 ? -0.842  0.138   -10.241 1.00 50.82 ? 149  SER A N   1 
ATOM   1082 C  CA  . SER A 1 143 ? -1.856  -0.822  -10.671 1.00 50.78 ? 149  SER A CA  1 
ATOM   1083 C  C   . SER A 1 143 ? -1.219  -2.052  -11.272 1.00 48.62 ? 149  SER A C   1 
ATOM   1084 O  O   . SER A 1 143 ? -0.027  -2.061  -11.579 1.00 49.23 ? 149  SER A O   1 
ATOM   1085 C  CB  . SER A 1 143 ? -2.877  -0.186  -11.634 1.00 52.54 ? 149  SER A CB  1 
ATOM   1086 O  OG  . SER A 1 143 ? -2.235  0.531   -12.667 1.00 59.37 ? 149  SER A OG  1 
ATOM   1087 N  N   . PHE A 1 144 ? -2.025  -3.102  -11.386 1.00 47.79 ? 150  PHE A N   1 
ATOM   1088 C  CA  . PHE A 1 144 ? -1.583  -4.383  -11.927 1.00 47.65 ? 150  PHE A CA  1 
ATOM   1089 C  C   . PHE A 1 144 ? -1.459  -4.332  -13.450 1.00 49.71 ? 150  PHE A C   1 
ATOM   1090 O  O   . PHE A 1 144 ? -0.966  -5.276  -14.075 1.00 47.46 ? 150  PHE A O   1 
ATOM   1091 C  CB  . PHE A 1 144 ? -2.552  -5.491  -11.519 1.00 45.12 ? 150  PHE A CB  1 
ATOM   1092 C  CG  . PHE A 1 144 ? -2.315  -6.034  -10.137 1.00 42.35 ? 150  PHE A CG  1 
ATOM   1093 C  CD1 . PHE A 1 144 ? -1.430  -7.085  -9.936  1.00 40.49 ? 150  PHE A CD1 1 
ATOM   1094 C  CD2 . PHE A 1 144 ? -2.997  -5.509  -9.036  1.00 42.75 ? 150  PHE A CD2 1 
ATOM   1095 C  CE1 . PHE A 1 144 ? -1.215  -7.598  -8.668  1.00 40.81 ? 150  PHE A CE1 1 
ATOM   1096 C  CE2 . PHE A 1 144 ? -2.785  -6.020  -7.762  1.00 42.05 ? 150  PHE A CE2 1 
ATOM   1097 C  CZ  . PHE A 1 144 ? -1.892  -7.064  -7.580  1.00 41.28 ? 150  PHE A CZ  1 
ATOM   1098 N  N   . THR A 1 145 ? -1.922  -3.230  -14.036 1.00 52.11 ? 151  THR A N   1 
ATOM   1099 C  CA  . THR A 1 145 ? -1.726  -2.958  -15.454 1.00 53.10 ? 151  THR A CA  1 
ATOM   1100 C  C   . THR A 1 145 ? -0.293  -2.481  -15.747 1.00 52.92 ? 151  THR A C   1 
ATOM   1101 O  O   . THR A 1 145 ? 0.119   -2.450  -16.902 1.00 52.16 ? 151  THR A O   1 
ATOM   1102 C  CB  . THR A 1 145 ? -2.740  -1.905  -15.954 1.00 53.83 ? 151  THR A CB  1 
ATOM   1103 O  OG1 . THR A 1 145 ? -2.391  -0.609  -15.446 1.00 58.12 ? 151  THR A OG1 1 
ATOM   1104 C  CG2 . THR A 1 145 ? -4.163  -2.256  -15.509 1.00 51.04 ? 151  THR A CG2 1 
ATOM   1105 N  N   . GLY A 1 146 ? 0.450   -2.103  -14.702 1.00 53.23 ? 152  GLY A N   1 
ATOM   1106 C  CA  . GLY A 1 146 ? 1.856   -1.677  -14.828 1.00 52.37 ? 152  GLY A CA  1 
ATOM   1107 C  C   . GLY A 1 146 ? 2.012   -0.164  -14.760 1.00 54.22 ? 152  GLY A C   1 
ATOM   1108 O  O   . GLY A 1 146 ? 3.137   0.370   -14.740 1.00 53.81 ? 152  GLY A O   1 
ATOM   1109 N  N   . GLU A 1 147 ? 0.876   0.526   -14.713 1.00 53.39 ? 153  GLU A N   1 
ATOM   1110 C  CA  . GLU A 1 147 ? 0.854   1.975   -14.634 1.00 55.87 ? 153  GLU A CA  1 
ATOM   1111 C  C   . GLU A 1 147 ? 1.139   2.490   -13.224 1.00 55.70 ? 153  GLU A C   1 
ATOM   1112 O  O   . GLU A 1 147 ? 1.251   1.713   -12.262 1.00 54.19 ? 153  GLU A O   1 
ATOM   1113 C  CB  . GLU A 1 147 ? -0.517  2.486   -15.070 1.00 59.71 ? 153  GLU A CB  1 
ATOM   1114 C  CG  . GLU A 1 147 ? -0.880  2.109   -16.499 1.00 63.73 ? 153  GLU A CG  1 
ATOM   1115 C  CD  . GLU A 1 147 ? -2.344  2.335   -16.837 1.00 65.29 ? 153  GLU A CD  1 
ATOM   1116 O  OE1 . GLU A 1 147 ? -3.148  2.699   -15.940 1.00 64.86 ? 153  GLU A OE1 1 
ATOM   1117 O  OE2 . GLU A 1 147 ? -2.682  2.132   -18.022 1.00 67.82 ? 153  GLU A OE2 1 
ATOM   1118 N  N   . GLU A 1 148 ? 1.259   3.814   -13.125 1.00 54.77 ? 154  GLU A N   1 
ATOM   1119 C  CA  . GLU A 1 148 ? 1.301   4.509   -11.850 1.00 54.04 ? 154  GLU A CA  1 
ATOM   1120 C  C   . GLU A 1 148 ? 0.872   5.965   -11.966 1.00 54.83 ? 154  GLU A C   1 
ATOM   1121 O  O   . GLU A 1 148 ? 0.847   6.521   -13.052 1.00 56.71 ? 154  GLU A O   1 
ATOM   1122 C  CB  . GLU A 1 148 ? 2.690   4.426   -11.239 1.00 52.70 ? 154  GLU A CB  1 
ATOM   1123 C  CG  . GLU A 1 148 ? 3.821   4.720   -12.203 1.00 53.62 ? 154  GLU A CG  1 
ATOM   1124 C  CD  . GLU A 1 148 ? 5.132   4.973   -11.487 1.00 52.03 ? 154  GLU A CD  1 
ATOM   1125 O  OE1 . GLU A 1 148 ? 5.180   4.787   -10.257 1.00 51.37 ? 154  GLU A OE1 1 
ATOM   1126 O  OE2 . GLU A 1 148 ? 6.109   5.369   -12.152 1.00 52.71 ? 154  GLU A OE2 1 
ATOM   1127 N  N   . MET A 1 149 ? 0.519   6.570   -10.837 1.00 55.29 ? 155  MET A N   1 
ATOM   1128 C  CA  . MET A 1 149 ? 0.154   7.974   -10.800 1.00 53.18 ? 155  MET A CA  1 
ATOM   1129 C  C   . MET A 1 149 ? 0.364   8.563   -9.413  1.00 53.45 ? 155  MET A C   1 
ATOM   1130 O  O   . MET A 1 149 ? -0.149  8.021   -8.438  1.00 53.61 ? 155  MET A O   1 
ATOM   1131 C  CB  . MET A 1 149 ? -1.301  8.161   -11.203 1.00 54.56 ? 155  MET A CB  1 
ATOM   1132 C  CG  . MET A 1 149 ? -1.745  9.613   -11.088 1.00 56.93 ? 155  MET A CG  1 
ATOM   1133 S  SD  . MET A 1 149 ? -3.268  9.957   -11.972 1.00 59.89 ? 155  MET A SD  1 
ATOM   1134 C  CE  . MET A 1 149 ? -2.645  9.890   -13.658 1.00 58.23 ? 155  MET A CE  1 
ATOM   1135 N  N   . ALA A 1 150 ? 1.087   9.687   -9.354  1.00 53.36 ? 156  ALA A N   1 
ATOM   1136 C  CA  . ALA A 1 150 ? 1.439   10.374  -8.111  1.00 51.20 ? 156  ALA A CA  1 
ATOM   1137 C  C   . ALA A 1 150 ? 1.110   11.860  -8.195  1.00 54.45 ? 156  ALA A C   1 
ATOM   1138 O  O   . ALA A 1 150 ? 1.190   12.457  -9.265  1.00 56.28 ? 156  ALA A O   1 
ATOM   1139 C  CB  . ALA A 1 150 ? 2.914   10.188  -7.822  1.00 50.99 ? 156  ALA A CB  1 
ATOM   1140 N  N   . THR A 1 151 ? 0.749   12.467  -7.068  1.00 57.55 ? 157  THR A N   1 
ATOM   1141 C  CA  . THR A 1 151 ? 0.358   13.880  -7.063  1.00 58.50 ? 157  THR A CA  1 
ATOM   1142 C  C   . THR A 1 151 ? 1.401   14.742  -7.780  1.00 57.52 ? 157  THR A C   1 
ATOM   1143 O  O   . THR A 1 151 ? 2.606   14.594  -7.547  1.00 56.03 ? 157  THR A O   1 
ATOM   1144 C  CB  . THR A 1 151 ? 0.146   14.428  -5.634  1.00 60.58 ? 157  THR A CB  1 
ATOM   1145 O  OG1 . THR A 1 151 ? 1.280   14.104  -4.820  1.00 64.20 ? 157  THR A OG1 1 
ATOM   1146 C  CG2 . THR A 1 151 ? -1.101  13.838  -5.000  1.00 57.93 ? 157  THR A CG2 1 
ATOM   1147 N  N   . LYS A 1 152 ? 0.916   15.618  -8.666  1.00 58.32 ? 158  LYS A N   1 
ATOM   1148 C  CA  . LYS A 1 152 ? 1.746   16.551  -9.432  1.00 57.69 ? 158  LYS A CA  1 
ATOM   1149 C  C   . LYS A 1 152 ? 2.842   15.858  -10.257 1.00 57.45 ? 158  LYS A C   1 
ATOM   1150 O  O   . LYS A 1 152 ? 3.879   16.456  -10.539 1.00 60.08 ? 158  LYS A O   1 
ATOM   1151 C  CB  . LYS A 1 152 ? 2.376   17.594  -8.498  1.00 59.11 ? 158  LYS A CB  1 
ATOM   1152 C  CG  . LYS A 1 152 ? 1.376   18.466  -7.751  1.00 60.01 ? 158  LYS A CG  1 
ATOM   1153 C  CD  . LYS A 1 152 ? 2.048   19.223  -6.610  1.00 61.48 ? 158  LYS A CD  1 
ATOM   1154 C  CE  . LYS A 1 152 ? 1.056   19.633  -5.524  1.00 64.22 ? 158  LYS A CE  1 
ATOM   1155 N  NZ  . LYS A 1 152 ? 1.720   19.976  -4.231  1.00 62.29 ? 158  LYS A NZ  1 
ATOM   1156 N  N   . ALA A 1 153 ? 2.604   14.605  -10.641 1.00 54.79 ? 159  ALA A N   1 
ATOM   1157 C  CA  . ALA A 1 153 ? 3.589   13.795  -11.361 1.00 54.53 ? 159  ALA A CA  1 
ATOM   1158 C  C   . ALA A 1 153 ? 4.929   13.700  -10.643 1.00 55.23 ? 159  ALA A C   1 
ATOM   1159 O  O   . ALA A 1 153 ? 5.972   13.688  -11.294 1.00 58.57 ? 159  ALA A O   1 
ATOM   1160 C  CB  . ALA A 1 153 ? 3.789   14.324  -12.772 1.00 52.64 ? 159  ALA A CB  1 
ATOM   1161 N  N   . ASP A 1 154 ? 4.897   13.630  -9.314  1.00 54.40 ? 160  ASP A N   1 
ATOM   1162 C  CA  . ASP A 1 154 ? 6.115   13.501  -8.502  1.00 54.58 ? 160  ASP A CA  1 
ATOM   1163 C  C   . ASP A 1 154 ? 6.107   12.119  -7.843  1.00 55.56 ? 160  ASP A C   1 
ATOM   1164 O  O   . ASP A 1 154 ? 5.345   11.877  -6.904  1.00 54.77 ? 160  ASP A O   1 
ATOM   1165 C  CB  . ASP A 1 154 ? 6.172   14.618  -7.453  1.00 53.67 ? 160  ASP A CB  1 
ATOM   1166 C  CG  . ASP A 1 154 ? 7.451   14.580  -6.597  1.00 54.51 ? 160  ASP A CG  1 
ATOM   1167 O  OD1 . ASP A 1 154 ? 8.207   13.583  -6.647  1.00 51.67 ? 160  ASP A OD1 1 
ATOM   1168 O  OD2 . ASP A 1 154 ? 7.694   15.566  -5.859  1.00 52.38 ? 160  ASP A OD2 1 
ATOM   1169 N  N   . TYR A 1 155 ? 6.955   11.221  -8.347  1.00 55.86 ? 161  TYR A N   1 
ATOM   1170 C  CA  . TYR A 1 155 ? 6.917   9.801   -7.970  1.00 53.19 ? 161  TYR A CA  1 
ATOM   1171 C  C   . TYR A 1 155 ? 7.891   9.473   -6.837  1.00 52.63 ? 161  TYR A C   1 
ATOM   1172 O  O   . TYR A 1 155 ? 8.114   8.301   -6.523  1.00 50.23 ? 161  TYR A O   1 
ATOM   1173 C  CB  . TYR A 1 155 ? 7.185   8.925   -9.200  1.00 54.17 ? 161  TYR A CB  1 
ATOM   1174 C  CG  . TYR A 1 155 ? 6.179   9.174   -10.302 1.00 57.68 ? 161  TYR A CG  1 
ATOM   1175 C  CD1 . TYR A 1 155 ? 4.850   8.792   -10.147 1.00 57.74 ? 161  TYR A CD1 1 
ATOM   1176 C  CD2 . TYR A 1 155 ? 6.540   9.823   -11.482 1.00 57.89 ? 161  TYR A CD2 1 
ATOM   1177 C  CE1 . TYR A 1 155 ? 3.917   9.036   -11.131 1.00 56.38 ? 161  TYR A CE1 1 
ATOM   1178 C  CE2 . TYR A 1 155 ? 5.608   10.066  -12.475 1.00 56.99 ? 161  TYR A CE2 1 
ATOM   1179 C  CZ  . TYR A 1 155 ? 4.301   9.670   -12.288 1.00 57.30 ? 161  TYR A CZ  1 
ATOM   1180 O  OH  . TYR A 1 155 ? 3.362   9.904   -13.257 1.00 56.82 ? 161  TYR A OH  1 
ATOM   1181 N  N   . THR A 1 156 ? 8.472   10.501  -6.222  1.00 49.31 ? 162  THR A N   1 
ATOM   1182 C  CA  . THR A 1 156 ? 9.261   10.328  -5.004  1.00 47.45 ? 162  THR A CA  1 
ATOM   1183 C  C   . THR A 1 156 ? 10.445  9.409   -5.214  1.00 47.14 ? 162  THR A C   1 
ATOM   1184 O  O   . THR A 1 156 ? 11.595  9.806   -5.005  1.00 50.85 ? 162  THR A O   1 
ATOM   1185 C  CB  . THR A 1 156 ? 8.396   9.772   -3.847  1.00 46.54 ? 162  THR A CB  1 
ATOM   1186 O  OG1 . THR A 1 156 ? 7.401   10.738  -3.493  1.00 43.97 ? 162  THR A OG1 1 
ATOM   1187 C  CG2 . THR A 1 156 ? 9.257   9.404   -2.614  1.00 43.06 ? 162  THR A CG2 1 
ATOM   1188 N  N   . LEU A 1 157 ? 10.169  8.166   -5.585  1.00 45.19 ? 163  LEU A N   1 
ATOM   1189 C  CA  . LEU A 1 157 ? 11.232  7.192   -5.783  1.00 45.38 ? 163  LEU A CA  1 
ATOM   1190 C  C   . LEU A 1 157 ? 11.914  7.418   -7.123  1.00 45.12 ? 163  LEU A C   1 
ATOM   1191 O  O   . LEU A 1 157 ? 11.388  8.128   -7.995  1.00 43.72 ? 163  LEU A O   1 
ATOM   1192 C  CB  . LEU A 1 157 ? 10.674  5.773   -5.727  1.00 43.80 ? 163  LEU A CB  1 
ATOM   1193 C  CG  . LEU A 1 157 ? 10.110  5.318   -4.384  1.00 43.34 ? 163  LEU A CG  1 
ATOM   1194 C  CD1 . LEU A 1 157 ? 9.419   3.971   -4.579  1.00 42.68 ? 163  LEU A CD1 1 
ATOM   1195 C  CD2 . LEU A 1 157 ? 11.193  5.247   -3.309  1.00 41.46 ? 163  LEU A CD2 1 
ATOM   1196 N  N   . ASP A 1 158 ? 13.090  6.813   -7.272  1.00 43.35 ? 164  ASP A N   1 
ATOM   1197 C  CA  . ASP A 1 158 ? 13.745  6.724   -8.569  1.00 41.63 ? 164  ASP A CA  1 
ATOM   1198 C  C   . ASP A 1 158 ? 13.028  5.658   -9.441  1.00 42.65 ? 164  ASP A C   1 
ATOM   1199 O  O   . ASP A 1 158 ? 12.072  5.012   -8.994  1.00 41.07 ? 164  ASP A O   1 
ATOM   1200 C  CB  . ASP A 1 158 ? 15.242  6.437   -8.383  1.00 39.98 ? 164  ASP A CB  1 
ATOM   1201 C  CG  . ASP A 1 158 ? 15.522  5.030   -7.877  1.00 40.18 ? 164  ASP A CG  1 
ATOM   1202 O  OD1 . ASP A 1 158 ? 14.682  4.143   -8.094  1.00 41.49 ? 164  ASP A OD1 1 
ATOM   1203 O  OD2 . ASP A 1 158 ? 16.594  4.797   -7.281  1.00 38.44 ? 164  ASP A OD2 1 
ATOM   1204 N  N   . GLU A 1 159 ? 13.476  5.485   -10.680 1.00 45.33 ? 165  GLU A N   1 
ATOM   1205 C  CA  . GLU A 1 159 ? 12.818  4.551   -11.615 1.00 43.87 ? 165  GLU A CA  1 
ATOM   1206 C  C   . GLU A 1 159 ? 13.205  3.100   -11.314 1.00 42.01 ? 165  GLU A C   1 
ATOM   1207 O  O   . GLU A 1 159 ? 12.413  2.194   -11.513 1.00 39.49 ? 165  GLU A O   1 
ATOM   1208 C  CB  . GLU A 1 159 ? 13.151  4.923   -13.068 1.00 43.82 ? 165  GLU A CB  1 
ATOM   1209 C  CG  . GLU A 1 159 ? 12.344  4.174   -14.127 1.00 44.13 ? 165  GLU A CG  1 
ATOM   1210 C  CD  . GLU A 1 159 ? 12.895  2.780   -14.448 1.00 45.20 ? 165  GLU A CD  1 
ATOM   1211 O  OE1 . GLU A 1 159 ? 14.058  2.468   -14.103 1.00 41.06 ? 165  GLU A OE1 1 
ATOM   1212 O  OE2 . GLU A 1 159 ? 12.158  1.974   -15.049 1.00 44.85 ? 165  GLU A OE2 1 
ATOM   1213 N  N   . GLU A 1 160 ? 14.428  2.894   -10.835 1.00 43.85 ? 166  GLU A N   1 
ATOM   1214 C  CA  . GLU A 1 160 ? 14.898  1.567   -10.416 1.00 45.61 ? 166  GLU A CA  1 
ATOM   1215 C  C   . GLU A 1 160 ? 13.932  0.978   -9.392  1.00 44.67 ? 166  GLU A C   1 
ATOM   1216 O  O   . GLU A 1 160 ? 13.571  -0.196  -9.456  1.00 47.10 ? 166  GLU A O   1 
ATOM   1217 C  CB  . GLU A 1 160 ? 16.301  1.665   -9.784  1.00 47.31 ? 166  GLU A CB  1 
ATOM   1218 C  CG  . GLU A 1 160 ? 17.348  0.694   -10.316 1.00 50.21 ? 166  GLU A CG  1 
ATOM   1219 C  CD  . GLU A 1 160 ? 16.879  -0.745  -10.371 1.00 52.84 ? 166  GLU A CD  1 
ATOM   1220 O  OE1 . GLU A 1 160 ? 16.366  -1.236  -9.353  1.00 56.99 ? 166  GLU A OE1 1 
ATOM   1221 O  OE2 . GLU A 1 160 ? 17.028  -1.387  -11.434 1.00 54.75 ? 166  GLU A OE2 1 
ATOM   1222 N  N   . SER A 1 161 ? 13.510  1.820   -8.453  1.00 43.93 ? 167  SER A N   1 
ATOM   1223 C  CA  . SER A 1 161 ? 12.736  1.386   -7.290  1.00 42.78 ? 167  SER A CA  1 
ATOM   1224 C  C   . SER A 1 161 ? 11.314  1.033   -7.685  1.00 40.89 ? 167  SER A C   1 
ATOM   1225 O  O   . SER A 1 161 ? 10.797  -0.003  -7.296  1.00 37.84 ? 167  SER A O   1 
ATOM   1226 C  CB  . SER A 1 161 ? 12.738  2.482   -6.214  1.00 42.83 ? 167  SER A CB  1 
ATOM   1227 O  OG  . SER A 1 161 ? 14.012  2.574   -5.590  1.00 42.25 ? 167  SER A OG  1 
ATOM   1228 N  N   . ARG A 1 162 ? 10.699  1.912   -8.464  1.00 42.06 ? 168  ARG A N   1 
ATOM   1229 C  CA  . ARG A 1 162 ? 9.378   1.675   -9.014  1.00 43.40 ? 168  ARG A CA  1 
ATOM   1230 C  C   . ARG A 1 162 ? 9.276   0.433   -9.905  1.00 41.88 ? 168  ARG A C   1 
ATOM   1231 O  O   . ARG A 1 162 ? 8.289   -0.297  -9.831  1.00 42.00 ? 168  ARG A O   1 
ATOM   1232 C  CB  . ARG A 1 162 ? 8.933   2.892   -9.799  1.00 46.59 ? 168  ARG A CB  1 
ATOM   1233 C  CG  . ARG A 1 162 ? 8.620   4.060   -8.895  1.00 52.76 ? 168  ARG A CG  1 
ATOM   1234 C  CD  . ARG A 1 162 ? 8.177   5.262   -9.698  1.00 57.99 ? 168  ARG A CD  1 
ATOM   1235 N  NE  . ARG A 1 162 ? 9.291   6.145   -10.028 1.00 62.95 ? 168  ARG A NE  1 
ATOM   1236 C  CZ  . ARG A 1 162 ? 9.296   6.991   -11.054 1.00 65.14 ? 168  ARG A CZ  1 
ATOM   1237 N  NH1 . ARG A 1 162 ? 8.250   7.075   -11.877 1.00 61.80 ? 168  ARG A NH1 1 
ATOM   1238 N  NH2 . ARG A 1 162 ? 10.362  7.754   -11.262 1.00 68.00 ? 168  ARG A NH2 1 
ATOM   1239 N  N   . ALA A 1 163 ? 10.277  0.195   -10.745 1.00 39.44 ? 169  ALA A N   1 
ATOM   1240 C  CA  . ALA A 1 163 ? 10.249  -0.972  -11.613 1.00 39.86 ? 169  ALA A CA  1 
ATOM   1241 C  C   . ALA A 1 163 ? 10.171  -2.237  -10.774 1.00 41.25 ? 169  ALA A C   1 
ATOM   1242 O  O   . ALA A 1 163 ? 9.500   -3.190  -11.160 1.00 43.02 ? 169  ALA A O   1 
ATOM   1243 C  CB  . ALA A 1 163 ? 11.467  -1.012  -12.528 1.00 38.82 ? 169  ALA A CB  1 
ATOM   1244 N  N   . ARG A 1 164 ? 10.852  -2.242  -9.628  1.00 42.86 ? 170  ARG A N   1 
ATOM   1245 C  CA  . ARG A 1 164 ? 10.847  -3.404  -8.730  1.00 44.07 ? 170  ARG A CA  1 
ATOM   1246 C  C   . ARG A 1 164 ? 9.491   -3.641  -8.094  1.00 40.70 ? 170  ARG A C   1 
ATOM   1247 O  O   . ARG A 1 164 ? 9.097   -4.785  -7.858  1.00 37.11 ? 170  ARG A O   1 
ATOM   1248 C  CB  . ARG A 1 164 ? 11.894  -3.250  -7.634  1.00 47.97 ? 170  ARG A CB  1 
ATOM   1249 C  CG  . ARG A 1 164 ? 13.307  -3.483  -8.119  1.00 51.60 ? 170  ARG A CG  1 
ATOM   1250 C  CD  . ARG A 1 164 ? 14.276  -3.505  -6.962  1.00 57.12 ? 170  ARG A CD  1 
ATOM   1251 N  NE  . ARG A 1 164 ? 15.619  -3.153  -7.410  1.00 64.77 ? 170  ARG A NE  1 
ATOM   1252 C  CZ  . ARG A 1 164 ? 16.619  -2.780  -6.610  1.00 71.26 ? 170  ARG A CZ  1 
ATOM   1253 N  NH1 . ARG A 1 164 ? 16.455  -2.708  -5.289  1.00 73.77 ? 170  ARG A NH1 1 
ATOM   1254 N  NH2 . ARG A 1 164 ? 17.801  -2.472  -7.140  1.00 74.06 ? 170  ARG A NH2 1 
ATOM   1255 N  N   . ILE A 1 165 ? 8.794   -2.550  -7.798  1.00 39.76 ? 171  ILE A N   1 
ATOM   1256 C  CA  . ILE A 1 165 ? 7.442   -2.634  -7.261  1.00 39.34 ? 171  ILE A CA  1 
ATOM   1257 C  C   . ILE A 1 165 ? 6.515   -3.168  -8.348  1.00 39.44 ? 171  ILE A C   1 
ATOM   1258 O  O   . ILE A 1 165 ? 5.622   -3.981  -8.068  1.00 39.73 ? 171  ILE A O   1 
ATOM   1259 C  CB  . ILE A 1 165 ? 6.937   -1.267  -6.737  1.00 37.69 ? 171  ILE A CB  1 
ATOM   1260 C  CG1 . ILE A 1 165 ? 7.593   -0.936  -5.389  1.00 36.29 ? 171  ILE A CG1 1 
ATOM   1261 C  CG2 . ILE A 1 165 ? 5.413   -1.259  -6.604  1.00 37.10 ? 171  ILE A CG2 1 
ATOM   1262 C  CD1 . ILE A 1 165 ? 7.370   0.502   -4.956  1.00 35.14 ? 171  ILE A CD1 1 
ATOM   1263 N  N   . LYS A 1 166 ? 6.736   -2.719  -9.582  1.00 38.27 ? 172  LYS A N   1 
ATOM   1264 C  CA  . LYS A 1 166 ? 5.873   -3.100  -10.696 1.00 38.04 ? 172  LYS A CA  1 
ATOM   1265 C  C   . LYS A 1 166 ? 6.096   -4.546  -11.090 1.00 35.27 ? 172  LYS A C   1 
ATOM   1266 O  O   . LYS A 1 166 ? 5.149   -5.239  -11.445 1.00 35.25 ? 172  LYS A O   1 
ATOM   1267 C  CB  . LYS A 1 166 ? 6.097   -2.191  -11.888 1.00 39.84 ? 172  LYS A CB  1 
ATOM   1268 C  CG  . LYS A 1 166 ? 5.453   -0.830  -11.737 1.00 42.23 ? 172  LYS A CG  1 
ATOM   1269 C  CD  . LYS A 1 166 ? 6.108   0.168   -12.672 1.00 45.90 ? 172  LYS A CD  1 
ATOM   1270 C  CE  . LYS A 1 166 ? 5.530   1.560   -12.490 1.00 50.61 ? 172  LYS A CE  1 
ATOM   1271 N  NZ  . LYS A 1 166 ? 6.478   2.611   -12.965 1.00 53.13 ? 172  LYS A NZ  1 
ATOM   1272 N  N   . THR A 1 167 ? 7.340   -5.007  -11.011 1.00 33.44 ? 173  THR A N   1 
ATOM   1273 C  CA  . THR A 1 167 ? 7.646   -6.405  -11.303 1.00 32.49 ? 173  THR A CA  1 
ATOM   1274 C  C   . THR A 1 167 ? 6.917   -7.312  -10.348 1.00 34.50 ? 173  THR A C   1 
ATOM   1275 O  O   . THR A 1 167 ? 6.321   -8.318  -10.764 1.00 35.40 ? 173  THR A O   1 
ATOM   1276 C  CB  . THR A 1 167 ? 9.132   -6.675  -11.166 1.00 30.36 ? 173  THR A CB  1 
ATOM   1277 O  OG1 . THR A 1 167 ? 9.818   -5.708  -11.953 1.00 32.72 ? 173  THR A OG1 1 
ATOM   1278 C  CG2 . THR A 1 167 ? 9.493   -8.077  -11.637 1.00 28.07 ? 173  THR A CG2 1 
ATOM   1279 N  N   . ARG A 1 168 ? 6.963   -6.937  -9.068  1.00 34.53 ? 174  ARG A N   1 
ATOM   1280 C  CA  . ARG A 1 168 ? 6.326   -7.705  -8.010  1.00 34.31 ? 174  ARG A CA  1 
ATOM   1281 C  C   . ARG A 1 168 ? 4.829   -7.798  -8.265  1.00 34.53 ? 174  ARG A C   1 
ATOM   1282 O  O   . ARG A 1 168 ? 4.252   -8.861  -8.148  1.00 34.78 ? 174  ARG A O   1 
ATOM   1283 C  CB  . ARG A 1 168 ? 6.610   -7.069  -6.644  1.00 34.09 ? 174  ARG A CB  1 
ATOM   1284 C  CG  . ARG A 1 168 ? 6.018   -7.801  -5.453  1.00 33.29 ? 174  ARG A CG  1 
ATOM   1285 C  CD  . ARG A 1 168 ? 6.464   -9.253  -5.351  1.00 33.53 ? 174  ARG A CD  1 
ATOM   1286 N  NE  . ARG A 1 168 ? 5.770   -9.890  -4.237  1.00 34.72 ? 174  ARG A NE  1 
ATOM   1287 C  CZ  . ARG A 1 168 ? 5.481   -11.189 -4.127  1.00 33.57 ? 174  ARG A CZ  1 
ATOM   1288 N  NH1 . ARG A 1 168 ? 5.828   -12.061 -5.069  1.00 32.93 ? 174  ARG A NH1 1 
ATOM   1289 N  NH2 . ARG A 1 168 ? 4.824   -11.616 -3.048  1.00 31.74 ? 174  ARG A NH2 1 
ATOM   1290 N  N   . LEU A 1 169 ? 4.199   -6.692  -8.634  1.00 35.95 ? 175  LEU A N   1 
ATOM   1291 C  CA  . LEU A 1 169 ? 2.773   -6.731  -8.965  1.00 36.11 ? 175  LEU A CA  1 
ATOM   1292 C  C   . LEU A 1 169 ? 2.512   -7.690  -10.125 1.00 36.22 ? 175  LEU A C   1 
ATOM   1293 O  O   . LEU A 1 169 ? 1.631   -8.545  -10.017 1.00 37.68 ? 175  LEU A O   1 
ATOM   1294 C  CB  . LEU A 1 169 ? 2.238   -5.340  -9.301  1.00 35.93 ? 175  LEU A CB  1 
ATOM   1295 C  CG  . LEU A 1 169 ? 2.246   -4.340  -8.145  1.00 37.67 ? 175  LEU A CG  1 
ATOM   1296 C  CD1 . LEU A 1 169 ? 1.685   -2.988  -8.581  1.00 39.54 ? 175  LEU A CD1 1 
ATOM   1297 C  CD2 . LEU A 1 169 ? 1.460   -4.879  -6.959  1.00 37.77 ? 175  LEU A CD2 1 
ATOM   1298 N  N   . PHE A 1 170 ? 3.282   -7.564  -11.213 1.00 35.36 ? 176  PHE A N   1 
ATOM   1299 C  CA  . PHE A 1 170 ? 3.129   -8.461  -12.374 1.00 34.17 ? 176  PHE A CA  1 
ATOM   1300 C  C   . PHE A 1 170 ? 3.422   -9.902  -11.992 1.00 33.98 ? 176  PHE A C   1 
ATOM   1301 O  O   . PHE A 1 170 ? 2.721   -10.810 -12.444 1.00 35.84 ? 176  PHE A O   1 
ATOM   1302 C  CB  . PHE A 1 170 ? 4.017   -8.054  -13.557 1.00 34.61 ? 176  PHE A CB  1 
ATOM   1303 C  CG  . PHE A 1 170 ? 3.427   -6.964  -14.424 1.00 34.76 ? 176  PHE A CG  1 
ATOM   1304 C  CD1 . PHE A 1 170 ? 2.178   -7.117  -14.998 1.00 33.70 ? 176  PHE A CD1 1 
ATOM   1305 C  CD2 . PHE A 1 170 ? 4.125   -5.786  -14.660 1.00 35.55 ? 176  PHE A CD2 1 
ATOM   1306 C  CE1 . PHE A 1 170 ? 1.625   -6.130  -15.788 1.00 33.10 ? 176  PHE A CE1 1 
ATOM   1307 C  CE2 . PHE A 1 170 ? 3.578   -4.791  -15.457 1.00 35.75 ? 176  PHE A CE2 1 
ATOM   1308 C  CZ  . PHE A 1 170 ? 2.320   -4.962  -16.016 1.00 34.56 ? 176  PHE A CZ  1 
ATOM   1309 N  N   . THR A 1 171 ? 4.428   -10.121 -11.146 1.00 31.15 ? 177  THR A N   1 
ATOM   1310 C  CA  . THR A 1 171 ? 4.696   -11.467 -10.649 1.00 30.42 ? 177  THR A CA  1 
ATOM   1311 C  C   . THR A 1 171 ? 3.498   -12.056 -9.877  1.00 32.56 ? 177  THR A C   1 
ATOM   1312 O  O   . THR A 1 171 ? 3.211   -13.253 -9.988  1.00 35.15 ? 177  THR A O   1 
ATOM   1313 C  CB  . THR A 1 171 ? 5.942   -11.496 -9.761  1.00 29.02 ? 177  THR A CB  1 
ATOM   1314 O  OG1 . THR A 1 171 ? 7.053   -10.912 -10.473 1.00 27.07 ? 177  THR A OG1 1 
ATOM   1315 C  CG2 . THR A 1 171 ? 6.257   -12.922 -9.331  1.00 26.60 ? 177  THR A CG2 1 
ATOM   1316 N  N   . ILE A 1 172 ? 2.794   -11.223 -9.115  1.00 32.20 ? 178  ILE A N   1 
ATOM   1317 C  CA  . ILE A 1 172 ? 1.630   -11.674 -8.366  1.00 33.17 ? 178  ILE A CA  1 
ATOM   1318 C  C   . ILE A 1 172 ? 0.520   -12.017 -9.354  1.00 35.13 ? 178  ILE A C   1 
ATOM   1319 O  O   . ILE A 1 172 ? -0.162  -13.039 -9.219  1.00 34.84 ? 178  ILE A O   1 
ATOM   1320 C  CB  . ILE A 1 172 ? 1.108   -10.591 -7.394  1.00 32.80 ? 178  ILE A CB  1 
ATOM   1321 C  CG1 . ILE A 1 172 ? 2.109   -10.343 -6.262  1.00 34.23 ? 178  ILE A CG1 1 
ATOM   1322 C  CG2 . ILE A 1 172 ? -0.225  -11.004 -6.800  1.00 31.66 ? 178  ILE A CG2 1 
ATOM   1323 C  CD1 . ILE A 1 172 ? 1.827   -9.083  -5.461  1.00 32.31 ? 178  ILE A CD1 1 
ATOM   1324 N  N   . ARG A 1 173 ? 0.362   -11.138 -10.340 1.00 35.86 ? 179  ARG A N   1 
ATOM   1325 C  CA  . ARG A 1 173 ? -0.634  -11.277 -11.378 1.00 36.14 ? 179  ARG A CA  1 
ATOM   1326 C  C   . ARG A 1 173 ? -0.490  -12.558 -12.207 1.00 37.90 ? 179  ARG A C   1 
ATOM   1327 O  O   . ARG A 1 173 ? -1.494  -13.180 -12.537 1.00 37.66 ? 179  ARG A O   1 
ATOM   1328 C  CB  . ARG A 1 173 ? -0.567  -10.063 -12.295 1.00 35.82 ? 179  ARG A CB  1 
ATOM   1329 C  CG  . ARG A 1 173 ? -1.603  -10.081 -13.397 1.00 36.46 ? 179  ARG A CG  1 
ATOM   1330 C  CD  . ARG A 1 173 ? -1.496  -8.901  -14.330 1.00 35.76 ? 179  ARG A CD  1 
ATOM   1331 N  NE  . ARG A 1 173 ? -2.584  -8.969  -15.292 1.00 37.31 ? 179  ARG A NE  1 
ATOM   1332 C  CZ  . ARG A 1 173 ? -3.188  -7.922  -15.847 1.00 39.70 ? 179  ARG A CZ  1 
ATOM   1333 N  NH1 . ARG A 1 173 ? -2.820  -6.679  -15.546 1.00 41.32 ? 179  ARG A NH1 1 
ATOM   1334 N  NH2 . ARG A 1 173 ? -4.176  -8.122  -16.707 1.00 39.09 ? 179  ARG A NH2 1 
ATOM   1335 N  N   . GLN A 1 174 ? 0.738   -12.944 -12.555 1.00 42.34 ? 180  GLN A N   1 
ATOM   1336 C  CA  . GLN A 1 174 ? 0.954   -14.150 -13.382 1.00 44.78 ? 180  GLN A CA  1 
ATOM   1337 C  C   . GLN A 1 174 ? 0.680   -15.396 -12.546 1.00 44.38 ? 180  GLN A C   1 
ATOM   1338 O  O   . GLN A 1 174 ? 0.136   -16.377 -13.025 1.00 42.85 ? 180  GLN A O   1 
ATOM   1339 C  CB  . GLN A 1 174 ? 2.366   -14.185 -14.001 1.00 47.11 ? 180  GLN A CB  1 
ATOM   1340 C  CG  . GLN A 1 174 ? 3.357   -15.148 -13.330 1.00 51.69 ? 180  GLN A CG  1 
ATOM   1341 C  CD  . GLN A 1 174 ? 4.822   -14.858 -13.666 1.00 52.87 ? 180  GLN A CD  1 
ATOM   1342 O  OE1 . GLN A 1 174 ? 5.143   -14.360 -14.750 1.00 51.26 ? 180  GLN A OE1 1 
ATOM   1343 N  NE2 . GLN A 1 174 ? 5.717   -15.163 -12.720 1.00 49.81 ? 180  GLN A NE2 1 
ATOM   1344 N  N   . GLU A 1 175 ? 1.046   -15.336 -11.275 1.00 47.46 ? 181  GLU A N   1 
ATOM   1345 C  CA  . GLU A 1 175 ? 0.851   -16.464 -10.373 1.00 48.81 ? 181  GLU A CA  1 
ATOM   1346 C  C   . GLU A 1 175 ? -0.616  -16.658 -10.038 1.00 46.72 ? 181  GLU A C   1 
ATOM   1347 O  O   . GLU A 1 175 ? -1.048  -17.769 -9.730  1.00 45.07 ? 181  GLU A O   1 
ATOM   1348 C  CB  . GLU A 1 175 ? 1.654   -16.249 -9.102  1.00 51.06 ? 181  GLU A CB  1 
ATOM   1349 C  CG  . GLU A 1 175 ? 3.155   -16.280 -9.324  1.00 54.40 ? 181  GLU A CG  1 
ATOM   1350 C  CD  . GLU A 1 175 ? 3.715   -17.686 -9.417  1.00 59.16 ? 181  GLU A CD  1 
ATOM   1351 O  OE1 . GLU A 1 175 ? 2.947   -18.634 -9.719  1.00 61.66 ? 181  GLU A OE1 1 
ATOM   1352 O  OE2 . GLU A 1 175 ? 4.937   -17.838 -9.188  1.00 64.19 ? 181  GLU A OE2 1 
ATOM   1353 N  N   . MET A 1 176 ? -1.378  -15.571 -10.087 1.00 43.66 ? 182  MET A N   1 
ATOM   1354 C  CA  . MET A 1 176 ? -2.809  -15.667 -9.917  1.00 43.27 ? 182  MET A CA  1 
ATOM   1355 C  C   . MET A 1 176 ? -3.370  -16.316 -11.183 1.00 44.37 ? 182  MET A C   1 
ATOM   1356 O  O   . MET A 1 176 ? -3.893  -17.434 -11.130 1.00 46.15 ? 182  MET A O   1 
ATOM   1357 C  CB  . MET A 1 176 ? -3.443  -14.296 -9.661  1.00 41.11 ? 182  MET A CB  1 
ATOM   1358 C  CG  . MET A 1 176 ? -3.334  -13.816 -8.222  1.00 41.11 ? 182  MET A CG  1 
ATOM   1359 S  SD  . MET A 1 176 ? -4.155  -12.227 -7.968  1.00 38.44 ? 182  MET A SD  1 
ATOM   1360 C  CE  . MET A 1 176 ? -3.810  -11.920 -6.244  1.00 39.90 ? 182  MET A CE  1 
ATOM   1361 N  N   . ALA A 1 177 ? -3.224  -15.617 -12.309 1.00 42.05 ? 183  ALA A N   1 
ATOM   1362 C  CA  . ALA A 1 177 ? -3.652  -16.111 -13.624 1.00 41.20 ? 183  ALA A CA  1 
ATOM   1363 C  C   . ALA A 1 177 ? -3.438  -17.626 -13.802 1.00 38.30 ? 183  ALA A C   1 
ATOM   1364 O  O   . ALA A 1 177 ? -4.396  -18.336 -14.051 1.00 37.82 ? 183  ALA A O   1 
ATOM   1365 C  CB  . ALA A 1 177 ? -2.959  -15.332 -14.736 1.00 37.74 ? 183  ALA A CB  1 
ATOM   1366 N  N   . SER A 1 178 ? -2.211  -18.113 -13.615 1.00 38.36 ? 184  SER A N   1 
ATOM   1367 C  CA  . SER A 1 178 ? -1.879  -19.557 -13.737 1.00 39.82 ? 184  SER A CA  1 
ATOM   1368 C  C   . SER A 1 178 ? -2.797  -20.506 -12.979 1.00 41.69 ? 184  SER A C   1 
ATOM   1369 O  O   . SER A 1 178 ? -2.766  -21.702 -13.203 1.00 45.04 ? 184  SER A O   1 
ATOM   1370 C  CB  . SER A 1 178 ? -0.469  -19.830 -13.216 1.00 40.13 ? 184  SER A CB  1 
ATOM   1371 O  OG  . SER A 1 178 ? 0.472   -18.980 -13.826 1.00 41.17 ? 184  SER A OG  1 
ATOM   1372 N  N   . ARG A 1 179 ? -3.557  -19.973 -12.033 1.00 43.58 ? 185  ARG A N   1 
ATOM   1373 C  CA  . ARG A 1 179 ? -4.436  -20.757 -11.184 1.00 41.65 ? 185  ARG A CA  1 
ATOM   1374 C  C   . ARG A 1 179 ? -5.835  -20.188 -11.301 1.00 39.98 ? 185  ARG A C   1 
ATOM   1375 O  O   . ARG A 1 179 ? -6.681  -20.405 -10.447 1.00 38.65 ? 185  ARG A O   1 
ATOM   1376 C  CB  . ARG A 1 179 ? -3.911  -20.676 -9.760  1.00 42.54 ? 185  ARG A CB  1 
ATOM   1377 C  CG  . ARG A 1 179 ? -2.400  -20.723 -9.766  1.00 44.22 ? 185  ARG A CG  1 
ATOM   1378 C  CD  . ARG A 1 179 ? -1.729  -20.660 -8.409  1.00 46.48 ? 185  ARG A CD  1 
ATOM   1379 N  NE  . ARG A 1 179 ? -0.288  -20.481 -8.633  1.00 49.95 ? 185  ARG A NE  1 
ATOM   1380 C  CZ  . ARG A 1 179 ? 0.667   -20.714 -7.739  1.00 52.31 ? 185  ARG A CZ  1 
ATOM   1381 N  NH1 . ARG A 1 179 ? 0.365   -21.130 -6.510  1.00 53.93 ? 185  ARG A NH1 1 
ATOM   1382 N  NH2 . ARG A 1 179 ? 1.938   -20.524 -8.077  1.00 52.75 ? 185  ARG A NH2 1 
ATOM   1383 N  N   . SER A 1 180 ? -6.067  -19.443 -12.374 1.00 39.56 ? 186  SER A N   1 
ATOM   1384 C  CA  . SER A 1 180 ? -7.385  -18.926 -12.685 1.00 42.59 ? 186  SER A CA  1 
ATOM   1385 C  C   . SER A 1 180 ? -7.982  -18.079 -11.559 1.00 43.08 ? 186  SER A C   1 
ATOM   1386 O  O   . SER A 1 180 ? -9.182  -17.822 -11.564 1.00 45.84 ? 186  SER A O   1 
ATOM   1387 C  CB  . SER A 1 180 ? -8.344  -20.089 -13.032 1.00 42.83 ? 186  SER A CB  1 
ATOM   1388 O  OG  . SER A 1 180 ? -7.724  -21.058 -13.875 1.00 42.52 ? 186  SER A OG  1 
ATOM   1389 N  N   . LEU A 1 181 ? -7.159  -17.627 -10.611 1.00 42.02 ? 187  LEU A N   1 
ATOM   1390 C  CA  . LEU A 1 181 ? -7.648  -16.777 -9.526  1.00 38.89 ? 187  LEU A CA  1 
ATOM   1391 C  C   . LEU A 1 181 ? -7.740  -15.333 -10.009 1.00 39.99 ? 187  LEU A C   1 
ATOM   1392 O  O   . LEU A 1 181 ? -8.533  -14.545 -9.504  1.00 43.86 ? 187  LEU A O   1 
ATOM   1393 C  CB  . LEU A 1 181 ? -6.721  -16.866 -8.314  1.00 36.59 ? 187  LEU A CB  1 
ATOM   1394 C  CG  . LEU A 1 181 ? -6.450  -18.261 -7.725  1.00 34.77 ? 187  LEU A CG  1 
ATOM   1395 C  CD1 . LEU A 1 181 ? -5.288  -18.207 -6.742  1.00 34.63 ? 187  LEU A CD1 1 
ATOM   1396 C  CD2 . LEU A 1 181 ? -7.679  -18.837 -7.058  1.00 30.98 ? 187  LEU A CD2 1 
ATOM   1397 N  N   . TRP A 1 182 ? -6.936  -14.997 -11.006 1.00 40.66 ? 188  TRP A N   1 
ATOM   1398 C  CA  . TRP A 1 182 ? -6.752  -13.608 -11.413 1.00 40.79 ? 188  TRP A CA  1 
ATOM   1399 C  C   . TRP A 1 182 ? -8.005  -12.892 -11.817 1.00 41.07 ? 188  TRP A C   1 
ATOM   1400 O  O   . TRP A 1 182 ? -8.223  -11.724 -11.424 1.00 39.69 ? 188  TRP A O   1 
ATOM   1401 C  CB  . TRP A 1 182 ? -5.750  -13.523 -12.564 1.00 40.97 ? 188  TRP A CB  1 
ATOM   1402 C  CG  . TRP A 1 182 ? -5.807  -12.184 -13.220 1.00 40.19 ? 188  TRP A CG  1 
ATOM   1403 C  CD1 . TRP A 1 182 ? -6.344  -11.869 -14.456 1.00 40.41 ? 188  TRP A CD1 1 
ATOM   1404 C  CD2 . TRP A 1 182 ? -5.375  -10.912 -12.646 1.00 41.44 ? 188  TRP A CD2 1 
ATOM   1405 N  NE1 . TRP A 1 182 ? -6.250  -10.525 -14.698 1.00 41.84 ? 188  TRP A NE1 1 
ATOM   1406 C  CE2 . TRP A 1 182 ? -5.675  -9.890  -13.647 1.00 43.54 ? 188  TRP A CE2 1 
ATOM   1407 C  CE3 . TRP A 1 182 ? -4.783  -10.532 -11.452 1.00 40.91 ? 188  TRP A CE3 1 
ATOM   1408 C  CZ2 . TRP A 1 182 ? -5.385  -8.542  -13.435 1.00 44.22 ? 188  TRP A CZ2 1 
ATOM   1409 C  CZ3 . TRP A 1 182 ? -4.487  -9.178  -11.253 1.00 42.67 ? 188  TRP A CZ3 1 
ATOM   1410 C  CH2 . TRP A 1 182 ? -4.791  -8.205  -12.220 1.00 42.01 ? 188  TRP A CH2 1 
ATOM   1411 N  N   . ASP A 1 183 ? -8.824  -13.555 -12.628 1.00 41.81 ? 189  ASP A N   1 
ATOM   1412 C  CA  . ASP A 1 183 ? -9.968  -12.878 -13.255 1.00 42.44 ? 189  ASP A CA  1 
ATOM   1413 C  C   . ASP A 1 183 ? -11.035 -12.494 -12.222 1.00 38.64 ? 189  ASP A C   1 
ATOM   1414 O  O   . ASP A 1 183 ? -11.682 -11.444 -12.330 1.00 37.42 ? 189  ASP A O   1 
ATOM   1415 C  CB  . ASP A 1 183 ? -10.555 -13.726 -14.395 1.00 46.14 ? 189  ASP A CB  1 
ATOM   1416 C  CG  . ASP A 1 183 ? -10.759 -12.916 -15.666 1.00 50.15 ? 189  ASP A CG  1 
ATOM   1417 O  OD1 . ASP A 1 183 ? -9.801  -12.836 -16.475 1.00 53.65 ? 189  ASP A OD1 1 
ATOM   1418 O  OD2 . ASP A 1 183 ? -11.853 -12.324 -15.840 1.00 52.22 ? 189  ASP A OD2 1 
ATOM   1419 N  N   . SER A 1 184 ? -11.195 -13.337 -11.211 1.00 36.06 ? 190  SER A N   1 
ATOM   1420 C  CA  . SER A 1 184 ? -12.022 -13.006 -10.069 1.00 37.03 ? 190  SER A CA  1 
ATOM   1421 C  C   . SER A 1 184 ? -11.430 -11.808 -9.311  1.00 40.20 ? 190  SER A C   1 
ATOM   1422 O  O   . SER A 1 184 ? -12.086 -10.778 -9.114  1.00 41.16 ? 190  SER A O   1 
ATOM   1423 C  CB  . SER A 1 184 ? -12.128 -14.202 -9.138  1.00 36.46 ? 190  SER A CB  1 
ATOM   1424 O  OG  . SER A 1 184 ? -13.088 -13.946 -8.132  1.00 37.61 ? 190  SER A OG  1 
ATOM   1425 N  N   . PHE A 1 185 ? -10.173 -11.948 -8.909  1.00 39.36 ? 191  PHE A N   1 
ATOM   1426 C  CA  . PHE A 1 185 ? -9.480  -10.892 -8.214  1.00 39.91 ? 191  PHE A CA  1 
ATOM   1427 C  C   . PHE A 1 185 ? -9.658  -9.593  -8.979  1.00 40.95 ? 191  PHE A C   1 
ATOM   1428 O  O   . PHE A 1 185 ? -9.980  -8.565  -8.394  1.00 40.67 ? 191  PHE A O   1 
ATOM   1429 C  CB  . PHE A 1 185 ? -8.005  -11.266 -8.060  1.00 40.02 ? 191  PHE A CB  1 
ATOM   1430 C  CG  . PHE A 1 185 ? -7.192  -10.278 -7.276  1.00 39.14 ? 191  PHE A CG  1 
ATOM   1431 C  CD1 . PHE A 1 185 ? -7.338  -10.176 -5.896  1.00 41.38 ? 191  PHE A CD1 1 
ATOM   1432 C  CD2 . PHE A 1 185 ? -6.248  -9.486  -7.903  1.00 38.12 ? 191  PHE A CD2 1 
ATOM   1433 C  CE1 . PHE A 1 185 ? -6.571  -9.281  -5.165  1.00 40.86 ? 191  PHE A CE1 1 
ATOM   1434 C  CE2 . PHE A 1 185 ? -5.477  -8.588  -7.177  1.00 39.58 ? 191  PHE A CE2 1 
ATOM   1435 C  CZ  . PHE A 1 185 ? -5.637  -8.481  -5.810  1.00 39.10 ? 191  PHE A CZ  1 
ATOM   1436 N  N   . ARG A 1 186 ? -9.488  -9.637  -10.294 1.00 45.42 ? 192  ARG A N   1 
ATOM   1437 C  CA  . ARG A 1 186 ? -9.671  -8.429  -11.090 1.00 49.98 ? 192  ARG A CA  1 
ATOM   1438 C  C   . ARG A 1 186 ? -11.080 -7.865  -10.959 1.00 50.91 ? 192  ARG A C   1 
ATOM   1439 O  O   . ARG A 1 186 ? -11.241 -6.668  -10.731 1.00 51.02 ? 192  ARG A O   1 
ATOM   1440 C  CB  . ARG A 1 186 ? -9.367  -8.661  -12.564 1.00 55.03 ? 192  ARG A CB  1 
ATOM   1441 C  CG  . ARG A 1 186 ? -8.933  -7.377  -13.258 1.00 58.22 ? 192  ARG A CG  1 
ATOM   1442 C  CD  . ARG A 1 186 ? -9.313  -7.306  -14.729 1.00 62.97 ? 192  ARG A CD  1 
ATOM   1443 N  NE  . ARG A 1 186 ? -9.018  -5.966  -15.246 1.00 66.14 ? 192  ARG A NE  1 
ATOM   1444 C  CZ  . ARG A 1 186 ? -9.348  -5.512  -16.451 1.00 63.97 ? 192  ARG A CZ  1 
ATOM   1445 N  NH1 . ARG A 1 186 ? -10.003 -6.277  -17.317 1.00 65.56 ? 192  ARG A NH1 1 
ATOM   1446 N  NH2 . ARG A 1 186 ? -9.018  -4.271  -16.785 1.00 64.69 ? 192  ARG A NH2 1 
ATOM   1447 N  N   . GLN A 1 187 ? -12.092 -8.721  -11.084 1.00 50.47 ? 193  GLN A N   1 
ATOM   1448 C  CA  . GLN A 1 187 ? -13.490 -8.254  -11.077 1.00 53.76 ? 193  GLN A CA  1 
ATOM   1449 C  C   . GLN A 1 187 ? -14.046 -7.831  -9.708  1.00 51.35 ? 193  GLN A C   1 
ATOM   1450 O  O   . GLN A 1 187 ? -14.992 -7.045  -9.643  1.00 53.20 ? 193  GLN A O   1 
ATOM   1451 C  CB  . GLN A 1 187 ? -14.408 -9.315  -11.685 1.00 58.10 ? 193  GLN A CB  1 
ATOM   1452 C  CG  . GLN A 1 187 ? -14.228 -9.483  -13.186 1.00 61.19 ? 193  GLN A CG  1 
ATOM   1453 C  CD  . GLN A 1 187 ? -14.802 -10.789 -13.689 1.00 64.04 ? 193  GLN A CD  1 
ATOM   1454 O  OE1 . GLN A 1 187 ? -15.847 -11.237 -13.219 1.00 70.11 ? 193  GLN A OE1 1 
ATOM   1455 N  NE2 . GLN A 1 187 ? -14.119 -11.414 -14.643 1.00 64.94 ? 193  GLN A NE2 1 
ATOM   1456 N  N   . SER A 1 188 ? -13.464 -8.341  -8.627  1.00 47.85 ? 194  SER A N   1 
ATOM   1457 C  CA  . SER A 1 188 ? -14.016 -8.141  -7.284  1.00 46.86 ? 194  SER A CA  1 
ATOM   1458 C  C   . SER A 1 188 ? -13.873 -6.708  -6.738  1.00 48.08 ? 194  SER A C   1 
ATOM   1459 O  O   . SER A 1 188 ? -14.614 -6.310  -5.840  1.00 51.35 ? 194  SER A O   1 
ATOM   1460 C  CB  . SER A 1 188 ? -13.398 -9.144  -6.300  1.00 45.41 ? 194  SER A CB  1 
ATOM   1461 O  OG  . SER A 1 188 ? -11.984 -9.048  -6.279  1.00 42.67 ? 194  SER A OG  1 
ATOM   1462 N  N   . GLU A 1 189 ? -12.941 -5.933  -7.275  1.00 46.52 ? 195  GLU A N   1 
ATOM   1463 C  CA  . GLU A 1 189 ? -12.759 -4.562  -6.832  1.00 47.01 ? 195  GLU A CA  1 
ATOM   1464 C  C   . GLU A 1 189 ? -13.920 -3.681  -7.296  1.00 53.46 ? 195  GLU A C   1 
ATOM   1465 O  O   . GLU A 1 189 ? -13.787 -2.944  -8.271  1.00 59.41 ? 195  GLU A O   1 
ATOM   1466 C  CB  . GLU A 1 189 ? -11.447 -4.015  -7.384  1.00 45.11 ? 195  GLU A CB  1 
ATOM   1467 C  CG  . GLU A 1 189 ? -10.998 -2.745  -6.698  1.00 46.05 ? 195  GLU A CG  1 
ATOM   1468 C  CD  . GLU A 1 189 ? -9.777  -2.120  -7.324  1.00 44.95 ? 195  GLU A CD  1 
ATOM   1469 O  OE1 . GLU A 1 189 ? -8.995  -2.832  -7.977  1.00 45.58 ? 195  GLU A OE1 1 
ATOM   1470 O  OE2 . GLU A 1 189 ? -9.594  -0.900  -7.155  1.00 45.89 ? 195  GLU A OE2 1 
ATOM   1471 N  N   . ARG A 1 190 ? -15.058 -3.750  -6.609  1.00 59.45 ? 196  ARG A N   1 
ATOM   1472 C  CA  . ARG A 1 190 ? -16.243 -2.965  -7.002  1.00 64.32 ? 196  ARG A CA  1 
ATOM   1473 C  C   . ARG A 1 190 ? -16.532 -1.865  -5.990  1.00 64.37 ? 196  ARG A C   1 
ATOM   1474 O  O   . ARG A 1 190 ? -16.838 -2.152  -4.831  1.00 64.89 ? 196  ARG A O   1 
ATOM   1475 C  CB  . ARG A 1 190 ? -17.474 -3.864  -7.120  1.00 67.53 ? 196  ARG A CB  1 
ATOM   1476 C  CG  . ARG A 1 190 ? -17.266 -5.128  -7.947  1.00 68.92 ? 196  ARG A CG  1 
ATOM   1477 C  CD  . ARG A 1 190 ? -18.421 -6.094  -7.739  1.00 71.11 ? 196  ARG A CD  1 
ATOM   1478 N  NE  . ARG A 1 190 ? -18.058 -7.471  -8.054  1.00 73.68 ? 196  ARG A NE  1 
ATOM   1479 C  CZ  . ARG A 1 190 ? -18.849 -8.526  -7.864  1.00 75.69 ? 196  ARG A CZ  1 
ATOM   1480 N  NH1 . ARG A 1 190 ? -20.068 -8.382  -7.356  1.00 77.84 ? 196  ARG A NH1 1 
ATOM   1481 N  NH2 . ARG A 1 190 ? -18.416 -9.739  -8.184  1.00 76.51 ? 196  ARG A NH2 1 
HETATM 1482 MN MN  . MN  B 2 .   ? -2.969  2.969   1.292   1.00 27.60 ? 901  MN  A MN  1 
HETATM 1483 MN MN  . MN  C 2 .   ? -3.085  2.663   4.964   1.00 32.82 ? 902  MN  A MN  1 
HETATM 1484 O  O1  . KDH D 3 .   ? -3.904  2.444   3.233   1.00 34.73 ? 911  KDH A O1  1 
HETATM 1485 C  C3  . KDH D 3 .   ? -5.068  1.833   2.912   1.00 36.61 ? 911  KDH A C3  1 
HETATM 1486 C  C6  . KDH D 3 .   ? -5.577  1.866   1.607   1.00 36.65 ? 911  KDH A C6  1 
HETATM 1487 O  O7  . KDH D 3 .   ? -4.937  2.511   0.591   1.00 34.04 ? 911  KDH A O7  1 
HETATM 1488 C  C9  . KDH D 3 .   ? -6.772  1.229   1.340   1.00 36.22 ? 911  KDH A C9  1 
HETATM 1489 O  O10 . KDH D 3 .   ? -7.297  1.230   0.088   1.00 38.86 ? 911  KDH A O10 1 
HETATM 1490 C  C12 . KDH D 3 .   ? -7.457  0.575   2.347   1.00 36.01 ? 911  KDH A C12 1 
HETATM 1491 C  C14 . KDH D 3 .   ? -6.955  0.535   3.640   1.00 36.80 ? 911  KDH A C14 1 
HETATM 1492 C  C15 . KDH D 3 .   ? -7.694  -0.183  4.711   1.00 37.99 ? 911  KDH A C15 1 
HETATM 1493 C  C20 . KDH D 3 .   ? -10.027 -0.962  4.726   1.00 37.91 ? 911  KDH A C20 1 
HETATM 1494 C  C21 . KDH D 3 .   ? -11.360 -0.660  4.472   1.00 38.06 ? 911  KDH A C21 1 
HETATM 1495 C  C24 . KDH D 3 .   ? -12.346 -1.606  4.716   1.00 38.97 ? 911  KDH A C24 1 
HETATM 1496 C  C26 . KDH D 3 .   ? -11.991 -2.865  5.208   1.00 38.36 ? 911  KDH A C26 1 
HETATM 1497 C  C29 . KDH D 3 .   ? -10.654 -3.165  5.466   1.00 37.24 ? 911  KDH A C29 1 
HETATM 1498 C  C31 . KDH D 3 .   ? -9.669  -2.214  5.226   1.00 37.15 ? 911  KDH A C31 1 
HETATM 1499 C  C33 . KDH D 3 .   ? -7.318  -1.664  4.684   1.00 37.39 ? 911  KDH A C33 1 
HETATM 1500 C  C36 . KDH D 3 .   ? -6.452  -2.175  2.458   1.00 36.97 ? 911  KDH A C36 1 
HETATM 1501 C  C38 . KDH D 3 .   ? -6.811  -2.360  1.028   1.00 37.95 ? 911  KDH A C38 1 
HETATM 1502 C  C39 . KDH D 3 .   ? -6.067  -1.705  0.068   1.00 37.61 ? 911  KDH A C39 1 
HETATM 1503 C  C41 . KDH D 3 .   ? -7.885  -3.187  0.675   1.00 37.64 ? 911  KDH A C41 1 
HETATM 1504 C  C01 . KDH D 3 .   ? -8.217  -2.532  5.528   1.00 36.75 ? 911  KDH A C01 1 
HETATM 1505 O  O01 . KDH D 3 .   ? -9.094  0.008   4.473   1.00 37.82 ? 911  KDH A O01 1 
HETATM 1506 O  O02 . KDH D 3 .   ? -13.654 -1.291  4.466   1.00 39.92 ? 911  KDH A O02 1 
HETATM 1507 O  O03 . KDH D 3 .   ? -10.322 -4.388  5.964   1.00 36.86 ? 911  KDH A O03 1 
HETATM 1508 C  C4  . KDH D 3 .   ? -5.756  1.165   3.924   1.00 36.14 ? 911  KDH A C4  1 
HETATM 1509 O  O35 . KDH D 3 .   ? -7.543  -2.184  3.386   1.00 38.97 ? 911  KDH A O35 1 
HETATM 1510 O  O37 . KDH D 3 .   ? -5.313  -2.041  2.844   1.00 38.57 ? 911  KDH A O37 1 
HETATM 1511 C  C43 . KDH D 3 .   ? -8.202  -3.359  -0.674  1.00 38.72 ? 911  KDH A C43 1 
HETATM 1512 O  O44 . KDH D 3 .   ? -9.248  -4.166  -1.045  1.00 37.47 ? 911  KDH A O44 1 
HETATM 1513 C  C46 . KDH D 3 .   ? -7.447  -2.692  -1.639  1.00 38.36 ? 911  KDH A C46 1 
HETATM 1514 O  O47 . KDH D 3 .   ? -7.776  -2.845  -2.952  1.00 40.08 ? 911  KDH A O47 1 
HETATM 1515 C  C49 . KDH D 3 .   ? -6.380  -1.868  -1.271  1.00 37.91 ? 911  KDH A C49 1 
HETATM 1516 O  O50 . KDH D 3 .   ? -5.625  -1.187  -2.185  1.00 38.51 ? 911  KDH A O50 1 
HETATM 1517 O  O1  . KDH E 3 .   ? 0.154   -7.080  23.655  0.50 53.30 ? 921  KDH A O1  1 
HETATM 1518 C  C3  . KDH E 3 .   ? -1.056  -6.482  23.854  0.50 49.63 ? 921  KDH A C3  1 
HETATM 1519 C  C6  . KDH E 3 .   ? -1.773  -6.694  25.023  0.50 48.01 ? 921  KDH A C6  1 
HETATM 1520 O  O7  . KDH E 3 .   ? -1.302  -7.508  26.008  0.50 46.13 ? 921  KDH A O7  1 
HETATM 1521 C  C9  . KDH E 3 .   ? -2.991  -6.073  25.205  0.50 46.65 ? 921  KDH A C9  1 
HETATM 1522 O  O10 . KDH E 3 .   ? -3.650  -6.307  26.373  0.50 42.61 ? 921  KDH A O10 1 
HETATM 1523 C  C12 . KDH E 3 .   ? -3.510  -5.234  24.215  0.50 45.80 ? 921  KDH A C12 1 
HETATM 1524 C  C14 . KDH E 3 .   ? -2.788  -5.014  23.046  0.50 46.28 ? 921  KDH A C14 1 
HETATM 1525 C  C15 . KDH E 3 .   ? -3.301  -4.147  21.954  0.50 47.57 ? 921  KDH A C15 1 
HETATM 1526 C  C20 . KDH E 3 .   ? -5.242  -2.918  21.354  0.50 48.13 ? 921  KDH A C20 1 
HETATM 1527 C  C21 . KDH E 3 .   ? -6.620  -3.000  21.244  0.50 50.76 ? 921  KDH A C21 1 
HETATM 1528 C  C24 . KDH E 3 .   ? -7.291  -2.224  20.308  0.50 51.73 ? 921  KDH A C24 1 
HETATM 1529 C  C26 . KDH E 3 .   ? -6.559  -1.371  19.480  0.50 50.79 ? 921  KDH A C26 1 
HETATM 1530 C  C29 . KDH E 3 .   ? -5.173  -1.295  19.598  0.50 49.28 ? 921  KDH A C29 1 
HETATM 1531 C  C31 . KDH E 3 .   ? -4.513  -2.076  20.539  0.50 48.17 ? 921  KDH A C31 1 
HETATM 1532 C  C33 . KDH E 3 .   ? -2.385  -2.952  21.655  0.50 48.68 ? 921  KDH A C33 1 
HETATM 1533 C  C36 . KDH E 3 .   ? -3.047  -1.778  23.710  0.50 46.44 ? 921  KDH A C36 1 
HETATM 1534 C  C38 . KDH E 3 .   ? -2.749  -0.708  24.700  0.50 47.44 ? 921  KDH A C38 1 
HETATM 1535 C  C39 . KDH E 3 .   ? -3.659  -0.443  25.715  0.50 46.55 ? 921  KDH A C39 1 
HETATM 1536 C  C41 . KDH E 3 .   ? -1.563  0.005   24.603  0.50 46.36 ? 921  KDH A C41 1 
HETATM 1537 C  C01 . KDH E 3 .   ? -3.007  -1.979  20.649  0.50 48.14 ? 921  KDH A C01 1 
HETATM 1538 O  O01 . KDH E 3 .   ? -4.603  -3.687  22.273  0.50 48.29 ? 921  KDH A O01 1 
HETATM 1539 O  O02 . KDH E 3 .   ? -8.652  -2.311  20.213  0.50 52.96 ? 921  KDH A O02 1 
HETATM 1540 O  O03 . KDH E 3 .   ? -4.460  -0.454  18.792  0.50 44.75 ? 921  KDH A O03 1 
HETATM 1541 C  C4  . KDH E 3 .   ? -1.564  -5.645  22.870  0.50 48.66 ? 921  KDH A C4  1 
HETATM 1542 O  O35 . KDH E 3 .   ? -1.978  -2.250  22.841  0.50 47.82 ? 921  KDH A O35 1 
HETATM 1543 O  O37 . KDH E 3 .   ? -4.167  -2.249  23.672  0.50 47.35 ? 921  KDH A O37 1 
HETATM 1544 C  C43 . KDH E 3 .   ? -1.295  0.996   25.534  0.50 46.49 ? 921  KDH A C43 1 
HETATM 1545 O  O44 . KDH E 3 .   ? -0.147  1.714   25.468  0.50 46.77 ? 921  KDH A O44 1 
HETATM 1546 C  C46 . KDH E 3 .   ? -2.192  1.265   26.543  0.50 47.09 ? 921  KDH A C46 1 
HETATM 1547 O  O47 . KDH E 3 .   ? -1.915  2.238   27.456  0.50 48.80 ? 921  KDH A O47 1 
HETATM 1548 C  C49 . KDH E 3 .   ? -3.367  0.552   26.635  0.50 46.42 ? 921  KDH A C49 1 
HETATM 1549 O  O50 . KDH E 3 .   ? -4.232  0.837   27.636  0.50 46.37 ? 921  KDH A O50 1 
HETATM 1550 O  O   . HOH F 4 .   ? 6.122   -16.775 1.565   1.00 33.93 ? 2001 HOH A O   1 
HETATM 1551 O  O   . HOH F 4 .   ? 2.380   -18.162 -4.740  1.00 45.96 ? 2002 HOH A O   1 
HETATM 1552 O  O   . HOH F 4 .   ? 7.691   -12.702 8.633   1.00 33.83 ? 2003 HOH A O   1 
HETATM 1553 O  O   . HOH F 4 .   ? 7.631   -8.528  5.851   1.00 46.67 ? 2004 HOH A O   1 
HETATM 1554 O  O   . HOH F 4 .   ? 0.778   -15.468 8.819   1.00 31.69 ? 2005 HOH A O   1 
HETATM 1555 O  O   . HOH F 4 .   ? -12.416 -16.414 12.407  1.00 48.14 ? 2006 HOH A O   1 
HETATM 1556 O  O   . HOH F 4 .   ? -12.579 2.346   6.058   1.00 57.85 ? 2007 HOH A O   1 
HETATM 1557 O  O   . HOH F 4 .   ? -13.166 -10.748 -1.307  1.00 29.24 ? 2008 HOH A O   1 
HETATM 1558 O  O   . HOH F 4 .   ? -13.831 -14.298 -3.238  1.00 40.52 ? 2009 HOH A O   1 
HETATM 1559 O  O   . HOH F 4 .   ? 5.041   9.727   -4.950  1.00 38.66 ? 2010 HOH A O   1 
HETATM 1560 O  O   . HOH F 4 .   ? 9.704   2.969   9.650   1.00 39.17 ? 2011 HOH A O   1 
HETATM 1561 O  O   . HOH F 4 .   ? -1.117  1.325   11.028  1.00 32.49 ? 2012 HOH A O   1 
HETATM 1562 O  O   . HOH F 4 .   ? -5.106  2.262   5.709   1.00 32.73 ? 2013 HOH A O   1 
HETATM 1563 O  O   . HOH F 4 .   ? -2.246  3.260   6.992   1.00 27.07 ? 2014 HOH A O   1 
HETATM 1564 O  O   . HOH F 4 .   ? -1.877  6.563   19.843  1.00 28.42 ? 2015 HOH A O   1 
HETATM 1565 O  O   . HOH F 4 .   ? 4.149   10.771  19.902  1.00 31.83 ? 2016 HOH A O   1 
HETATM 1566 O  O   . HOH F 4 .   ? -7.476  7.105   10.008  1.00 38.19 ? 2017 HOH A O   1 
HETATM 1567 O  O   . HOH F 4 .   ? -3.856  4.651   4.880   1.00 26.03 ? 2018 HOH A O   1 
HETATM 1568 O  O   . HOH F 4 .   ? 7.500   11.761  -0.678  1.00 37.80 ? 2019 HOH A O   1 
HETATM 1569 O  O   . HOH F 4 .   ? -6.067  5.140   2.874   1.00 50.20 ? 2020 HOH A O   1 
HETATM 1570 O  O   . HOH F 4 .   ? -10.074 -3.182  -14.584 1.00 47.42 ? 2021 HOH A O   1 
HETATM 1571 O  O   . HOH F 4 .   ? -11.165 -5.925  -3.004  1.00 29.06 ? 2022 HOH A O   1 
HETATM 1572 O  O   . HOH F 4 .   ? -1.593  16.418  -8.586  1.00 42.28 ? 2023 HOH A O   1 
HETATM 1573 O  O   . HOH F 4 .   ? 4.725   3.033   -15.385 1.00 38.35 ? 2024 HOH A O   1 
HETATM 1574 O  O   . HOH F 4 .   ? 10.976  10.724  -8.734  1.00 47.13 ? 2025 HOH A O   1 
HETATM 1575 O  O   . HOH F 4 .   ? 14.670  5.725   -4.358  1.00 25.02 ? 2026 HOH A O   1 
HETATM 1576 O  O   . HOH F 4 .   ? 16.672  5.024   -10.964 1.00 41.42 ? 2027 HOH A O   1 
HETATM 1577 O  O   . HOH F 4 .   ? 8.900   -9.763  -9.011  1.00 44.95 ? 2028 HOH A O   1 
HETATM 1578 O  O   . HOH F 4 .   ? -10.855 -15.950 -11.722 1.00 40.96 ? 2029 HOH A O   1 
HETATM 1579 O  O   . HOH F 4 .   ? -10.870 0.221   0.073   1.00 41.83 ? 2030 HOH A O   1 
# 
loop_
_pdbx_poly_seq_scheme.asym_id 
_pdbx_poly_seq_scheme.entity_id 
_pdbx_poly_seq_scheme.seq_id 
_pdbx_poly_seq_scheme.mon_id 
_pdbx_poly_seq_scheme.ndb_seq_num 
_pdbx_poly_seq_scheme.pdb_seq_num 
_pdbx_poly_seq_scheme.auth_seq_num 
_pdbx_poly_seq_scheme.pdb_mon_id 
_pdbx_poly_seq_scheme.auth_mon_id 
_pdbx_poly_seq_scheme.pdb_strand_id 
_pdbx_poly_seq_scheme.pdb_ins_code 
_pdbx_poly_seq_scheme.hetero 
A 1 1   MET 1   -5  ?   ?   ?   A . n 
A 1 2   GLY 2   -4  ?   ?   ?   A . n 
A 1 3   SER 3   -3  ?   ?   ?   A . n 
A 1 4   GLY 4   -2  ?   ?   ?   A . n 
A 1 5   MET 5   -1  ?   ?   ?   A . n 
A 1 6   ALA 6   0   0   ALA ALA A . n 
A 1 7   MET 7   1   1   MET MET A . n 
A 1 8   GLU 8   2   2   GLU GLU A . n 
A 1 9   ASP 9   3   3   ASP ASP A . n 
A 1 10  PHE 10  4   4   PHE PHE A . n 
A 1 11  VAL 11  5   5   VAL VAL A . n 
A 1 12  ARG 12  6   6   ARG ARG A . n 
A 1 13  GLN 13  7   7   GLN GLN A . n 
A 1 14  CYS 14  8   8   CYS CYS A . n 
A 1 15  PHE 15  9   9   PHE PHE A . n 
A 1 16  ASN 16  10  10  ASN ASN A . n 
A 1 17  PRO 17  11  11  PRO PRO A . n 
A 1 18  MET 18  12  12  MET MET A . n 
A 1 19  ILE 19  13  13  ILE ILE A . n 
A 1 20  VAL 20  14  14  VAL VAL A . n 
A 1 21  GLU 21  15  15  GLU GLU A . n 
A 1 22  LEU 22  16  16  LEU LEU A . n 
A 1 23  ALA 23  17  17  ALA ALA A . n 
A 1 24  GLU 24  18  18  GLU GLU A . n 
A 1 25  LYS 25  19  19  LYS LYS A . n 
A 1 26  ALA 26  20  20  ALA ALA A . n 
A 1 27  MET 27  21  21  MET MET A . n 
A 1 28  LYS 28  22  22  LYS LYS A . n 
A 1 29  GLU 29  23  23  GLU GLU A . n 
A 1 30  TYR 30  24  24  TYR TYR A . n 
A 1 31  GLY 31  25  25  GLY GLY A . n 
A 1 32  GLU 32  26  26  GLU GLU A . n 
A 1 33  ASP 33  27  27  ASP ASP A . n 
A 1 34  PRO 34  28  28  PRO PRO A . n 
A 1 35  LYS 35  29  29  LYS LYS A . n 
A 1 36  ILE 36  30  30  ILE ILE A . n 
A 1 37  GLU 37  31  31  GLU GLU A . n 
A 1 38  THR 38  32  32  THR THR A . n 
A 1 39  ASN 39  33  33  ASN ASN A . n 
A 1 40  LYS 40  34  34  LYS LYS A . n 
A 1 41  PHE 41  35  35  PHE PHE A . n 
A 1 42  ALA 42  36  36  ALA ALA A . n 
A 1 43  ALA 43  37  37  ALA ALA A . n 
A 1 44  ILE 44  38  38  ILE ILE A . n 
A 1 45  CYS 45  39  39  CYS CYS A . n 
A 1 46  THR 46  40  40  THR THR A . n 
A 1 47  HIS 47  41  41  HIS HIS A . n 
A 1 48  LEU 48  42  42  LEU LEU A . n 
A 1 49  GLU 49  43  43  GLU GLU A . n 
A 1 50  VAL 50  44  44  VAL VAL A . n 
A 1 51  CYS 51  45  45  CYS CYS A . n 
A 1 52  PHE 52  46  46  PHE PHE A . n 
A 1 53  MET 53  47  47  MET MET A . n 
A 1 54  TYR 54  48  48  TYR TYR A . n 
A 1 55  SER 55  49  49  SER SER A . n 
A 1 56  ASP 56  50  50  ASP ASP A . n 
A 1 57  PHE 57  51  51  PHE PHE A . n 
A 1 58  GLY 58  52  52  GLY GLY A . n 
A 1 59  SER 59  53  ?   ?   ?   A . n 
A 1 60  GLY 60  54  ?   ?   ?   A . n 
A 1 61  ASP 61  55  ?   ?   ?   A . n 
A 1 62  PRO 62  56  ?   ?   ?   A . n 
A 1 63  ASN 63  57  ?   ?   ?   A . n 
A 1 64  ALA 64  70  70  ALA ALA A . n 
A 1 65  LEU 65  71  71  LEU LEU A . n 
A 1 66  LEU 66  72  72  LEU LEU A . n 
A 1 67  LYS 67  73  73  LYS LYS A . n 
A 1 68  HIS 68  74  74  HIS HIS A . n 
A 1 69  ARG 69  75  75  ARG ARG A . n 
A 1 70  PHE 70  76  76  PHE PHE A . n 
A 1 71  GLU 71  77  77  GLU GLU A . n 
A 1 72  ILE 72  78  78  ILE ILE A . n 
A 1 73  ILE 73  79  79  ILE ILE A . n 
A 1 74  GLU 74  80  80  GLU GLU A . n 
A 1 75  GLY 75  81  81  GLY GLY A . n 
A 1 76  ARG 76  82  82  ARG ARG A . n 
A 1 77  ASP 77  83  83  ASP ASP A . n 
A 1 78  ARG 78  84  84  ARG ARG A . n 
A 1 79  ILE 79  85  85  ILE ILE A . n 
A 1 80  MET 80  86  86  MET MET A . n 
A 1 81  ALA 81  87  87  ALA ALA A . n 
A 1 82  TRP 82  88  88  TRP TRP A . n 
A 1 83  THR 83  89  89  THR THR A . n 
A 1 84  VAL 84  90  90  VAL VAL A . n 
A 1 85  VAL 85  91  91  VAL VAL A . n 
A 1 86  ASN 86  92  92  ASN ASN A . n 
A 1 87  SER 87  93  93  SER SER A . n 
A 1 88  ILE 88  94  94  ILE ILE A . n 
A 1 89  CYS 89  95  95  CYS CYS A . n 
A 1 90  ASN 90  96  96  ASN ASN A . n 
A 1 91  THR 91  97  97  THR THR A . n 
A 1 92  THR 92  98  98  THR THR A . n 
A 1 93  GLY 93  99  99  GLY GLY A . n 
A 1 94  VAL 94  100 100 VAL VAL A . n 
A 1 95  GLU 95  101 101 GLU GLU A . n 
A 1 96  LYS 96  102 102 LYS LYS A . n 
A 1 97  PRO 97  103 103 PRO PRO A . n 
A 1 98  LYS 98  104 104 LYS LYS A . n 
A 1 99  PHE 99  105 105 PHE PHE A . n 
A 1 100 LEU 100 106 106 LEU LEU A . n 
A 1 101 PRO 101 107 107 PRO PRO A . n 
A 1 102 ASP 102 108 108 ASP ASP A . n 
A 1 103 LEU 103 109 109 LEU LEU A . n 
A 1 104 TYR 104 110 110 TYR TYR A . n 
A 1 105 ASP 105 111 111 ASP ASP A . n 
A 1 106 TYR 106 112 112 TYR TYR A . n 
A 1 107 LYS 107 113 113 LYS LYS A . n 
A 1 108 GLU 108 114 114 GLU GLU A . n 
A 1 109 ASN 109 115 115 ASN ASN A . n 
A 1 110 ARG 110 116 116 ARG ARG A . n 
A 1 111 PHE 111 117 117 PHE PHE A . n 
A 1 112 ILE 112 118 118 ILE ILE A . n 
A 1 113 GLU 113 119 119 GLU GLU A . n 
A 1 114 ILE 114 120 120 ILE ILE A . n 
A 1 115 GLY 115 121 121 GLY GLY A . n 
A 1 116 VAL 116 122 122 VAL VAL A . n 
A 1 117 THR 117 123 123 THR THR A . n 
A 1 118 ARG 118 124 124 ARG ARG A . n 
A 1 119 ARG 119 125 125 ARG ARG A . n 
A 1 120 GLU 120 126 126 GLU GLU A . n 
A 1 121 VAL 121 127 127 VAL VAL A . n 
A 1 122 HIS 122 128 128 HIS HIS A . n 
A 1 123 ILE 123 129 129 ILE ILE A . n 
A 1 124 TYR 124 130 130 TYR TYR A . n 
A 1 125 TYR 125 131 131 TYR TYR A . n 
A 1 126 LEU 126 132 132 LEU LEU A . n 
A 1 127 GLU 127 133 133 GLU GLU A . n 
A 1 128 LYS 128 134 134 LYS LYS A . n 
A 1 129 ALA 129 135 135 ALA ALA A . n 
A 1 130 ASN 130 136 136 ASN ASN A . n 
A 1 131 LYS 131 137 137 LYS LYS A . n 
A 1 132 ILE 132 138 138 ILE ILE A . n 
A 1 133 LYS 133 139 ?   ?   ?   A . n 
A 1 134 SER 134 140 ?   ?   ?   A . n 
A 1 135 GLU 135 141 141 GLU GLU A . n 
A 1 136 LYS 136 142 142 LYS LYS A . n 
A 1 137 THR 137 143 143 THR THR A . n 
A 1 138 HIS 138 144 144 HIS HIS A . n 
A 1 139 ILE 139 145 145 ILE ILE A . n 
A 1 140 HIS 140 146 146 HIS HIS A . n 
A 1 141 ILE 141 147 147 ILE ILE A . n 
A 1 142 PHE 142 148 148 PHE PHE A . n 
A 1 143 SER 143 149 149 SER SER A . n 
A 1 144 PHE 144 150 150 PHE PHE A . n 
A 1 145 THR 145 151 151 THR THR A . n 
A 1 146 GLY 146 152 152 GLY GLY A . n 
A 1 147 GLU 147 153 153 GLU GLU A . n 
A 1 148 GLU 148 154 154 GLU GLU A . n 
A 1 149 MET 149 155 155 MET MET A . n 
A 1 150 ALA 150 156 156 ALA ALA A . n 
A 1 151 THR 151 157 157 THR THR A . n 
A 1 152 LYS 152 158 158 LYS LYS A . n 
A 1 153 ALA 153 159 159 ALA ALA A . n 
A 1 154 ASP 154 160 160 ASP ASP A . n 
A 1 155 TYR 155 161 161 TYR TYR A . n 
A 1 156 THR 156 162 162 THR THR A . n 
A 1 157 LEU 157 163 163 LEU LEU A . n 
A 1 158 ASP 158 164 164 ASP ASP A . n 
A 1 159 GLU 159 165 165 GLU GLU A . n 
A 1 160 GLU 160 166 166 GLU GLU A . n 
A 1 161 SER 161 167 167 SER SER A . n 
A 1 162 ARG 162 168 168 ARG ARG A . n 
A 1 163 ALA 163 169 169 ALA ALA A . n 
A 1 164 ARG 164 170 170 ARG ARG A . n 
A 1 165 ILE 165 171 171 ILE ILE A . n 
A 1 166 LYS 166 172 172 LYS LYS A . n 
A 1 167 THR 167 173 173 THR THR A . n 
A 1 168 ARG 168 174 174 ARG ARG A . n 
A 1 169 LEU 169 175 175 LEU LEU A . n 
A 1 170 PHE 170 176 176 PHE PHE A . n 
A 1 171 THR 171 177 177 THR THR A . n 
A 1 172 ILE 172 178 178 ILE ILE A . n 
A 1 173 ARG 173 179 179 ARG ARG A . n 
A 1 174 GLN 174 180 180 GLN GLN A . n 
A 1 175 GLU 175 181 181 GLU GLU A . n 
A 1 176 MET 176 182 182 MET MET A . n 
A 1 177 ALA 177 183 183 ALA ALA A . n 
A 1 178 SER 178 184 184 SER SER A . n 
A 1 179 ARG 179 185 185 ARG ARG A . n 
A 1 180 SER 180 186 186 SER SER A . n 
A 1 181 LEU 181 187 187 LEU LEU A . n 
A 1 182 TRP 182 188 188 TRP TRP A . n 
A 1 183 ASP 183 189 189 ASP ASP A . n 
A 1 184 SER 184 190 190 SER SER A . n 
A 1 185 PHE 185 191 191 PHE PHE A . n 
A 1 186 ARG 186 192 192 ARG ARG A . n 
A 1 187 GLN 187 193 193 GLN GLN A . n 
A 1 188 SER 188 194 194 SER SER A . n 
A 1 189 GLU 189 195 195 GLU GLU A . n 
A 1 190 ARG 190 196 196 ARG ARG A . n 
A 1 191 GLY 191 197 ?   ?   ?   A . n 
A 1 192 GLU 192 198 ?   ?   ?   A . n 
# 
loop_
_pdbx_nonpoly_scheme.asym_id 
_pdbx_nonpoly_scheme.entity_id 
_pdbx_nonpoly_scheme.mon_id 
_pdbx_nonpoly_scheme.ndb_seq_num 
_pdbx_nonpoly_scheme.pdb_seq_num 
_pdbx_nonpoly_scheme.auth_seq_num 
_pdbx_nonpoly_scheme.pdb_mon_id 
_pdbx_nonpoly_scheme.auth_mon_id 
_pdbx_nonpoly_scheme.pdb_strand_id 
_pdbx_nonpoly_scheme.pdb_ins_code 
B 2 MN  1  901  901  MN  MN  A . 
C 2 MN  1  902  902  MN  MN  A . 
D 3 KDH 1  911  911  KDH KDH A . 
E 3 KDH 1  921  921  KDH KDH A . 
F 4 HOH 1  2001 2001 HOH HOH A . 
F 4 HOH 2  2002 2002 HOH HOH A . 
F 4 HOH 3  2003 2003 HOH HOH A . 
F 4 HOH 4  2004 2004 HOH HOH A . 
F 4 HOH 5  2005 2005 HOH HOH A . 
F 4 HOH 6  2006 2006 HOH HOH A . 
F 4 HOH 7  2007 2007 HOH HOH A . 
F 4 HOH 8  2008 2008 HOH HOH A . 
F 4 HOH 9  2009 2009 HOH HOH A . 
F 4 HOH 10 2010 2010 HOH HOH A . 
F 4 HOH 11 2011 2011 HOH HOH A . 
F 4 HOH 12 2012 2012 HOH HOH A . 
F 4 HOH 13 2013 2013 HOH HOH A . 
F 4 HOH 14 2014 2014 HOH HOH A . 
F 4 HOH 15 2015 2015 HOH HOH A . 
F 4 HOH 16 2016 2016 HOH HOH A . 
F 4 HOH 17 2017 2017 HOH HOH A . 
F 4 HOH 18 2018 2018 HOH HOH A . 
F 4 HOH 19 2019 2019 HOH HOH A . 
F 4 HOH 20 2020 2020 HOH HOH A . 
F 4 HOH 21 2021 2021 HOH HOH A . 
F 4 HOH 22 2022 2022 HOH HOH A . 
F 4 HOH 23 2023 2023 HOH HOH A . 
F 4 HOH 24 2024 2024 HOH HOH A . 
F 4 HOH 25 2025 2025 HOH HOH A . 
F 4 HOH 26 2026 2026 HOH HOH A . 
F 4 HOH 27 2027 2027 HOH HOH A . 
F 4 HOH 28 2028 2028 HOH HOH A . 
F 4 HOH 29 2029 2029 HOH HOH A . 
F 4 HOH 30 2030 2030 HOH HOH A . 
# 
_pdbx_struct_assembly.id                   1 
_pdbx_struct_assembly.details              author_and_software_defined_assembly 
_pdbx_struct_assembly.method_details       PISA 
_pdbx_struct_assembly.oligomeric_details   monomeric 
_pdbx_struct_assembly.oligomeric_count     1 
# 
_pdbx_struct_assembly_gen.assembly_id       1 
_pdbx_struct_assembly_gen.oper_expression   1 
_pdbx_struct_assembly_gen.asym_id_list      A,B,C,D,E,F 
# 
_pdbx_struct_oper_list.id                   1 
_pdbx_struct_oper_list.type                 'identity operation' 
_pdbx_struct_oper_list.name                 1_555 
_pdbx_struct_oper_list.symmetry_operation   x,y,z 
_pdbx_struct_oper_list.matrix[1][1]         1.0000000000 
_pdbx_struct_oper_list.matrix[1][2]         0.0000000000 
_pdbx_struct_oper_list.matrix[1][3]         0.0000000000 
_pdbx_struct_oper_list.vector[1]            0.0000000000 
_pdbx_struct_oper_list.matrix[2][1]         0.0000000000 
_pdbx_struct_oper_list.matrix[2][2]         1.0000000000 
_pdbx_struct_oper_list.matrix[2][3]         0.0000000000 
_pdbx_struct_oper_list.vector[2]            0.0000000000 
_pdbx_struct_oper_list.matrix[3][1]         0.0000000000 
_pdbx_struct_oper_list.matrix[3][2]         0.0000000000 
_pdbx_struct_oper_list.matrix[3][3]         1.0000000000 
_pdbx_struct_oper_list.vector[3]            0.0000000000 
# 
loop_
_pdbx_struct_special_symmetry.id 
_pdbx_struct_special_symmetry.PDB_model_num 
_pdbx_struct_special_symmetry.auth_asym_id 
_pdbx_struct_special_symmetry.auth_comp_id 
_pdbx_struct_special_symmetry.auth_seq_id 
_pdbx_struct_special_symmetry.PDB_ins_code 
_pdbx_struct_special_symmetry.label_asym_id 
_pdbx_struct_special_symmetry.label_comp_id 
_pdbx_struct_special_symmetry.label_seq_id 
1 1 A KDH 921 ? E KDH . 
2 1 A KDH 921 ? E KDH . 
# 
loop_
_pdbx_struct_conn_angle.id 
_pdbx_struct_conn_angle.ptnr1_label_atom_id 
_pdbx_struct_conn_angle.ptnr1_label_alt_id 
_pdbx_struct_conn_angle.ptnr1_label_asym_id 
_pdbx_struct_conn_angle.ptnr1_label_comp_id 
_pdbx_struct_conn_angle.ptnr1_label_seq_id 
_pdbx_struct_conn_angle.ptnr1_auth_atom_id 
_pdbx_struct_conn_angle.ptnr1_auth_asym_id 
_pdbx_struct_conn_angle.ptnr1_auth_comp_id 
_pdbx_struct_conn_angle.ptnr1_auth_seq_id 
_pdbx_struct_conn_angle.ptnr1_PDB_ins_code 
_pdbx_struct_conn_angle.ptnr1_symmetry 
_pdbx_struct_conn_angle.ptnr2_label_atom_id 
_pdbx_struct_conn_angle.ptnr2_label_alt_id 
_pdbx_struct_conn_angle.ptnr2_label_asym_id 
_pdbx_struct_conn_angle.ptnr2_label_comp_id 
_pdbx_struct_conn_angle.ptnr2_label_seq_id 
_pdbx_struct_conn_angle.ptnr2_auth_atom_id 
_pdbx_struct_conn_angle.ptnr2_auth_asym_id 
_pdbx_struct_conn_angle.ptnr2_auth_comp_id 
_pdbx_struct_conn_angle.ptnr2_auth_seq_id 
_pdbx_struct_conn_angle.ptnr2_PDB_ins_code 
_pdbx_struct_conn_angle.ptnr2_symmetry 
_pdbx_struct_conn_angle.ptnr3_label_atom_id 
_pdbx_struct_conn_angle.ptnr3_label_alt_id 
_pdbx_struct_conn_angle.ptnr3_label_asym_id 
_pdbx_struct_conn_angle.ptnr3_label_comp_id 
_pdbx_struct_conn_angle.ptnr3_label_seq_id 
_pdbx_struct_conn_angle.ptnr3_auth_atom_id 
_pdbx_struct_conn_angle.ptnr3_auth_asym_id 
_pdbx_struct_conn_angle.ptnr3_auth_comp_id 
_pdbx_struct_conn_angle.ptnr3_auth_seq_id 
_pdbx_struct_conn_angle.ptnr3_PDB_ins_code 
_pdbx_struct_conn_angle.ptnr3_symmetry 
_pdbx_struct_conn_angle.value 
_pdbx_struct_conn_angle.value_esd 
1  NE2 ? A HIS 47  ? A HIS 41   ? 1_555 MN ? B MN . ? A MN 901 ? 1_555 OD2 ? A ASP 102 ? A ASP 108  ? 1_555 104.4 ? 
2  NE2 ? A HIS 47  ? A HIS 41   ? 1_555 MN ? B MN . ? A MN 901 ? 1_555 OE2 ? A GLU 113 ? A GLU 119  ? 1_555 167.2 ? 
3  OD2 ? A ASP 102 ? A ASP 108  ? 1_555 MN ? B MN . ? A MN 901 ? 1_555 OE2 ? A GLU 113 ? A GLU 119  ? 1_555 85.1  ? 
4  NE2 ? A HIS 47  ? A HIS 41   ? 1_555 MN ? B MN . ? A MN 901 ? 1_555 O   ? A ILE 114 ? A ILE 120  ? 1_555 95.2  ? 
5  OD2 ? A ASP 102 ? A ASP 108  ? 1_555 MN ? B MN . ? A MN 901 ? 1_555 O   ? A ILE 114 ? A ILE 120  ? 1_555 84.2  ? 
6  OE2 ? A GLU 113 ? A GLU 119  ? 1_555 MN ? B MN . ? A MN 901 ? 1_555 O   ? A ILE 114 ? A ILE 120  ? 1_555 77.1  ? 
7  NE2 ? A HIS 47  ? A HIS 41   ? 1_555 MN ? B MN . ? A MN 901 ? 1_555 O1  ? D KDH .   ? A KDH 911  ? 1_555 87.1  ? 
8  OD2 ? A ASP 102 ? A ASP 108  ? 1_555 MN ? B MN . ? A MN 901 ? 1_555 O1  ? D KDH .   ? A KDH 911  ? 1_555 101.3 ? 
9  OE2 ? A GLU 113 ? A GLU 119  ? 1_555 MN ? B MN . ? A MN 901 ? 1_555 O1  ? D KDH .   ? A KDH 911  ? 1_555 99.5  ? 
10 O   ? A ILE 114 ? A ILE 120  ? 1_555 MN ? B MN . ? A MN 901 ? 1_555 O1  ? D KDH .   ? A KDH 911  ? 1_555 173.3 ? 
11 NE2 ? A HIS 47  ? A HIS 41   ? 1_555 MN ? B MN . ? A MN 901 ? 1_555 O7  ? D KDH .   ? A KDH 911  ? 1_555 91.0  ? 
12 OD2 ? A ASP 102 ? A ASP 108  ? 1_555 MN ? B MN . ? A MN 901 ? 1_555 O7  ? D KDH .   ? A KDH 911  ? 1_555 164.5 ? 
13 OE2 ? A GLU 113 ? A GLU 119  ? 1_555 MN ? B MN . ? A MN 901 ? 1_555 O7  ? D KDH .   ? A KDH 911  ? 1_555 79.3  ? 
14 O   ? A ILE 114 ? A ILE 120  ? 1_555 MN ? B MN . ? A MN 901 ? 1_555 O7  ? D KDH .   ? A KDH 911  ? 1_555 92.4  ? 
15 O1  ? D KDH .   ? A KDH 911  ? 1_555 MN ? B MN . ? A MN 901 ? 1_555 O7  ? D KDH .   ? A KDH 911  ? 1_555 81.3  ? 
16 OE2 ? A GLU 74  ? A GLU 80   ? 1_555 MN ? C MN . ? A MN 902 ? 1_555 OD1 ? A ASP 102 ? A ASP 108  ? 1_555 98.2  ? 
17 OE2 ? A GLU 74  ? A GLU 80   ? 1_555 MN ? C MN . ? A MN 902 ? 1_555 O1  ? D KDH .   ? A KDH 911  ? 1_555 103.5 ? 
18 OD1 ? A ASP 102 ? A ASP 108  ? 1_555 MN ? C MN . ? A MN 902 ? 1_555 O1  ? D KDH .   ? A KDH 911  ? 1_555 89.1  ? 
19 OE2 ? A GLU 74  ? A GLU 80   ? 1_555 MN ? C MN . ? A MN 902 ? 1_555 O   ? F HOH .   ? A HOH 2013 ? 1_555 90.6  ? 
20 OD1 ? A ASP 102 ? A ASP 108  ? 1_555 MN ? C MN . ? A MN 902 ? 1_555 O   ? F HOH .   ? A HOH 2013 ? 1_555 169.9 ? 
21 O1  ? D KDH .   ? A KDH 911  ? 1_555 MN ? C MN . ? A MN 902 ? 1_555 O   ? F HOH .   ? A HOH 2013 ? 1_555 83.9  ? 
22 OE2 ? A GLU 74  ? A GLU 80   ? 1_555 MN ? C MN . ? A MN 902 ? 1_555 O   ? F HOH .   ? A HOH 2014 ? 1_555 85.6  ? 
23 OD1 ? A ASP 102 ? A ASP 108  ? 1_555 MN ? C MN . ? A MN 902 ? 1_555 O   ? F HOH .   ? A HOH 2014 ? 1_555 90.9  ? 
24 O1  ? D KDH .   ? A KDH 911  ? 1_555 MN ? C MN . ? A MN 902 ? 1_555 O   ? F HOH .   ? A HOH 2014 ? 1_555 170.9 ? 
25 O   ? F HOH .   ? A HOH 2013 ? 1_555 MN ? C MN . ? A MN 902 ? 1_555 O   ? F HOH .   ? A HOH 2014 ? 1_555 94.9  ? 
26 OE2 ? A GLU 74  ? A GLU 80   ? 1_555 MN ? C MN . ? A MN 902 ? 1_555 O   ? F HOH .   ? A HOH 2018 ? 1_555 167.5 ? 
27 OD1 ? A ASP 102 ? A ASP 108  ? 1_555 MN ? C MN . ? A MN 902 ? 1_555 O   ? F HOH .   ? A HOH 2018 ? 1_555 90.7  ? 
28 O1  ? D KDH .   ? A KDH 911  ? 1_555 MN ? C MN . ? A MN 902 ? 1_555 O   ? F HOH .   ? A HOH 2018 ? 1_555 85.2  ? 
29 O   ? F HOH .   ? A HOH 2013 ? 1_555 MN ? C MN . ? A MN 902 ? 1_555 O   ? F HOH .   ? A HOH 2018 ? 1_555 81.4  ? 
30 O   ? F HOH .   ? A HOH 2014 ? 1_555 MN ? C MN . ? A MN 902 ? 1_555 O   ? F HOH .   ? A HOH 2018 ? 1_555 85.6  ? 
# 
loop_
_pdbx_audit_revision_history.ordinal 
_pdbx_audit_revision_history.data_content_type 
_pdbx_audit_revision_history.major_revision 
_pdbx_audit_revision_history.minor_revision 
_pdbx_audit_revision_history.revision_date 
1 'Structure model' 1 0 2012-08-22 
2 'Structure model' 1 1 2023-12-20 
# 
_pdbx_audit_revision_details.ordinal             1 
_pdbx_audit_revision_details.revision_ordinal    1 
_pdbx_audit_revision_details.data_content_type   'Structure model' 
_pdbx_audit_revision_details.provider            repository 
_pdbx_audit_revision_details.type                'Initial release' 
_pdbx_audit_revision_details.description         ? 
_pdbx_audit_revision_details.details             ? 
# 
loop_
_pdbx_audit_revision_group.ordinal 
_pdbx_audit_revision_group.revision_ordinal 
_pdbx_audit_revision_group.data_content_type 
_pdbx_audit_revision_group.group 
1 2 'Structure model' 'Data collection'        
2 2 'Structure model' 'Database references'    
3 2 'Structure model' 'Derived calculations'   
4 2 'Structure model' Other                    
5 2 'Structure model' 'Refinement description' 
6 2 'Structure model' 'Structure summary'      
# 
loop_
_pdbx_audit_revision_category.ordinal 
_pdbx_audit_revision_category.revision_ordinal 
_pdbx_audit_revision_category.data_content_type 
_pdbx_audit_revision_category.category 
1  2 'Structure model' chem_comp                     
2  2 'Structure model' chem_comp_atom                
3  2 'Structure model' chem_comp_bond                
4  2 'Structure model' database_2                    
5  2 'Structure model' pdbx_database_status          
6  2 'Structure model' pdbx_initial_refinement_model 
7  2 'Structure model' pdbx_struct_conn_angle        
8  2 'Structure model' pdbx_struct_special_symmetry  
9  2 'Structure model' struct_conn                   
10 2 'Structure model' struct_site                   
# 
loop_
_pdbx_audit_revision_item.ordinal 
_pdbx_audit_revision_item.revision_ordinal 
_pdbx_audit_revision_item.data_content_type 
_pdbx_audit_revision_item.item 
1  2 'Structure model' '_chem_comp.pdbx_synonyms'                    
2  2 'Structure model' '_database_2.pdbx_DOI'                        
3  2 'Structure model' '_database_2.pdbx_database_accession'         
4  2 'Structure model' '_pdbx_database_status.status_code_sf'        
5  2 'Structure model' '_pdbx_struct_conn_angle.ptnr1_auth_comp_id'  
6  2 'Structure model' '_pdbx_struct_conn_angle.ptnr1_auth_seq_id'   
7  2 'Structure model' '_pdbx_struct_conn_angle.ptnr1_label_asym_id' 
8  2 'Structure model' '_pdbx_struct_conn_angle.ptnr1_label_atom_id' 
9  2 'Structure model' '_pdbx_struct_conn_angle.ptnr1_label_comp_id' 
10 2 'Structure model' '_pdbx_struct_conn_angle.ptnr1_label_seq_id'  
11 2 'Structure model' '_pdbx_struct_conn_angle.ptnr3_auth_comp_id'  
12 2 'Structure model' '_pdbx_struct_conn_angle.ptnr3_auth_seq_id'   
13 2 'Structure model' '_pdbx_struct_conn_angle.ptnr3_label_asym_id' 
14 2 'Structure model' '_pdbx_struct_conn_angle.ptnr3_label_atom_id' 
15 2 'Structure model' '_pdbx_struct_conn_angle.ptnr3_label_comp_id' 
16 2 'Structure model' '_pdbx_struct_conn_angle.ptnr3_label_seq_id'  
17 2 'Structure model' '_pdbx_struct_conn_angle.value'               
18 2 'Structure model' '_struct_conn.pdbx_dist_value'                
19 2 'Structure model' '_struct_conn.ptnr1_auth_comp_id'             
20 2 'Structure model' '_struct_conn.ptnr1_auth_seq_id'              
21 2 'Structure model' '_struct_conn.ptnr1_label_asym_id'            
22 2 'Structure model' '_struct_conn.ptnr1_label_atom_id'            
23 2 'Structure model' '_struct_conn.ptnr1_label_comp_id'            
24 2 'Structure model' '_struct_conn.ptnr1_label_seq_id'             
25 2 'Structure model' '_struct_conn.ptnr2_auth_comp_id'             
26 2 'Structure model' '_struct_conn.ptnr2_auth_seq_id'              
27 2 'Structure model' '_struct_conn.ptnr2_label_asym_id'            
28 2 'Structure model' '_struct_conn.ptnr2_label_atom_id'            
29 2 'Structure model' '_struct_conn.ptnr2_label_comp_id'            
30 2 'Structure model' '_struct_conn.ptnr2_label_seq_id'             
31 2 'Structure model' '_struct_site.pdbx_auth_asym_id'              
32 2 'Structure model' '_struct_site.pdbx_auth_comp_id'              
33 2 'Structure model' '_struct_site.pdbx_auth_seq_id'               
# 
loop_
_software.name 
_software.classification 
_software.version 
_software.citation_id 
_software.pdbx_ordinal 
REFMAC refinement       5.6.0116 ? 1 
XDS    'data reduction' .        ? 2 
XSCALE 'data scaling'   .        ? 3 
PHASER phasing          .        ? 4 
# 
_pdbx_entry_details.entry_id                 4AWM 
_pdbx_entry_details.compound_details         ? 
_pdbx_entry_details.source_details           ? 
_pdbx_entry_details.nonpolymer_details       ? 
_pdbx_entry_details.sequence_details         
;ADDITIONAL MGSGMA AT N-TERMINUS. INTERNAL DELETION OF
RESIDUES 52-64 AND REPLACEMENT WITH A GLYCINE
;
_pdbx_entry_details.has_ligand_of_interest   ? 
# 
_pdbx_validate_close_contact.id               1 
_pdbx_validate_close_contact.PDB_model_num    1 
_pdbx_validate_close_contact.auth_atom_id_1   C4 
_pdbx_validate_close_contact.auth_asym_id_1   A 
_pdbx_validate_close_contact.auth_comp_id_1   KDH 
_pdbx_validate_close_contact.auth_seq_id_1    911 
_pdbx_validate_close_contact.PDB_ins_code_1   ? 
_pdbx_validate_close_contact.label_alt_id_1   ? 
_pdbx_validate_close_contact.auth_atom_id_2   O 
_pdbx_validate_close_contact.auth_asym_id_2   A 
_pdbx_validate_close_contact.auth_comp_id_2   HOH 
_pdbx_validate_close_contact.auth_seq_id_2    2013 
_pdbx_validate_close_contact.PDB_ins_code_2   ? 
_pdbx_validate_close_contact.label_alt_id_2   ? 
_pdbx_validate_close_contact.dist             2.19 
# 
_pdbx_validate_symm_contact.id                1 
_pdbx_validate_symm_contact.PDB_model_num     1 
_pdbx_validate_symm_contact.auth_atom_id_1    OE2 
_pdbx_validate_symm_contact.auth_asym_id_1    A 
_pdbx_validate_symm_contact.auth_comp_id_1    GLU 
_pdbx_validate_symm_contact.auth_seq_id_1     15 
_pdbx_validate_symm_contact.PDB_ins_code_1    ? 
_pdbx_validate_symm_contact.label_alt_id_1    ? 
_pdbx_validate_symm_contact.site_symmetry_1   1_555 
_pdbx_validate_symm_contact.auth_atom_id_2    O50 
_pdbx_validate_symm_contact.auth_asym_id_2    A 
_pdbx_validate_symm_contact.auth_comp_id_2    KDH 
_pdbx_validate_symm_contact.auth_seq_id_2     921 
_pdbx_validate_symm_contact.PDB_ins_code_2    ? 
_pdbx_validate_symm_contact.label_alt_id_2    ? 
_pdbx_validate_symm_contact.site_symmetry_2   9_555 
_pdbx_validate_symm_contact.dist              2.19 
# 
loop_
_pdbx_validate_torsion.id 
_pdbx_validate_torsion.PDB_model_num 
_pdbx_validate_torsion.auth_comp_id 
_pdbx_validate_torsion.auth_asym_id 
_pdbx_validate_torsion.auth_seq_id 
_pdbx_validate_torsion.PDB_ins_code 
_pdbx_validate_torsion.label_alt_id 
_pdbx_validate_torsion.phi 
_pdbx_validate_torsion.psi 
1 1 THR A 162 ? ? 60.05  -60.85 
2 1 SER A 184 ? ? -49.19 -16.99 
3 1 SER A 186 ? ? 56.80  16.59  
# 
loop_
_pdbx_unobs_or_zero_occ_residues.id 
_pdbx_unobs_or_zero_occ_residues.PDB_model_num 
_pdbx_unobs_or_zero_occ_residues.polymer_flag 
_pdbx_unobs_or_zero_occ_residues.occupancy_flag 
_pdbx_unobs_or_zero_occ_residues.auth_asym_id 
_pdbx_unobs_or_zero_occ_residues.auth_comp_id 
_pdbx_unobs_or_zero_occ_residues.auth_seq_id 
_pdbx_unobs_or_zero_occ_residues.PDB_ins_code 
_pdbx_unobs_or_zero_occ_residues.label_asym_id 
_pdbx_unobs_or_zero_occ_residues.label_comp_id 
_pdbx_unobs_or_zero_occ_residues.label_seq_id 
1  1 Y 1 A MET -5  ? A MET 1   
2  1 Y 1 A GLY -4  ? A GLY 2   
3  1 Y 1 A SER -3  ? A SER 3   
4  1 Y 1 A GLY -2  ? A GLY 4   
5  1 Y 1 A MET -1  ? A MET 5   
6  1 Y 1 A SER 53  ? A SER 59  
7  1 Y 1 A GLY 54  ? A GLY 60  
8  1 Y 1 A ASP 55  ? A ASP 61  
9  1 Y 1 A PRO 56  ? A PRO 62  
10 1 Y 1 A ASN 57  ? A ASN 63  
11 1 Y 1 A LYS 139 ? A LYS 133 
12 1 Y 1 A SER 140 ? A SER 134 
13 1 Y 1 A GLY 197 ? A GLY 191 
14 1 Y 1 A GLU 198 ? A GLU 192 
# 
loop_
_chem_comp_atom.comp_id 
_chem_comp_atom.atom_id 
_chem_comp_atom.type_symbol 
_chem_comp_atom.pdbx_aromatic_flag 
_chem_comp_atom.pdbx_stereo_config 
_chem_comp_atom.pdbx_ordinal 
ALA N    N  N N 1   
ALA CA   C  N S 2   
ALA C    C  N N 3   
ALA O    O  N N 4   
ALA CB   C  N N 5   
ALA OXT  O  N N 6   
ALA H    H  N N 7   
ALA H2   H  N N 8   
ALA HA   H  N N 9   
ALA HB1  H  N N 10  
ALA HB2  H  N N 11  
ALA HB3  H  N N 12  
ALA HXT  H  N N 13  
ARG N    N  N N 14  
ARG CA   C  N S 15  
ARG C    C  N N 16  
ARG O    O  N N 17  
ARG CB   C  N N 18  
ARG CG   C  N N 19  
ARG CD   C  N N 20  
ARG NE   N  N N 21  
ARG CZ   C  N N 22  
ARG NH1  N  N N 23  
ARG NH2  N  N N 24  
ARG OXT  O  N N 25  
ARG H    H  N N 26  
ARG H2   H  N N 27  
ARG HA   H  N N 28  
ARG HB2  H  N N 29  
ARG HB3  H  N N 30  
ARG HG2  H  N N 31  
ARG HG3  H  N N 32  
ARG HD2  H  N N 33  
ARG HD3  H  N N 34  
ARG HE   H  N N 35  
ARG HH11 H  N N 36  
ARG HH12 H  N N 37  
ARG HH21 H  N N 38  
ARG HH22 H  N N 39  
ARG HXT  H  N N 40  
ASN N    N  N N 41  
ASN CA   C  N S 42  
ASN C    C  N N 43  
ASN O    O  N N 44  
ASN CB   C  N N 45  
ASN CG   C  N N 46  
ASN OD1  O  N N 47  
ASN ND2  N  N N 48  
ASN OXT  O  N N 49  
ASN H    H  N N 50  
ASN H2   H  N N 51  
ASN HA   H  N N 52  
ASN HB2  H  N N 53  
ASN HB3  H  N N 54  
ASN HD21 H  N N 55  
ASN HD22 H  N N 56  
ASN HXT  H  N N 57  
ASP N    N  N N 58  
ASP CA   C  N S 59  
ASP C    C  N N 60  
ASP O    O  N N 61  
ASP CB   C  N N 62  
ASP CG   C  N N 63  
ASP OD1  O  N N 64  
ASP OD2  O  N N 65  
ASP OXT  O  N N 66  
ASP H    H  N N 67  
ASP H2   H  N N 68  
ASP HA   H  N N 69  
ASP HB2  H  N N 70  
ASP HB3  H  N N 71  
ASP HD2  H  N N 72  
ASP HXT  H  N N 73  
CYS N    N  N N 74  
CYS CA   C  N R 75  
CYS C    C  N N 76  
CYS O    O  N N 77  
CYS CB   C  N N 78  
CYS SG   S  N N 79  
CYS OXT  O  N N 80  
CYS H    H  N N 81  
CYS H2   H  N N 82  
CYS HA   H  N N 83  
CYS HB2  H  N N 84  
CYS HB3  H  N N 85  
CYS HG   H  N N 86  
CYS HXT  H  N N 87  
GLN N    N  N N 88  
GLN CA   C  N S 89  
GLN C    C  N N 90  
GLN O    O  N N 91  
GLN CB   C  N N 92  
GLN CG   C  N N 93  
GLN CD   C  N N 94  
GLN OE1  O  N N 95  
GLN NE2  N  N N 96  
GLN OXT  O  N N 97  
GLN H    H  N N 98  
GLN H2   H  N N 99  
GLN HA   H  N N 100 
GLN HB2  H  N N 101 
GLN HB3  H  N N 102 
GLN HG2  H  N N 103 
GLN HG3  H  N N 104 
GLN HE21 H  N N 105 
GLN HE22 H  N N 106 
GLN HXT  H  N N 107 
GLU N    N  N N 108 
GLU CA   C  N S 109 
GLU C    C  N N 110 
GLU O    O  N N 111 
GLU CB   C  N N 112 
GLU CG   C  N N 113 
GLU CD   C  N N 114 
GLU OE1  O  N N 115 
GLU OE2  O  N N 116 
GLU OXT  O  N N 117 
GLU H    H  N N 118 
GLU H2   H  N N 119 
GLU HA   H  N N 120 
GLU HB2  H  N N 121 
GLU HB3  H  N N 122 
GLU HG2  H  N N 123 
GLU HG3  H  N N 124 
GLU HE2  H  N N 125 
GLU HXT  H  N N 126 
GLY N    N  N N 127 
GLY CA   C  N N 128 
GLY C    C  N N 129 
GLY O    O  N N 130 
GLY OXT  O  N N 131 
GLY H    H  N N 132 
GLY H2   H  N N 133 
GLY HA2  H  N N 134 
GLY HA3  H  N N 135 
GLY HXT  H  N N 136 
HIS N    N  N N 137 
HIS CA   C  N S 138 
HIS C    C  N N 139 
HIS O    O  N N 140 
HIS CB   C  N N 141 
HIS CG   C  Y N 142 
HIS ND1  N  Y N 143 
HIS CD2  C  Y N 144 
HIS CE1  C  Y N 145 
HIS NE2  N  Y N 146 
HIS OXT  O  N N 147 
HIS H    H  N N 148 
HIS H2   H  N N 149 
HIS HA   H  N N 150 
HIS HB2  H  N N 151 
HIS HB3  H  N N 152 
HIS HD1  H  N N 153 
HIS HD2  H  N N 154 
HIS HE1  H  N N 155 
HIS HE2  H  N N 156 
HIS HXT  H  N N 157 
HOH O    O  N N 158 
HOH H1   H  N N 159 
HOH H2   H  N N 160 
ILE N    N  N N 161 
ILE CA   C  N S 162 
ILE C    C  N N 163 
ILE O    O  N N 164 
ILE CB   C  N S 165 
ILE CG1  C  N N 166 
ILE CG2  C  N N 167 
ILE CD1  C  N N 168 
ILE OXT  O  N N 169 
ILE H    H  N N 170 
ILE H2   H  N N 171 
ILE HA   H  N N 172 
ILE HB   H  N N 173 
ILE HG12 H  N N 174 
ILE HG13 H  N N 175 
ILE HG21 H  N N 176 
ILE HG22 H  N N 177 
ILE HG23 H  N N 178 
ILE HD11 H  N N 179 
ILE HD12 H  N N 180 
ILE HD13 H  N N 181 
ILE HXT  H  N N 182 
KDH O1   O  N N 183 
KDH C3   C  Y N 184 
KDH C6   C  Y N 185 
KDH O7   O  N N 186 
KDH C9   C  Y N 187 
KDH O10  O  N N 188 
KDH C12  C  Y N 189 
KDH C14  C  Y N 190 
KDH C15  C  N R 191 
KDH C20  C  Y N 192 
KDH C21  C  Y N 193 
KDH C24  C  Y N 194 
KDH C26  C  Y N 195 
KDH C29  C  Y N 196 
KDH C31  C  Y N 197 
KDH C33  C  N R 198 
KDH C36  C  N N 199 
KDH C38  C  Y N 200 
KDH C39  C  Y N 201 
KDH C41  C  Y N 202 
KDH C01  C  N N 203 
KDH O01  O  N N 204 
KDH O02  O  N N 205 
KDH O03  O  N N 206 
KDH C4   C  Y N 207 
KDH O35  O  N N 208 
KDH O37  O  N N 209 
KDH C43  C  Y N 210 
KDH O44  O  N N 211 
KDH C46  C  Y N 212 
KDH O47  O  N N 213 
KDH C49  C  Y N 214 
KDH O50  O  N N 215 
KDH HO1  H  N N 216 
KDH H21  H  N N 217 
KDH H33  H  N N 218 
KDH H4   H  N N 219 
KDH HO7  H  N N 220 
KDH H01  H  N N 221 
KDH H01A H  N N 222 
KDH HO03 H  N N 223 
KDH HO10 H  N N 224 
KDH H12  H  N N 225 
KDH H15  H  N N 226 
KDH H26  H  N N 227 
KDH H39  H  N N 228 
KDH H41  H  N N 229 
KDH HO02 H  N N 230 
KDH HO44 H  N N 231 
KDH HO47 H  N N 232 
KDH HO50 H  N N 233 
LEU N    N  N N 234 
LEU CA   C  N S 235 
LEU C    C  N N 236 
LEU O    O  N N 237 
LEU CB   C  N N 238 
LEU CG   C  N N 239 
LEU CD1  C  N N 240 
LEU CD2  C  N N 241 
LEU OXT  O  N N 242 
LEU H    H  N N 243 
LEU H2   H  N N 244 
LEU HA   H  N N 245 
LEU HB2  H  N N 246 
LEU HB3  H  N N 247 
LEU HG   H  N N 248 
LEU HD11 H  N N 249 
LEU HD12 H  N N 250 
LEU HD13 H  N N 251 
LEU HD21 H  N N 252 
LEU HD22 H  N N 253 
LEU HD23 H  N N 254 
LEU HXT  H  N N 255 
LYS N    N  N N 256 
LYS CA   C  N S 257 
LYS C    C  N N 258 
LYS O    O  N N 259 
LYS CB   C  N N 260 
LYS CG   C  N N 261 
LYS CD   C  N N 262 
LYS CE   C  N N 263 
LYS NZ   N  N N 264 
LYS OXT  O  N N 265 
LYS H    H  N N 266 
LYS H2   H  N N 267 
LYS HA   H  N N 268 
LYS HB2  H  N N 269 
LYS HB3  H  N N 270 
LYS HG2  H  N N 271 
LYS HG3  H  N N 272 
LYS HD2  H  N N 273 
LYS HD3  H  N N 274 
LYS HE2  H  N N 275 
LYS HE3  H  N N 276 
LYS HZ1  H  N N 277 
LYS HZ2  H  N N 278 
LYS HZ3  H  N N 279 
LYS HXT  H  N N 280 
MET N    N  N N 281 
MET CA   C  N S 282 
MET C    C  N N 283 
MET O    O  N N 284 
MET CB   C  N N 285 
MET CG   C  N N 286 
MET SD   S  N N 287 
MET CE   C  N N 288 
MET OXT  O  N N 289 
MET H    H  N N 290 
MET H2   H  N N 291 
MET HA   H  N N 292 
MET HB2  H  N N 293 
MET HB3  H  N N 294 
MET HG2  H  N N 295 
MET HG3  H  N N 296 
MET HE1  H  N N 297 
MET HE2  H  N N 298 
MET HE3  H  N N 299 
MET HXT  H  N N 300 
MN  MN   MN N N 301 
PHE N    N  N N 302 
PHE CA   C  N S 303 
PHE C    C  N N 304 
PHE O    O  N N 305 
PHE CB   C  N N 306 
PHE CG   C  Y N 307 
PHE CD1  C  Y N 308 
PHE CD2  C  Y N 309 
PHE CE1  C  Y N 310 
PHE CE2  C  Y N 311 
PHE CZ   C  Y N 312 
PHE OXT  O  N N 313 
PHE H    H  N N 314 
PHE H2   H  N N 315 
PHE HA   H  N N 316 
PHE HB2  H  N N 317 
PHE HB3  H  N N 318 
PHE HD1  H  N N 319 
PHE HD2  H  N N 320 
PHE HE1  H  N N 321 
PHE HE2  H  N N 322 
PHE HZ   H  N N 323 
PHE HXT  H  N N 324 
PRO N    N  N N 325 
PRO CA   C  N S 326 
PRO C    C  N N 327 
PRO O    O  N N 328 
PRO CB   C  N N 329 
PRO CG   C  N N 330 
PRO CD   C  N N 331 
PRO OXT  O  N N 332 
PRO H    H  N N 333 
PRO HA   H  N N 334 
PRO HB2  H  N N 335 
PRO HB3  H  N N 336 
PRO HG2  H  N N 337 
PRO HG3  H  N N 338 
PRO HD2  H  N N 339 
PRO HD3  H  N N 340 
PRO HXT  H  N N 341 
SER N    N  N N 342 
SER CA   C  N S 343 
SER C    C  N N 344 
SER O    O  N N 345 
SER CB   C  N N 346 
SER OG   O  N N 347 
SER OXT  O  N N 348 
SER H    H  N N 349 
SER H2   H  N N 350 
SER HA   H  N N 351 
SER HB2  H  N N 352 
SER HB3  H  N N 353 
SER HG   H  N N 354 
SER HXT  H  N N 355 
THR N    N  N N 356 
THR CA   C  N S 357 
THR C    C  N N 358 
THR O    O  N N 359 
THR CB   C  N R 360 
THR OG1  O  N N 361 
THR CG2  C  N N 362 
THR OXT  O  N N 363 
THR H    H  N N 364 
THR H2   H  N N 365 
THR HA   H  N N 366 
THR HB   H  N N 367 
THR HG1  H  N N 368 
THR HG21 H  N N 369 
THR HG22 H  N N 370 
THR HG23 H  N N 371 
THR HXT  H  N N 372 
TRP N    N  N N 373 
TRP CA   C  N S 374 
TRP C    C  N N 375 
TRP O    O  N N 376 
TRP CB   C  N N 377 
TRP CG   C  Y N 378 
TRP CD1  C  Y N 379 
TRP CD2  C  Y N 380 
TRP NE1  N  Y N 381 
TRP CE2  C  Y N 382 
TRP CE3  C  Y N 383 
TRP CZ2  C  Y N 384 
TRP CZ3  C  Y N 385 
TRP CH2  C  Y N 386 
TRP OXT  O  N N 387 
TRP H    H  N N 388 
TRP H2   H  N N 389 
TRP HA   H  N N 390 
TRP HB2  H  N N 391 
TRP HB3  H  N N 392 
TRP HD1  H  N N 393 
TRP HE1  H  N N 394 
TRP HE3  H  N N 395 
TRP HZ2  H  N N 396 
TRP HZ3  H  N N 397 
TRP HH2  H  N N 398 
TRP HXT  H  N N 399 
TYR N    N  N N 400 
TYR CA   C  N S 401 
TYR C    C  N N 402 
TYR O    O  N N 403 
TYR CB   C  N N 404 
TYR CG   C  Y N 405 
TYR CD1  C  Y N 406 
TYR CD2  C  Y N 407 
TYR CE1  C  Y N 408 
TYR CE2  C  Y N 409 
TYR CZ   C  Y N 410 
TYR OH   O  N N 411 
TYR OXT  O  N N 412 
TYR H    H  N N 413 
TYR H2   H  N N 414 
TYR HA   H  N N 415 
TYR HB2  H  N N 416 
TYR HB3  H  N N 417 
TYR HD1  H  N N 418 
TYR HD2  H  N N 419 
TYR HE1  H  N N 420 
TYR HE2  H  N N 421 
TYR HH   H  N N 422 
TYR HXT  H  N N 423 
VAL N    N  N N 424 
VAL CA   C  N S 425 
VAL C    C  N N 426 
VAL O    O  N N 427 
VAL CB   C  N N 428 
VAL CG1  C  N N 429 
VAL CG2  C  N N 430 
VAL OXT  O  N N 431 
VAL H    H  N N 432 
VAL H2   H  N N 433 
VAL HA   H  N N 434 
VAL HB   H  N N 435 
VAL HG11 H  N N 436 
VAL HG12 H  N N 437 
VAL HG13 H  N N 438 
VAL HG21 H  N N 439 
VAL HG22 H  N N 440 
VAL HG23 H  N N 441 
VAL HXT  H  N N 442 
# 
loop_
_chem_comp_bond.comp_id 
_chem_comp_bond.atom_id_1 
_chem_comp_bond.atom_id_2 
_chem_comp_bond.value_order 
_chem_comp_bond.pdbx_aromatic_flag 
_chem_comp_bond.pdbx_stereo_config 
_chem_comp_bond.pdbx_ordinal 
ALA N   CA   sing N N 1   
ALA N   H    sing N N 2   
ALA N   H2   sing N N 3   
ALA CA  C    sing N N 4   
ALA CA  CB   sing N N 5   
ALA CA  HA   sing N N 6   
ALA C   O    doub N N 7   
ALA C   OXT  sing N N 8   
ALA CB  HB1  sing N N 9   
ALA CB  HB2  sing N N 10  
ALA CB  HB3  sing N N 11  
ALA OXT HXT  sing N N 12  
ARG N   CA   sing N N 13  
ARG N   H    sing N N 14  
ARG N   H2   sing N N 15  
ARG CA  C    sing N N 16  
ARG CA  CB   sing N N 17  
ARG CA  HA   sing N N 18  
ARG C   O    doub N N 19  
ARG C   OXT  sing N N 20  
ARG CB  CG   sing N N 21  
ARG CB  HB2  sing N N 22  
ARG CB  HB3  sing N N 23  
ARG CG  CD   sing N N 24  
ARG CG  HG2  sing N N 25  
ARG CG  HG3  sing N N 26  
ARG CD  NE   sing N N 27  
ARG CD  HD2  sing N N 28  
ARG CD  HD3  sing N N 29  
ARG NE  CZ   sing N N 30  
ARG NE  HE   sing N N 31  
ARG CZ  NH1  sing N N 32  
ARG CZ  NH2  doub N N 33  
ARG NH1 HH11 sing N N 34  
ARG NH1 HH12 sing N N 35  
ARG NH2 HH21 sing N N 36  
ARG NH2 HH22 sing N N 37  
ARG OXT HXT  sing N N 38  
ASN N   CA   sing N N 39  
ASN N   H    sing N N 40  
ASN N   H2   sing N N 41  
ASN CA  C    sing N N 42  
ASN CA  CB   sing N N 43  
ASN CA  HA   sing N N 44  
ASN C   O    doub N N 45  
ASN C   OXT  sing N N 46  
ASN CB  CG   sing N N 47  
ASN CB  HB2  sing N N 48  
ASN CB  HB3  sing N N 49  
ASN CG  OD1  doub N N 50  
ASN CG  ND2  sing N N 51  
ASN ND2 HD21 sing N N 52  
ASN ND2 HD22 sing N N 53  
ASN OXT HXT  sing N N 54  
ASP N   CA   sing N N 55  
ASP N   H    sing N N 56  
ASP N   H2   sing N N 57  
ASP CA  C    sing N N 58  
ASP CA  CB   sing N N 59  
ASP CA  HA   sing N N 60  
ASP C   O    doub N N 61  
ASP C   OXT  sing N N 62  
ASP CB  CG   sing N N 63  
ASP CB  HB2  sing N N 64  
ASP CB  HB3  sing N N 65  
ASP CG  OD1  doub N N 66  
ASP CG  OD2  sing N N 67  
ASP OD2 HD2  sing N N 68  
ASP OXT HXT  sing N N 69  
CYS N   CA   sing N N 70  
CYS N   H    sing N N 71  
CYS N   H2   sing N N 72  
CYS CA  C    sing N N 73  
CYS CA  CB   sing N N 74  
CYS CA  HA   sing N N 75  
CYS C   O    doub N N 76  
CYS C   OXT  sing N N 77  
CYS CB  SG   sing N N 78  
CYS CB  HB2  sing N N 79  
CYS CB  HB3  sing N N 80  
CYS SG  HG   sing N N 81  
CYS OXT HXT  sing N N 82  
GLN N   CA   sing N N 83  
GLN N   H    sing N N 84  
GLN N   H2   sing N N 85  
GLN CA  C    sing N N 86  
GLN CA  CB   sing N N 87  
GLN CA  HA   sing N N 88  
GLN C   O    doub N N 89  
GLN C   OXT  sing N N 90  
GLN CB  CG   sing N N 91  
GLN CB  HB2  sing N N 92  
GLN CB  HB3  sing N N 93  
GLN CG  CD   sing N N 94  
GLN CG  HG2  sing N N 95  
GLN CG  HG3  sing N N 96  
GLN CD  OE1  doub N N 97  
GLN CD  NE2  sing N N 98  
GLN NE2 HE21 sing N N 99  
GLN NE2 HE22 sing N N 100 
GLN OXT HXT  sing N N 101 
GLU N   CA   sing N N 102 
GLU N   H    sing N N 103 
GLU N   H2   sing N N 104 
GLU CA  C    sing N N 105 
GLU CA  CB   sing N N 106 
GLU CA  HA   sing N N 107 
GLU C   O    doub N N 108 
GLU C   OXT  sing N N 109 
GLU CB  CG   sing N N 110 
GLU CB  HB2  sing N N 111 
GLU CB  HB3  sing N N 112 
GLU CG  CD   sing N N 113 
GLU CG  HG2  sing N N 114 
GLU CG  HG3  sing N N 115 
GLU CD  OE1  doub N N 116 
GLU CD  OE2  sing N N 117 
GLU OE2 HE2  sing N N 118 
GLU OXT HXT  sing N N 119 
GLY N   CA   sing N N 120 
GLY N   H    sing N N 121 
GLY N   H2   sing N N 122 
GLY CA  C    sing N N 123 
GLY CA  HA2  sing N N 124 
GLY CA  HA3  sing N N 125 
GLY C   O    doub N N 126 
GLY C   OXT  sing N N 127 
GLY OXT HXT  sing N N 128 
HIS N   CA   sing N N 129 
HIS N   H    sing N N 130 
HIS N   H2   sing N N 131 
HIS CA  C    sing N N 132 
HIS CA  CB   sing N N 133 
HIS CA  HA   sing N N 134 
HIS C   O    doub N N 135 
HIS C   OXT  sing N N 136 
HIS CB  CG   sing N N 137 
HIS CB  HB2  sing N N 138 
HIS CB  HB3  sing N N 139 
HIS CG  ND1  sing Y N 140 
HIS CG  CD2  doub Y N 141 
HIS ND1 CE1  doub Y N 142 
HIS ND1 HD1  sing N N 143 
HIS CD2 NE2  sing Y N 144 
HIS CD2 HD2  sing N N 145 
HIS CE1 NE2  sing Y N 146 
HIS CE1 HE1  sing N N 147 
HIS NE2 HE2  sing N N 148 
HIS OXT HXT  sing N N 149 
HOH O   H1   sing N N 150 
HOH O   H2   sing N N 151 
ILE N   CA   sing N N 152 
ILE N   H    sing N N 153 
ILE N   H2   sing N N 154 
ILE CA  C    sing N N 155 
ILE CA  CB   sing N N 156 
ILE CA  HA   sing N N 157 
ILE C   O    doub N N 158 
ILE C   OXT  sing N N 159 
ILE CB  CG1  sing N N 160 
ILE CB  CG2  sing N N 161 
ILE CB  HB   sing N N 162 
ILE CG1 CD1  sing N N 163 
ILE CG1 HG12 sing N N 164 
ILE CG1 HG13 sing N N 165 
ILE CG2 HG21 sing N N 166 
ILE CG2 HG22 sing N N 167 
ILE CG2 HG23 sing N N 168 
ILE CD1 HD11 sing N N 169 
ILE CD1 HD12 sing N N 170 
ILE CD1 HD13 sing N N 171 
ILE OXT HXT  sing N N 172 
KDH O1  C3   sing N N 173 
KDH O1  HO1  sing N N 174 
KDH C3  C6   doub Y N 175 
KDH C3  C4   sing Y N 176 
KDH C6  O7   sing N N 177 
KDH C6  C9   sing Y N 178 
KDH O7  HO7  sing N N 179 
KDH C9  O10  sing N N 180 
KDH C9  C12  doub Y N 181 
KDH O10 HO10 sing N N 182 
KDH C12 C14  sing Y N 183 
KDH C12 H12  sing N N 184 
KDH C14 C15  sing N N 185 
KDH C14 C4   doub Y N 186 
KDH C15 C33  sing N N 187 
KDH C15 O01  sing N N 188 
KDH C15 H15  sing N N 189 
KDH C20 C21  doub Y N 190 
KDH C20 C31  sing Y N 191 
KDH C20 O01  sing N N 192 
KDH C21 C24  sing Y N 193 
KDH C21 H21  sing N N 194 
KDH C24 C26  doub Y N 195 
KDH C24 O02  sing N N 196 
KDH C26 C29  sing Y N 197 
KDH C26 H26  sing N N 198 
KDH C29 C31  doub Y N 199 
KDH C29 O03  sing N N 200 
KDH C31 C01  sing N N 201 
KDH C33 C01  sing N N 202 
KDH C33 O35  sing N N 203 
KDH C33 H33  sing N N 204 
KDH C36 C38  sing N N 205 
KDH C36 O35  sing N N 206 
KDH C36 O37  doub N N 207 
KDH C38 C39  doub Y N 208 
KDH C38 C41  sing Y N 209 
KDH C39 C49  sing Y N 210 
KDH C39 H39  sing N N 211 
KDH C41 C43  doub Y N 212 
KDH C41 H41  sing N N 213 
KDH C01 H01  sing N N 214 
KDH C01 H01A sing N N 215 
KDH O02 HO02 sing N N 216 
KDH O03 HO03 sing N N 217 
KDH C4  H4   sing N N 218 
KDH C43 O44  sing N N 219 
KDH C43 C46  sing Y N 220 
KDH O44 HO44 sing N N 221 
KDH C46 O47  sing N N 222 
KDH C46 C49  doub Y N 223 
KDH O47 HO47 sing N N 224 
KDH C49 O50  sing N N 225 
KDH O50 HO50 sing N N 226 
LEU N   CA   sing N N 227 
LEU N   H    sing N N 228 
LEU N   H2   sing N N 229 
LEU CA  C    sing N N 230 
LEU CA  CB   sing N N 231 
LEU CA  HA   sing N N 232 
LEU C   O    doub N N 233 
LEU C   OXT  sing N N 234 
LEU CB  CG   sing N N 235 
LEU CB  HB2  sing N N 236 
LEU CB  HB3  sing N N 237 
LEU CG  CD1  sing N N 238 
LEU CG  CD2  sing N N 239 
LEU CG  HG   sing N N 240 
LEU CD1 HD11 sing N N 241 
LEU CD1 HD12 sing N N 242 
LEU CD1 HD13 sing N N 243 
LEU CD2 HD21 sing N N 244 
LEU CD2 HD22 sing N N 245 
LEU CD2 HD23 sing N N 246 
LEU OXT HXT  sing N N 247 
LYS N   CA   sing N N 248 
LYS N   H    sing N N 249 
LYS N   H2   sing N N 250 
LYS CA  C    sing N N 251 
LYS CA  CB   sing N N 252 
LYS CA  HA   sing N N 253 
LYS C   O    doub N N 254 
LYS C   OXT  sing N N 255 
LYS CB  CG   sing N N 256 
LYS CB  HB2  sing N N 257 
LYS CB  HB3  sing N N 258 
LYS CG  CD   sing N N 259 
LYS CG  HG2  sing N N 260 
LYS CG  HG3  sing N N 261 
LYS CD  CE   sing N N 262 
LYS CD  HD2  sing N N 263 
LYS CD  HD3  sing N N 264 
LYS CE  NZ   sing N N 265 
LYS CE  HE2  sing N N 266 
LYS CE  HE3  sing N N 267 
LYS NZ  HZ1  sing N N 268 
LYS NZ  HZ2  sing N N 269 
LYS NZ  HZ3  sing N N 270 
LYS OXT HXT  sing N N 271 
MET N   CA   sing N N 272 
MET N   H    sing N N 273 
MET N   H2   sing N N 274 
MET CA  C    sing N N 275 
MET CA  CB   sing N N 276 
MET CA  HA   sing N N 277 
MET C   O    doub N N 278 
MET C   OXT  sing N N 279 
MET CB  CG   sing N N 280 
MET CB  HB2  sing N N 281 
MET CB  HB3  sing N N 282 
MET CG  SD   sing N N 283 
MET CG  HG2  sing N N 284 
MET CG  HG3  sing N N 285 
MET SD  CE   sing N N 286 
MET CE  HE1  sing N N 287 
MET CE  HE2  sing N N 288 
MET CE  HE3  sing N N 289 
MET OXT HXT  sing N N 290 
PHE N   CA   sing N N 291 
PHE N   H    sing N N 292 
PHE N   H2   sing N N 293 
PHE CA  C    sing N N 294 
PHE CA  CB   sing N N 295 
PHE CA  HA   sing N N 296 
PHE C   O    doub N N 297 
PHE C   OXT  sing N N 298 
PHE CB  CG   sing N N 299 
PHE CB  HB2  sing N N 300 
PHE CB  HB3  sing N N 301 
PHE CG  CD1  doub Y N 302 
PHE CG  CD2  sing Y N 303 
PHE CD1 CE1  sing Y N 304 
PHE CD1 HD1  sing N N 305 
PHE CD2 CE2  doub Y N 306 
PHE CD2 HD2  sing N N 307 
PHE CE1 CZ   doub Y N 308 
PHE CE1 HE1  sing N N 309 
PHE CE2 CZ   sing Y N 310 
PHE CE2 HE2  sing N N 311 
PHE CZ  HZ   sing N N 312 
PHE OXT HXT  sing N N 313 
PRO N   CA   sing N N 314 
PRO N   CD   sing N N 315 
PRO N   H    sing N N 316 
PRO CA  C    sing N N 317 
PRO CA  CB   sing N N 318 
PRO CA  HA   sing N N 319 
PRO C   O    doub N N 320 
PRO C   OXT  sing N N 321 
PRO CB  CG   sing N N 322 
PRO CB  HB2  sing N N 323 
PRO CB  HB3  sing N N 324 
PRO CG  CD   sing N N 325 
PRO CG  HG2  sing N N 326 
PRO CG  HG3  sing N N 327 
PRO CD  HD2  sing N N 328 
PRO CD  HD3  sing N N 329 
PRO OXT HXT  sing N N 330 
SER N   CA   sing N N 331 
SER N   H    sing N N 332 
SER N   H2   sing N N 333 
SER CA  C    sing N N 334 
SER CA  CB   sing N N 335 
SER CA  HA   sing N N 336 
SER C   O    doub N N 337 
SER C   OXT  sing N N 338 
SER CB  OG   sing N N 339 
SER CB  HB2  sing N N 340 
SER CB  HB3  sing N N 341 
SER OG  HG   sing N N 342 
SER OXT HXT  sing N N 343 
THR N   CA   sing N N 344 
THR N   H    sing N N 345 
THR N   H2   sing N N 346 
THR CA  C    sing N N 347 
THR CA  CB   sing N N 348 
THR CA  HA   sing N N 349 
THR C   O    doub N N 350 
THR C   OXT  sing N N 351 
THR CB  OG1  sing N N 352 
THR CB  CG2  sing N N 353 
THR CB  HB   sing N N 354 
THR OG1 HG1  sing N N 355 
THR CG2 HG21 sing N N 356 
THR CG2 HG22 sing N N 357 
THR CG2 HG23 sing N N 358 
THR OXT HXT  sing N N 359 
TRP N   CA   sing N N 360 
TRP N   H    sing N N 361 
TRP N   H2   sing N N 362 
TRP CA  C    sing N N 363 
TRP CA  CB   sing N N 364 
TRP CA  HA   sing N N 365 
TRP C   O    doub N N 366 
TRP C   OXT  sing N N 367 
TRP CB  CG   sing N N 368 
TRP CB  HB2  sing N N 369 
TRP CB  HB3  sing N N 370 
TRP CG  CD1  doub Y N 371 
TRP CG  CD2  sing Y N 372 
TRP CD1 NE1  sing Y N 373 
TRP CD1 HD1  sing N N 374 
TRP CD2 CE2  doub Y N 375 
TRP CD2 CE3  sing Y N 376 
TRP NE1 CE2  sing Y N 377 
TRP NE1 HE1  sing N N 378 
TRP CE2 CZ2  sing Y N 379 
TRP CE3 CZ3  doub Y N 380 
TRP CE3 HE3  sing N N 381 
TRP CZ2 CH2  doub Y N 382 
TRP CZ2 HZ2  sing N N 383 
TRP CZ3 CH2  sing Y N 384 
TRP CZ3 HZ3  sing N N 385 
TRP CH2 HH2  sing N N 386 
TRP OXT HXT  sing N N 387 
TYR N   CA   sing N N 388 
TYR N   H    sing N N 389 
TYR N   H2   sing N N 390 
TYR CA  C    sing N N 391 
TYR CA  CB   sing N N 392 
TYR CA  HA   sing N N 393 
TYR C   O    doub N N 394 
TYR C   OXT  sing N N 395 
TYR CB  CG   sing N N 396 
TYR CB  HB2  sing N N 397 
TYR CB  HB3  sing N N 398 
TYR CG  CD1  doub Y N 399 
TYR CG  CD2  sing Y N 400 
TYR CD1 CE1  sing Y N 401 
TYR CD1 HD1  sing N N 402 
TYR CD2 CE2  doub Y N 403 
TYR CD2 HD2  sing N N 404 
TYR CE1 CZ   doub Y N 405 
TYR CE1 HE1  sing N N 406 
TYR CE2 CZ   sing Y N 407 
TYR CE2 HE2  sing N N 408 
TYR CZ  OH   sing N N 409 
TYR OH  HH   sing N N 410 
TYR OXT HXT  sing N N 411 
VAL N   CA   sing N N 412 
VAL N   H    sing N N 413 
VAL N   H2   sing N N 414 
VAL CA  C    sing N N 415 
VAL CA  CB   sing N N 416 
VAL CA  HA   sing N N 417 
VAL C   O    doub N N 418 
VAL C   OXT  sing N N 419 
VAL CB  CG1  sing N N 420 
VAL CB  CG2  sing N N 421 
VAL CB  HB   sing N N 422 
VAL CG1 HG11 sing N N 423 
VAL CG1 HG12 sing N N 424 
VAL CG1 HG13 sing N N 425 
VAL CG2 HG21 sing N N 426 
VAL CG2 HG22 sing N N 427 
VAL CG2 HG23 sing N N 428 
VAL OXT HXT  sing N N 429 
# 
loop_
_pdbx_entity_nonpoly.entity_id 
_pdbx_entity_nonpoly.name 
_pdbx_entity_nonpoly.comp_id 
2 'MANGANESE (II) ION'                                                                                    MN  
3 '(2R,3R)-5,7-dihydroxy-2-(3,4,5-trihydroxyphenyl)-3,4-dihydro-2H-chromen-3-yl 3,4,5-trihydroxybenzoate' KDH 
4 water                                                                                                   HOH 
# 
_pdbx_initial_refinement_model.id               1 
_pdbx_initial_refinement_model.entity_id_list   ? 
_pdbx_initial_refinement_model.type             'experimental model' 
_pdbx_initial_refinement_model.source_name      PDB 
_pdbx_initial_refinement_model.accession_code   2W69 
_pdbx_initial_refinement_model.details          'PDB ENTRY 2W69' 
# 
